data_7DRI
#
_entry.id   7DRI
#
_cell.length_a   108.746
_cell.length_b   278.918
_cell.length_c   182.259
_cell.angle_alpha   90.000
_cell.angle_beta   90.000
_cell.angle_gamma   90.000
#
_symmetry.space_group_name_H-M   'C 2 2 21'
#
_entity_poly.entity_id   1
_entity_poly.type   'polypeptide(L)'
_entity_poly.pdbx_seq_one_letter_code
;SLNTTGEPLTAFETFLPRVVMAEKIQDYQDSDAHEYMKAVQGYLDRFAVGDRLQNATRDLLVTFALAETGEKLSKRLPDQ
RVYMRDTFERHKDSADDRSAYLRHLRDTAAFIGNAWEPANNSPRALPGLEASAMTDTVKLCLAFLNSLKHTIAIAPLVRF
YSEAVHADEGEAREKRVAEFEKAIKAITAFTVFWRATRRGTGNIDSQYRAVMAGADSLTGIGPLARQWAEPDATKPDPDV
DAEALKKELAARLSDPKGKGGVPNLASFLADASALPLYKISPPLARFLLLAAYHDTIEDPDNPGLIVQGKAGVASCFTAD
GWEDDTHLTIEHIAPQSATSGWDAEFYSDKETVHKLGNLVLAPGAANASLSSRPWTEKKVLYAALGASTADDAKSILNSS
GFTFAQTTEDLAAMSRYLPHLRALGQREDELDPAFMDQRADVLLRLAYTRLKGWLGLELSDSSSDPVVKVDDVEVENGEL
DESGDAGAVVGTA
;
_entity_poly.pdbx_strand_id   A,B,C,D
#
# COMPACT_ATOMS: atom_id res chain seq x y z
N THR A 4 0.38 33.76 -4.07
CA THR A 4 -0.51 34.28 -5.13
C THR A 4 0.27 35.22 -6.04
N THR A 5 1.35 34.73 -6.63
CA THR A 5 2.35 35.59 -7.28
C THR A 5 2.38 35.47 -8.79
N GLY A 6 2.17 36.61 -9.45
CA GLY A 6 2.27 36.73 -10.90
C GLY A 6 1.40 35.80 -11.75
N GLU A 7 2.07 35.10 -12.67
CA GLU A 7 1.40 34.39 -13.75
C GLU A 7 0.56 33.19 -13.36
N PRO A 8 -0.23 32.75 -14.31
CA PRO A 8 -1.30 31.79 -14.17
C PRO A 8 -0.93 30.59 -13.32
N LEU A 9 -1.93 30.05 -12.66
CA LEU A 9 -1.85 28.80 -11.89
C LEU A 9 -2.11 27.62 -12.83
N THR A 10 -1.20 26.64 -12.86
CA THR A 10 -1.36 25.55 -13.80
C THR A 10 -2.50 24.60 -13.44
N ALA A 11 -2.95 23.88 -14.46
CA ALA A 11 -4.04 22.97 -14.30
C ALA A 11 -3.70 21.95 -13.25
N PHE A 12 -2.44 21.58 -13.15
CA PHE A 12 -2.07 20.60 -12.16
C PHE A 12 -2.34 21.10 -10.74
N GLU A 13 -1.99 22.34 -10.46
CA GLU A 13 -2.21 22.90 -9.12
C GLU A 13 -3.70 23.03 -8.84
N THR A 14 -4.43 23.44 -9.85
CA THR A 14 -5.86 23.59 -9.68
C THR A 14 -6.41 22.22 -9.35
N PHE A 15 -5.91 21.21 -10.05
CA PHE A 15 -6.34 19.84 -9.82
C PHE A 15 -5.97 19.33 -8.44
N LEU A 16 -4.82 19.74 -7.93
CA LEU A 16 -4.41 19.30 -6.61
C LEU A 16 -5.44 19.66 -5.57
N PRO A 17 -5.94 20.90 -5.58
CA PRO A 17 -6.98 21.05 -4.58
C PRO A 17 -8.12 20.04 -4.64
N ARG A 18 -8.59 19.72 -5.85
CA ARG A 18 -9.65 18.76 -6.09
C ARG A 18 -9.24 17.35 -5.66
N VAL A 19 -8.00 16.99 -5.92
CA VAL A 19 -7.54 15.66 -5.56
C VAL A 19 -7.59 15.51 -4.05
N VAL A 20 -7.33 16.61 -3.35
CA VAL A 20 -7.47 16.66 -1.89
C VAL A 20 -8.90 16.64 -1.37
N MET A 21 -9.85 17.32 -1.99
CA MET A 21 -11.23 17.27 -1.51
C MET A 21 -11.79 15.86 -1.65
N ALA A 22 -11.30 15.12 -2.63
CA ALA A 22 -11.81 13.78 -2.91
C ALA A 22 -11.43 12.80 -1.79
N GLU A 23 -10.62 13.23 -0.86
CA GLU A 23 -10.22 12.36 0.21
C GLU A 23 -10.62 13.00 1.53
N LYS A 24 -11.92 12.92 1.84
CA LYS A 24 -12.46 13.39 3.10
C LYS A 24 -12.03 12.54 4.28
N ILE A 25 -12.14 11.21 4.14
CA ILE A 25 -12.00 10.28 5.25
C ILE A 25 -10.65 10.14 5.95
N GLN A 26 -9.57 10.11 5.18
CA GLN A 26 -8.30 9.56 5.70
C GLN A 26 -7.10 10.44 5.37
N ASP A 27 -5.91 10.09 5.87
CA ASP A 27 -4.73 10.81 5.47
C ASP A 27 -4.86 12.26 5.82
N TYR A 28 -4.66 13.18 4.85
CA TYR A 28 -4.26 12.87 3.45
C TYR A 28 -2.88 12.26 3.25
N GLN A 29 -1.92 12.69 4.05
CA GLN A 29 -0.55 12.34 3.92
C GLN A 29 -0.42 10.85 3.88
N ASP A 30 -1.20 10.18 4.73
CA ASP A 30 -1.29 8.74 4.74
C ASP A 30 -1.90 8.27 3.44
N SER A 31 -2.64 9.19 2.81
CA SER A 31 -3.43 8.89 1.62
C SER A 31 -2.59 8.36 0.51
N ASP A 32 -3.12 7.43 -0.25
CA ASP A 32 -2.36 6.92 -1.38
C ASP A 32 -2.09 8.02 -2.38
N ALA A 33 -3.01 8.95 -2.53
CA ALA A 33 -2.83 9.90 -3.60
C ALA A 33 -1.57 10.71 -3.34
N HIS A 34 -1.38 11.17 -2.13
CA HIS A 34 -0.26 12.10 -1.83
C HIS A 34 1.08 11.43 -1.70
N GLU A 35 1.13 10.22 -2.19
CA GLU A 35 2.35 9.45 -2.45
C GLU A 35 2.62 9.48 -3.94
N TYR A 36 1.58 9.12 -4.72
CA TYR A 36 1.61 9.16 -6.16
C TYR A 36 1.70 10.60 -6.59
N MET A 37 1.01 11.46 -5.87
CA MET A 37 0.89 12.83 -6.28
C MET A 37 2.14 13.57 -5.88
N LYS A 38 2.89 13.02 -4.94
CA LYS A 38 4.13 13.64 -4.50
C LYS A 38 5.13 13.35 -5.58
N ALA A 39 5.06 12.14 -6.14
CA ALA A 39 5.95 11.77 -7.22
C ALA A 39 5.80 12.68 -8.44
N VAL A 40 4.56 12.98 -8.82
CA VAL A 40 4.28 13.83 -9.99
C VAL A 40 4.81 15.23 -9.75
N GLN A 41 4.58 15.73 -8.54
CA GLN A 41 5.17 16.98 -8.09
C GLN A 41 6.68 16.94 -8.25
N GLY A 42 7.27 15.78 -7.93
CA GLY A 42 8.72 15.59 -8.06
C GLY A 42 9.17 15.96 -9.46
N TYR A 43 8.49 15.40 -10.45
CA TYR A 43 8.77 15.66 -11.85
C TYR A 43 8.59 17.14 -12.24
N LEU A 44 7.53 17.78 -11.75
CA LEU A 44 7.27 19.14 -12.20
C LEU A 44 8.22 20.14 -11.56
N ASP A 45 8.66 19.86 -10.33
CA ASP A 45 9.61 20.71 -9.59
C ASP A 45 10.89 20.96 -10.37
N ARG A 46 11.09 20.11 -11.36
CA ARG A 46 12.27 20.11 -12.20
C ARG A 46 12.29 21.32 -13.15
N PHE A 47 11.16 22.03 -13.25
CA PHE A 47 10.99 23.11 -14.23
C PHE A 47 10.79 24.46 -13.56
N ALA A 48 11.48 25.49 -14.06
CA ALA A 48 11.43 26.81 -13.46
C ALA A 48 10.11 27.51 -13.73
N VAL A 49 9.65 28.25 -12.71
CA VAL A 49 8.46 29.10 -12.76
C VAL A 49 8.47 29.95 -14.02
N GLY A 50 7.30 30.06 -14.65
CA GLY A 50 7.14 30.79 -15.90
C GLY A 50 6.75 29.83 -17.01
N ASP A 51 7.34 30.03 -18.18
CA ASP A 51 6.98 29.25 -19.37
C ASP A 51 7.32 27.78 -19.23
N ARG A 52 8.49 27.49 -18.69
CA ARG A 52 8.96 26.12 -18.64
C ARG A 52 8.06 25.25 -17.78
N LEU A 53 7.62 25.78 -16.65
CA LEU A 53 6.70 25.09 -15.76
C LEU A 53 5.33 24.94 -16.41
N GLN A 54 4.88 26.01 -17.07
CA GLN A 54 3.63 26.00 -17.82
C GLN A 54 3.59 24.95 -18.92
N ASN A 55 4.58 25.03 -19.82
CA ASN A 55 4.69 24.13 -20.96
C ASN A 55 4.79 22.66 -20.55
N ALA A 56 5.64 22.40 -19.56
CA ALA A 56 5.86 21.05 -19.06
C ALA A 56 4.58 20.46 -18.49
N THR A 57 3.84 21.26 -17.73
CA THR A 57 2.60 20.80 -17.13
C THR A 57 1.49 20.55 -18.17
N ARG A 58 1.25 21.53 -19.03
CA ARG A 58 0.23 21.31 -20.07
C ARG A 58 0.55 20.13 -21.02
N ASP A 59 1.83 19.87 -21.28
CA ASP A 59 2.22 18.72 -22.11
C ASP A 59 2.06 17.38 -21.37
N LEU A 60 2.28 17.40 -20.06
CA LEU A 60 2.05 16.23 -19.22
C LEU A 60 0.57 15.87 -19.23
N LEU A 61 -0.27 16.89 -19.13
CA LEU A 61 -1.71 16.72 -19.12
C LEU A 61 -2.25 16.24 -20.48
N VAL A 62 -1.73 16.81 -21.57
CA VAL A 62 -2.12 16.42 -22.92
C VAL A 62 -1.95 14.89 -23.16
N THR A 63 -0.76 14.38 -22.85
CA THR A 63 -0.44 12.96 -23.06
C THR A 63 -1.28 12.10 -22.12
N PHE A 64 -1.50 12.64 -20.92
CA PHE A 64 -2.37 12.04 -19.92
C PHE A 64 -3.76 11.77 -20.47
N ALA A 65 -4.32 12.78 -21.15
CA ALA A 65 -5.64 12.66 -21.74
C ALA A 65 -5.71 11.54 -22.76
N LEU A 66 -4.78 11.56 -23.70
CA LEU A 66 -4.65 10.47 -24.66
C LEU A 66 -4.51 9.12 -23.98
N ALA A 67 -3.78 9.07 -22.88
CA ALA A 67 -3.55 7.80 -22.22
C ALA A 67 -4.72 7.29 -21.38
N GLU A 68 -5.47 8.18 -20.73
CA GLU A 68 -6.64 7.73 -19.94
C GLU A 68 -7.88 7.57 -20.79
N THR A 69 -8.12 8.55 -21.65
CA THR A 69 -9.21 8.51 -22.61
C THR A 69 -8.53 9.05 -23.84
N GLY A 70 -8.78 8.48 -24.99
CA GLY A 70 -7.96 8.87 -26.14
C GLY A 70 -8.43 10.22 -26.63
N GLU A 71 -8.33 11.23 -25.79
CA GLU A 71 -8.90 12.52 -26.14
C GLU A 71 -7.80 13.52 -26.35
N LYS A 72 -7.86 14.28 -27.43
CA LYS A 72 -6.84 15.31 -27.70
C LYS A 72 -7.20 16.57 -26.93
N LEU A 73 -6.74 16.62 -25.70
CA LEU A 73 -6.94 17.77 -24.84
C LEU A 73 -6.11 18.92 -25.38
N SER A 74 -6.73 20.09 -25.52
CA SER A 74 -6.05 21.25 -26.10
C SER A 74 -4.99 21.83 -25.17
N LYS A 75 -4.25 22.81 -25.68
CA LYS A 75 -3.16 23.46 -24.95
C LYS A 75 -3.67 24.50 -23.96
N ARG A 76 -4.82 25.09 -24.29
CA ARG A 76 -5.44 26.14 -23.46
C ARG A 76 -5.79 25.66 -22.05
N LEU A 77 -5.57 26.55 -21.10
CA LEU A 77 -5.59 26.21 -19.67
C LEU A 77 -6.98 25.89 -19.10
N PRO A 78 -8.00 26.75 -19.35
CA PRO A 78 -9.36 26.50 -18.84
C PRO A 78 -9.91 25.14 -19.26
N ASP A 79 -9.52 24.71 -20.46
CA ASP A 79 -9.92 23.43 -21.03
C ASP A 79 -9.26 22.26 -20.28
N GLN A 80 -8.06 22.49 -19.75
CA GLN A 80 -7.37 21.47 -18.97
C GLN A 80 -7.87 21.42 -17.54
N ARG A 81 -8.25 22.57 -16.97
CA ARG A 81 -8.78 22.61 -15.62
C ARG A 81 -10.02 21.71 -15.52
N VAL A 82 -10.88 21.90 -16.52
CA VAL A 82 -12.08 21.14 -16.80
C VAL A 82 -11.77 19.72 -17.22
N TYR A 83 -10.84 19.50 -18.13
CA TYR A 83 -10.69 18.10 -18.50
C TYR A 83 -10.35 17.29 -17.27
N MET A 84 -9.52 17.88 -16.43
CA MET A 84 -9.07 17.20 -15.22
C MET A 84 -10.19 16.89 -14.22
N ARG A 85 -11.09 17.83 -13.98
CA ARG A 85 -12.18 17.60 -13.04
C ARG A 85 -13.17 16.52 -13.49
N ASP A 86 -13.53 16.58 -14.75
CA ASP A 86 -14.47 15.68 -15.39
C ASP A 86 -14.31 14.22 -15.08
N THR A 87 -13.05 13.81 -15.05
CA THR A 87 -12.73 12.41 -15.08
C THR A 87 -12.23 11.94 -13.72
N PHE A 88 -12.19 12.86 -12.76
CA PHE A 88 -11.93 12.49 -11.38
C PHE A 88 -13.24 12.24 -10.65
N GLU A 89 -14.23 13.11 -10.90
CA GLU A 89 -15.63 12.91 -10.48
C GLU A 89 -16.19 11.54 -10.95
N ARG A 90 -15.66 11.01 -12.06
CA ARG A 90 -15.99 9.66 -12.50
C ARG A 90 -15.59 8.60 -11.46
N HIS A 91 -14.65 8.96 -10.60
CA HIS A 91 -14.11 8.04 -9.60
C HIS A 91 -14.30 8.59 -8.19
N LYS A 92 -15.39 9.31 -8.01
CA LYS A 92 -15.82 9.84 -6.70
C LYS A 92 -16.10 8.71 -5.72
N ASP A 93 -16.87 7.72 -6.19
CA ASP A 93 -17.39 6.64 -5.36
C ASP A 93 -16.28 5.71 -4.87
N SER A 94 -15.64 5.02 -5.80
CA SER A 94 -14.69 3.95 -5.48
C SER A 94 -13.35 4.47 -4.98
N ALA A 95 -12.82 3.81 -3.94
CA ALA A 95 -11.53 4.17 -3.37
C ALA A 95 -10.40 3.74 -4.30
N ASP A 96 -10.43 2.48 -4.69
CA ASP A 96 -9.37 1.86 -5.50
C ASP A 96 -9.30 2.42 -6.91
N ASP A 97 -10.40 3.01 -7.38
CA ASP A 97 -10.50 3.47 -8.74
C ASP A 97 -10.06 4.92 -8.94
N ARG A 98 -10.18 5.75 -7.90
CA ARG A 98 -9.51 7.04 -7.92
C ARG A 98 -8.06 6.84 -7.47
N SER A 99 -7.72 5.60 -7.18
CA SER A 99 -6.35 5.25 -6.83
C SER A 99 -5.55 4.85 -8.05
N ALA A 100 -6.07 3.90 -8.82
CA ALA A 100 -5.45 3.47 -10.08
C ALA A 100 -5.38 4.60 -11.09
N TYR A 101 -6.37 5.48 -11.09
CA TYR A 101 -6.36 6.66 -11.93
C TYR A 101 -5.16 7.53 -11.62
N LEU A 102 -4.96 7.82 -10.34
CA LEU A 102 -3.84 8.69 -9.93
C LEU A 102 -2.50 7.99 -10.17
N ARG A 103 -2.48 6.68 -9.95
CA ARG A 103 -1.35 5.83 -10.27
C ARG A 103 -0.95 6.01 -11.74
N HIS A 104 -1.96 6.22 -12.58
CA HIS A 104 -1.77 6.35 -14.01
C HIS A 104 -1.08 7.66 -14.32
N LEU A 105 -1.48 8.71 -13.61
CA LEU A 105 -0.86 10.02 -13.76
C LEU A 105 0.59 10.01 -13.27
N ARG A 106 0.84 9.27 -12.19
CA ARG A 106 2.20 9.07 -11.69
C ARG A 106 3.02 8.38 -12.76
N ASP A 107 2.43 7.37 -13.39
CA ASP A 107 3.15 6.58 -14.36
C ASP A 107 3.54 7.38 -15.60
N THR A 108 2.68 8.31 -16.03
CA THR A 108 3.00 9.11 -17.22
C THR A 108 4.08 10.15 -16.92
N ALA A 109 4.03 10.74 -15.73
CA ALA A 109 5.11 11.64 -15.32
C ALA A 109 6.41 10.87 -15.11
N ALA A 110 6.33 9.73 -14.44
CA ALA A 110 7.50 8.83 -14.31
C ALA A 110 8.14 8.59 -15.66
N PHE A 111 7.31 8.23 -16.65
CA PHE A 111 7.80 7.86 -17.96
C PHE A 111 8.41 9.03 -18.71
N ILE A 112 7.71 10.16 -18.73
CA ILE A 112 8.19 11.33 -19.46
C ILE A 112 9.52 11.80 -18.88
N GLY A 113 9.62 11.75 -17.55
CA GLY A 113 10.76 12.30 -16.85
C GLY A 113 11.97 11.40 -16.86
N ASN A 114 11.76 10.09 -16.85
CA ASN A 114 12.90 9.19 -16.81
C ASN A 114 13.19 8.43 -18.08
N ALA A 115 12.13 7.97 -18.74
CA ALA A 115 12.28 7.22 -19.97
C ALA A 115 12.39 8.10 -21.20
N TRP A 116 11.60 9.16 -21.27
CA TRP A 116 11.56 10.00 -22.47
C TRP A 116 12.61 11.08 -22.45
N GLU A 117 12.56 11.95 -21.45
CA GLU A 117 13.52 13.05 -21.34
C GLU A 117 14.17 13.00 -19.98
N PRO A 118 15.16 12.11 -19.80
CA PRO A 118 15.77 11.98 -18.49
C PRO A 118 16.45 13.26 -18.05
N ALA A 119 16.74 13.33 -16.75
CA ALA A 119 17.35 14.49 -16.11
C ALA A 119 18.79 14.62 -16.58
N ASN A 120 19.37 15.78 -16.27
CA ASN A 120 20.51 16.29 -17.01
C ASN A 120 21.64 15.34 -17.35
N ASN A 121 22.07 14.53 -16.39
CA ASN A 121 23.15 13.61 -16.71
C ASN A 121 22.80 12.14 -16.54
N SER A 122 21.53 11.85 -16.25
CA SER A 122 21.13 10.48 -15.91
C SER A 122 20.90 9.67 -17.17
N PRO A 123 20.95 8.33 -17.05
CA PRO A 123 20.54 7.52 -18.19
C PRO A 123 19.01 7.53 -18.37
N ARG A 124 18.51 6.69 -19.27
CA ARG A 124 17.07 6.51 -19.37
C ARG A 124 16.67 5.35 -18.50
N ALA A 125 15.49 5.45 -17.89
CA ALA A 125 15.03 4.40 -16.99
C ALA A 125 13.52 4.20 -17.03
N LEU A 126 13.11 3.00 -16.64
CA LEU A 126 11.71 2.73 -16.40
C LEU A 126 11.50 2.51 -14.91
N PRO A 127 11.21 3.60 -14.17
CA PRO A 127 11.05 3.55 -12.72
C PRO A 127 10.22 2.34 -12.27
N GLY A 128 10.76 1.56 -11.34
CA GLY A 128 10.05 0.40 -10.81
C GLY A 128 10.34 -0.86 -11.58
N LEU A 129 10.86 -0.70 -12.79
CA LEU A 129 11.30 -1.83 -13.59
C LEU A 129 12.82 -1.90 -13.52
N GLU A 130 13.37 -3.11 -13.48
CA GLU A 130 14.81 -3.33 -13.38
C GLU A 130 15.55 -2.76 -14.59
N ALA A 131 16.88 -2.73 -14.50
CA ALA A 131 17.73 -2.28 -15.62
C ALA A 131 17.72 -3.25 -16.79
N SER A 132 17.41 -4.52 -16.55
CA SER A 132 17.24 -5.49 -17.62
C SER A 132 16.19 -5.05 -18.64
N ALA A 133 15.08 -4.52 -18.14
CA ALA A 133 13.98 -4.00 -18.96
C ALA A 133 14.46 -2.97 -19.98
N MET A 134 15.62 -2.40 -19.68
CA MET A 134 16.17 -1.28 -20.43
C MET A 134 17.05 -1.78 -21.55
N THR A 135 16.51 -2.77 -22.24
CA THR A 135 17.17 -3.51 -23.28
C THR A 135 17.68 -2.61 -24.43
N ASP A 136 18.57 -3.16 -25.27
CA ASP A 136 19.24 -2.39 -26.33
C ASP A 136 18.23 -1.80 -27.31
N THR A 137 17.25 -2.61 -27.70
CA THR A 137 16.24 -2.15 -28.65
C THR A 137 15.37 -1.06 -28.04
N VAL A 138 14.99 -1.24 -26.79
CA VAL A 138 14.20 -0.25 -26.08
C VAL A 138 14.94 1.09 -26.05
N LYS A 139 16.25 1.01 -25.84
CA LYS A 139 17.12 2.16 -25.69
C LYS A 139 17.28 2.92 -27.01
N LEU A 140 17.43 2.15 -28.08
CA LEU A 140 17.52 2.67 -29.45
C LEU A 140 16.23 3.33 -29.96
N CYS A 141 15.08 2.72 -29.66
CA CYS A 141 13.79 3.28 -30.05
C CYS A 141 13.43 4.53 -29.27
N LEU A 142 13.59 4.49 -27.95
CA LEU A 142 13.36 5.68 -27.13
C LEU A 142 14.19 6.84 -27.66
N ALA A 143 15.50 6.57 -27.87
CA ALA A 143 16.43 7.57 -28.41
C ALA A 143 15.97 8.12 -29.75
N PHE A 144 15.61 7.24 -30.67
CA PHE A 144 15.10 7.68 -31.96
C PHE A 144 13.78 8.46 -31.89
N LEU A 145 12.77 7.91 -31.21
CA LEU A 145 11.47 8.56 -31.13
C LEU A 145 11.58 9.96 -30.54
N ASN A 146 12.44 10.08 -29.55
CA ASN A 146 12.71 11.35 -28.92
C ASN A 146 13.34 12.32 -29.90
N SER A 147 14.26 11.82 -30.72
CA SER A 147 14.97 12.63 -31.69
C SER A 147 14.01 13.16 -32.73
N LEU A 148 13.07 12.32 -33.11
CA LEU A 148 12.04 12.65 -34.06
C LEU A 148 11.00 13.60 -33.47
N LYS A 149 11.00 13.73 -32.14
CA LYS A 149 10.08 14.59 -31.40
C LYS A 149 8.66 14.03 -31.46
N HIS A 150 8.58 12.70 -31.50
CA HIS A 150 7.34 11.96 -31.69
C HIS A 150 6.60 11.80 -30.39
N THR A 151 6.26 12.93 -29.76
CA THR A 151 5.63 12.94 -28.43
C THR A 151 4.35 12.12 -28.38
N ILE A 152 3.67 12.01 -29.52
CA ILE A 152 2.43 11.26 -29.63
C ILE A 152 2.61 9.79 -29.24
N ALA A 153 3.83 9.29 -29.37
CA ALA A 153 4.11 7.91 -29.02
C ALA A 153 4.17 7.69 -27.51
N ILE A 154 4.22 8.78 -26.74
CA ILE A 154 4.30 8.68 -25.28
C ILE A 154 3.05 8.00 -24.70
N ALA A 155 1.88 8.50 -25.08
CA ALA A 155 0.59 7.91 -24.66
C ALA A 155 0.52 6.37 -24.78
N PRO A 156 0.73 5.80 -25.99
CA PRO A 156 0.67 4.33 -26.02
C PRO A 156 1.74 3.66 -25.18
N LEU A 157 2.89 4.32 -25.04
CA LEU A 157 4.04 3.71 -24.36
C LEU A 157 3.85 3.64 -22.86
N VAL A 158 3.31 4.73 -22.29
CA VAL A 158 2.97 4.80 -20.87
C VAL A 158 2.07 3.63 -20.48
N ARG A 159 1.15 3.32 -21.38
CA ARG A 159 0.15 2.32 -21.15
C ARG A 159 0.77 0.95 -20.87
N PHE A 160 1.82 0.62 -21.61
CA PHE A 160 2.49 -0.68 -21.49
C PHE A 160 3.47 -0.68 -20.32
N TYR A 161 4.00 0.51 -20.05
CA TYR A 161 4.86 0.72 -18.92
C TYR A 161 4.02 0.55 -17.67
N SER A 162 2.90 1.28 -17.63
CA SER A 162 2.02 1.30 -16.46
C SER A 162 1.65 -0.10 -16.03
N GLU A 163 1.29 -0.92 -17.01
CA GLU A 163 0.92 -2.31 -16.81
C GLU A 163 2.11 -3.17 -16.37
N ALA A 164 3.33 -2.80 -16.78
CA ALA A 164 4.49 -3.60 -16.43
C ALA A 164 4.85 -3.40 -14.97
N VAL A 165 4.71 -2.16 -14.52
CA VAL A 165 4.92 -1.79 -13.14
C VAL A 165 3.88 -2.48 -12.26
N HIS A 166 2.60 -2.21 -12.54
CA HIS A 166 1.50 -2.71 -11.71
C HIS A 166 1.46 -4.22 -11.54
N ALA A 167 2.07 -4.95 -12.49
CA ALA A 167 2.07 -6.42 -12.51
C ALA A 167 2.88 -7.09 -11.39
N ASP A 168 2.37 -8.22 -10.90
CA ASP A 168 3.05 -9.02 -9.88
C ASP A 168 4.47 -9.38 -10.30
N GLU A 169 5.38 -9.43 -9.34
CA GLU A 169 6.77 -9.79 -9.58
C GLU A 169 6.93 -11.16 -10.21
N GLY A 170 8.08 -11.37 -10.85
CA GLY A 170 8.41 -12.66 -11.43
C GLY A 170 7.83 -12.82 -12.81
N GLU A 171 7.01 -13.86 -12.99
CA GLU A 171 6.45 -14.21 -14.29
C GLU A 171 5.61 -13.09 -14.89
N ALA A 172 4.68 -12.55 -14.10
CA ALA A 172 3.77 -11.49 -14.57
C ALA A 172 4.51 -10.24 -15.08
N ARG A 173 5.44 -9.73 -14.29
CA ARG A 173 6.24 -8.55 -14.64
C ARG A 173 7.01 -8.74 -15.95
N GLU A 174 7.71 -9.87 -16.05
CA GLU A 174 8.55 -10.18 -17.22
C GLU A 174 7.74 -10.25 -18.50
N LYS A 175 6.57 -10.88 -18.42
CA LYS A 175 5.69 -11.02 -19.55
C LYS A 175 5.30 -9.63 -20.05
N ARG A 176 4.97 -8.74 -19.11
CA ARG A 176 4.54 -7.39 -19.47
C ARG A 176 5.70 -6.51 -19.91
N VAL A 177 6.91 -6.86 -19.45
CA VAL A 177 8.12 -6.13 -19.84
C VAL A 177 8.46 -6.51 -21.28
N ALA A 178 8.49 -7.79 -21.58
CA ALA A 178 8.68 -8.26 -22.96
C ALA A 178 7.63 -7.66 -23.89
N GLU A 179 6.39 -7.57 -23.42
CA GLU A 179 5.34 -6.93 -24.20
C GLU A 179 5.68 -5.45 -24.42
N PHE A 180 6.28 -4.80 -23.42
CA PHE A 180 6.68 -3.40 -23.62
C PHE A 180 7.67 -3.24 -24.77
N GLU A 181 8.61 -4.18 -24.92
CA GLU A 181 9.56 -4.14 -26.02
C GLU A 181 8.83 -4.37 -27.36
N LYS A 182 8.01 -5.40 -27.41
CA LYS A 182 7.20 -5.69 -28.59
C LYS A 182 6.45 -4.45 -29.02
N ALA A 183 5.84 -3.79 -28.05
CA ALA A 183 5.11 -2.55 -28.26
C ALA A 183 5.99 -1.44 -28.87
N ILE A 184 7.19 -1.25 -28.31
CA ILE A 184 8.08 -0.15 -28.69
C ILE A 184 8.59 -0.33 -30.13
N LYS A 185 8.98 -1.56 -30.45
CA LYS A 185 9.32 -1.95 -31.80
C LYS A 185 8.18 -1.66 -32.79
N ALA A 186 7.00 -2.19 -32.50
CA ALA A 186 5.85 -1.98 -33.38
C ALA A 186 5.56 -0.49 -33.62
N ILE A 187 5.53 0.30 -32.55
CA ILE A 187 5.29 1.73 -32.67
C ILE A 187 6.34 2.38 -33.58
N THR A 188 7.59 1.98 -33.37
CA THR A 188 8.73 2.60 -34.04
C THR A 188 8.75 2.23 -35.52
N ALA A 189 8.68 0.93 -35.80
CA ALA A 189 8.58 0.42 -37.18
C ALA A 189 7.43 1.08 -37.95
N PHE A 190 6.23 1.05 -37.37
CA PHE A 190 5.09 1.74 -37.95
C PHE A 190 5.41 3.19 -38.25
N THR A 191 6.00 3.90 -37.28
CA THR A 191 6.28 5.32 -37.48
C THR A 191 7.30 5.54 -38.61
N VAL A 192 8.35 4.72 -38.61
CA VAL A 192 9.38 4.80 -39.65
C VAL A 192 8.79 4.55 -41.04
N PHE A 193 8.04 3.46 -41.19
CA PHE A 193 7.45 3.13 -42.48
C PHE A 193 6.51 4.22 -42.99
N TRP A 194 5.68 4.76 -42.11
CA TRP A 194 4.69 5.77 -42.44
C TRP A 194 5.33 7.03 -42.92
N ARG A 195 6.44 7.35 -42.27
CA ARG A 195 7.05 8.63 -42.36
C ARG A 195 8.06 8.65 -43.50
N ALA A 196 8.65 7.49 -43.78
CA ALA A 196 9.59 7.31 -44.88
C ALA A 196 8.90 7.40 -46.23
N THR A 197 7.59 7.24 -46.21
CA THR A 197 6.87 6.88 -47.40
C THR A 197 5.95 8.03 -47.81
N ARG A 198 5.94 9.07 -46.97
CA ARG A 198 5.09 10.24 -47.11
C ARG A 198 5.90 11.49 -47.08
N ARG A 199 5.39 12.54 -47.72
CA ARG A 199 6.11 13.81 -47.85
C ARG A 199 6.20 14.61 -46.53
N GLY A 200 5.06 14.95 -45.94
CA GLY A 200 5.06 15.64 -44.65
C GLY A 200 4.88 14.64 -43.53
N THR A 201 4.34 15.09 -42.39
CA THR A 201 4.03 14.17 -41.29
C THR A 201 2.83 13.31 -41.67
N GLY A 202 2.11 13.74 -42.70
CA GLY A 202 0.90 13.05 -43.18
C GLY A 202 -0.11 12.75 -42.10
N ASN A 203 -0.13 13.58 -41.05
CA ASN A 203 -0.87 13.33 -39.80
C ASN A 203 -0.86 11.90 -39.22
N ILE A 204 0.34 11.41 -38.89
CA ILE A 204 0.48 10.14 -38.15
C ILE A 204 -0.27 10.25 -36.83
N ASP A 205 -0.22 11.42 -36.21
CA ASP A 205 -0.74 11.62 -34.85
C ASP A 205 -2.17 11.13 -34.78
N SER A 206 -2.94 11.57 -35.77
CA SER A 206 -4.33 11.23 -35.94
C SER A 206 -4.53 9.71 -35.90
N GLN A 207 -3.58 8.98 -36.47
CA GLN A 207 -3.64 7.52 -36.44
C GLN A 207 -3.51 7.00 -35.01
N TYR A 208 -2.52 7.52 -34.27
CA TYR A 208 -2.25 7.04 -32.92
C TYR A 208 -3.41 7.31 -31.97
N ARG A 209 -3.94 8.53 -32.04
CA ARG A 209 -5.10 8.91 -31.24
C ARG A 209 -6.27 7.97 -31.51
N ALA A 210 -6.47 7.62 -32.78
CA ALA A 210 -7.53 6.70 -33.19
C ALA A 210 -7.34 5.33 -32.56
N VAL A 211 -6.09 4.88 -32.50
CA VAL A 211 -5.74 3.63 -31.84
C VAL A 211 -6.04 3.69 -30.35
N MET A 212 -5.65 4.79 -29.71
CA MET A 212 -5.87 4.99 -28.27
C MET A 212 -7.36 4.95 -27.95
N ALA A 213 -8.09 5.74 -28.71
CA ALA A 213 -9.55 5.82 -28.67
C ALA A 213 -10.19 4.65 -29.39
N GLY A 214 -9.51 4.22 -30.45
CA GLY A 214 -10.11 3.68 -31.65
C GLY A 214 -11.13 2.58 -31.56
N ALA A 215 -12.17 2.68 -32.37
CA ALA A 215 -12.32 3.80 -33.31
C ALA A 215 -11.69 3.48 -34.66
N ASP A 216 -12.55 3.10 -35.61
CA ASP A 216 -12.08 2.80 -36.95
C ASP A 216 -10.97 1.78 -36.87
N SER A 217 -11.10 0.86 -35.92
CA SER A 217 -10.11 -0.16 -35.77
C SER A 217 -10.23 -1.17 -36.91
N LEU A 218 -9.19 -1.25 -37.73
CA LEU A 218 -9.18 -2.20 -38.84
C LEU A 218 -9.25 -3.61 -38.31
N THR A 219 -8.59 -3.87 -37.19
CA THR A 219 -8.72 -5.17 -36.56
C THR A 219 -9.85 -5.12 -35.56
N GLY A 220 -10.19 -6.29 -35.00
CA GLY A 220 -11.26 -6.37 -34.01
C GLY A 220 -11.00 -5.54 -32.76
N ILE A 221 -9.79 -5.00 -32.66
CA ILE A 221 -9.27 -4.36 -31.44
C ILE A 221 -9.98 -3.08 -30.96
N GLY A 222 -10.13 -3.00 -29.64
CA GLY A 222 -10.74 -1.84 -28.98
C GLY A 222 -9.74 -0.87 -28.39
N PRO A 223 -10.19 0.00 -27.47
CA PRO A 223 -9.39 1.17 -27.15
C PRO A 223 -8.07 0.78 -26.48
N LEU A 224 -7.08 1.67 -26.52
CA LEU A 224 -5.79 1.41 -25.89
C LEU A 224 -5.60 2.24 -24.62
N ALA A 225 -6.38 3.31 -24.49
CA ALA A 225 -6.44 4.11 -23.27
C ALA A 225 -6.91 3.30 -22.06
N ARG A 226 -6.78 3.87 -20.87
CA ARG A 226 -7.12 3.16 -19.63
C ARG A 226 -8.64 2.98 -19.53
N GLN A 227 -9.36 4.03 -19.90
CA GLN A 227 -10.81 4.10 -19.70
C GLN A 227 -11.52 4.55 -20.96
N TRP A 228 -12.85 4.41 -20.97
CA TRP A 228 -13.69 4.82 -22.10
C TRP A 228 -14.07 6.27 -22.01
N ALA A 229 -13.97 6.95 -23.15
CA ALA A 229 -14.31 8.37 -23.30
C ALA A 229 -15.77 8.62 -22.96
N GLU A 230 -16.61 7.64 -23.32
CA GLU A 230 -18.00 7.58 -22.90
C GLU A 230 -18.04 6.97 -21.48
N PRO A 231 -18.24 7.83 -20.45
CA PRO A 231 -18.13 7.44 -19.04
C PRO A 231 -19.21 6.45 -18.56
N ASP A 232 -18.78 5.22 -18.33
CA ASP A 232 -19.61 4.10 -17.85
C ASP A 232 -19.04 2.78 -18.39
N ALA A 233 -19.32 1.69 -17.67
CA ALA A 233 -18.66 0.42 -18.00
C ALA A 233 -19.59 -0.78 -18.09
N THR A 234 -19.47 -1.51 -19.20
CA THR A 234 -20.07 -2.82 -19.35
C THR A 234 -19.03 -3.88 -19.69
N LYS A 235 -17.93 -3.47 -20.29
CA LYS A 235 -16.88 -4.40 -20.72
C LYS A 235 -15.46 -3.92 -20.44
N PRO A 236 -14.51 -4.88 -20.27
CA PRO A 236 -13.09 -4.60 -19.96
C PRO A 236 -12.35 -3.95 -21.16
N ASP A 237 -11.22 -3.29 -20.90
CA ASP A 237 -10.35 -2.78 -21.97
C ASP A 237 -8.92 -3.29 -21.88
N PRO A 238 -8.34 -3.66 -23.02
CA PRO A 238 -7.02 -4.30 -23.01
C PRO A 238 -5.98 -3.43 -23.66
N ASP A 239 -4.84 -3.32 -22.98
CA ASP A 239 -3.63 -2.89 -23.59
C ASP A 239 -2.93 -4.19 -23.92
N VAL A 240 -3.04 -4.63 -25.16
CA VAL A 240 -2.36 -5.83 -25.60
C VAL A 240 -1.56 -5.43 -26.81
N ASP A 241 -0.43 -6.07 -26.97
CA ASP A 241 0.59 -5.66 -27.94
C ASP A 241 0.91 -6.63 -29.07
N ALA A 242 0.96 -7.92 -28.76
CA ALA A 242 1.42 -8.83 -29.75
C ALA A 242 0.30 -9.44 -30.53
N GLU A 243 -0.71 -9.97 -29.85
CA GLU A 243 -1.93 -10.43 -30.52
C GLU A 243 -2.59 -9.21 -31.16
N ALA A 244 -2.57 -8.09 -30.46
CA ALA A 244 -3.32 -6.93 -30.97
C ALA A 244 -2.59 -5.76 -31.68
N LEU A 245 -1.57 -5.20 -31.03
CA LEU A 245 -0.99 -3.96 -31.52
C LEU A 245 -0.29 -3.98 -32.88
N LYS A 246 0.52 -4.99 -33.11
CA LYS A 246 1.27 -5.04 -34.34
C LYS A 246 0.26 -5.08 -35.43
N LYS A 247 -0.73 -5.94 -35.24
CA LYS A 247 -1.71 -6.16 -36.27
C LYS A 247 -2.50 -4.93 -36.56
N GLU A 248 -2.90 -4.18 -35.53
CA GLU A 248 -3.63 -2.98 -35.86
C GLU A 248 -2.77 -1.98 -36.62
N LEU A 249 -1.54 -1.78 -36.18
CA LEU A 249 -0.65 -0.80 -36.81
C LEU A 249 -0.29 -1.21 -38.24
N ALA A 250 0.03 -2.50 -38.37
CA ALA A 250 0.35 -3.16 -39.62
C ALA A 250 -0.72 -2.86 -40.67
N ALA A 251 -1.98 -3.06 -40.31
CA ALA A 251 -3.10 -2.82 -41.22
C ALA A 251 -3.26 -1.33 -41.54
N ARG A 252 -3.13 -0.45 -40.56
CA ARG A 252 -3.30 0.97 -40.80
C ARG A 252 -2.36 1.50 -41.89
N LEU A 253 -1.24 0.82 -42.08
CA LEU A 253 -0.22 1.23 -43.03
C LEU A 253 -0.50 0.61 -44.38
N SER A 254 -1.00 -0.62 -44.35
CA SER A 254 -0.82 -1.56 -45.43
C SER A 254 -2.12 -2.15 -45.98
N ASP A 255 -3.25 -1.64 -45.51
CA ASP A 255 -4.55 -2.18 -45.88
C ASP A 255 -5.29 -1.17 -46.75
N PRO A 256 -5.93 -1.64 -47.82
CA PRO A 256 -6.69 -0.78 -48.74
C PRO A 256 -7.80 0.00 -48.04
N LYS A 257 -8.36 -0.61 -46.99
CA LYS A 257 -9.35 0.04 -46.13
C LYS A 257 -8.71 1.13 -45.27
N GLY A 258 -7.40 1.02 -45.04
CA GLY A 258 -6.65 1.96 -44.19
C GLY A 258 -6.11 3.18 -44.90
N LYS A 259 -5.81 4.22 -44.11
CA LYS A 259 -5.29 5.48 -44.65
C LYS A 259 -3.78 5.44 -44.94
N GLY A 260 -3.10 4.39 -44.48
CA GLY A 260 -1.73 4.12 -44.90
C GLY A 260 -1.80 3.61 -46.33
N GLY A 261 -1.16 4.32 -47.26
CA GLY A 261 -1.30 4.04 -48.68
C GLY A 261 -0.18 3.18 -49.25
N VAL A 262 0.08 2.05 -48.59
CA VAL A 262 1.27 1.26 -48.88
C VAL A 262 0.91 -0.23 -48.88
N PRO A 263 0.37 -0.73 -50.01
CA PRO A 263 -0.21 -2.08 -50.10
C PRO A 263 0.78 -3.19 -50.46
N ASN A 264 1.90 -2.83 -51.08
CA ASN A 264 2.93 -3.80 -51.45
C ASN A 264 4.35 -3.23 -51.37
N LEU A 265 5.34 -4.10 -51.50
CA LEU A 265 6.76 -3.71 -51.43
C LEU A 265 7.14 -2.70 -52.51
N ALA A 266 6.73 -2.97 -53.74
CA ALA A 266 7.05 -2.08 -54.85
C ALA A 266 6.58 -0.64 -54.66
N SER A 267 5.46 -0.45 -53.96
CA SER A 267 4.92 0.89 -53.73
C SER A 267 5.69 1.58 -52.62
N PHE A 268 6.12 0.81 -51.63
CA PHE A 268 6.96 1.32 -50.56
C PHE A 268 8.28 1.84 -51.11
N LEU A 269 8.93 0.99 -51.90
CA LEU A 269 10.19 1.31 -52.56
C LEU A 269 10.02 2.52 -53.46
N ALA A 270 8.92 2.57 -54.20
CA ALA A 270 8.68 3.71 -55.07
C ALA A 270 8.46 5.02 -54.31
N ASP A 271 7.69 4.95 -53.22
CA ASP A 271 7.38 6.14 -52.40
C ASP A 271 8.62 6.70 -51.69
N ALA A 272 9.37 5.82 -51.03
CA ALA A 272 10.58 6.18 -50.29
C ALA A 272 11.73 6.67 -51.19
N SER A 273 11.95 5.96 -52.30
CA SER A 273 12.96 6.31 -53.30
C SER A 273 12.85 7.74 -53.75
N ALA A 274 11.63 8.26 -53.74
CA ALA A 274 11.33 9.49 -54.45
C ALA A 274 11.46 10.74 -53.59
N LEU A 275 11.44 10.54 -52.26
CA LEU A 275 11.43 11.67 -51.34
C LEU A 275 12.82 12.06 -50.86
N PRO A 276 13.04 13.36 -50.63
CA PRO A 276 14.29 13.85 -50.07
C PRO A 276 14.31 13.62 -48.56
N LEU A 277 14.48 12.37 -48.17
CA LEU A 277 14.37 11.96 -46.78
C LEU A 277 15.26 12.75 -45.84
N TYR A 278 16.51 12.95 -46.23
CA TYR A 278 17.43 13.74 -45.43
C TYR A 278 16.90 15.15 -45.11
N LYS A 279 16.28 15.80 -46.08
CA LYS A 279 15.69 17.11 -45.81
C LYS A 279 14.44 17.05 -44.94
N ILE A 280 13.64 16.00 -45.11
CA ILE A 280 12.39 15.86 -44.38
C ILE A 280 12.67 15.57 -42.91
N SER A 281 13.56 14.62 -42.65
CA SER A 281 13.89 14.21 -41.29
C SER A 281 15.25 13.51 -41.21
N PRO A 282 16.32 14.27 -40.89
CA PRO A 282 17.65 13.67 -40.72
C PRO A 282 17.65 12.51 -39.71
N PRO A 283 16.89 12.61 -38.60
CA PRO A 283 16.80 11.45 -37.70
C PRO A 283 16.26 10.20 -38.40
N LEU A 284 15.23 10.38 -39.22
CA LEU A 284 14.64 9.26 -39.95
C LEU A 284 15.63 8.68 -40.97
N ALA A 285 16.33 9.55 -41.69
CA ALA A 285 17.36 9.12 -42.62
C ALA A 285 18.39 8.26 -41.89
N ARG A 286 18.85 8.73 -40.74
CA ARG A 286 19.87 8.03 -39.95
C ARG A 286 19.40 6.65 -39.49
N PHE A 287 18.19 6.59 -38.93
CA PHE A 287 17.57 5.33 -38.52
C PHE A 287 17.47 4.34 -39.69
N LEU A 288 17.09 4.85 -40.87
CA LEU A 288 17.04 4.01 -42.08
C LEU A 288 18.41 3.50 -42.51
N LEU A 289 19.38 4.41 -42.59
CA LEU A 289 20.75 4.04 -42.93
C LEU A 289 21.34 2.97 -42.00
N LEU A 290 21.13 3.12 -40.68
CA LEU A 290 21.61 2.15 -39.72
C LEU A 290 20.96 0.78 -39.94
N ALA A 291 19.65 0.78 -40.20
CA ALA A 291 18.92 -0.45 -40.49
C ALA A 291 19.50 -1.14 -41.71
N ALA A 292 19.73 -0.34 -42.75
CA ALA A 292 20.23 -0.80 -44.04
C ALA A 292 21.64 -1.38 -43.98
N TYR A 293 22.55 -0.64 -43.36
CA TYR A 293 23.97 -1.00 -43.35
C TYR A 293 24.34 -2.11 -42.38
N HIS A 294 23.44 -2.38 -41.42
CA HIS A 294 23.69 -3.39 -40.40
C HIS A 294 23.94 -4.75 -40.97
N ASP A 295 25.13 -5.29 -40.68
CA ASP A 295 25.58 -6.60 -41.16
C ASP A 295 25.56 -6.74 -42.68
N THR A 296 26.00 -5.69 -43.38
CA THR A 296 26.18 -5.74 -44.82
C THR A 296 27.64 -6.04 -45.22
N ILE A 297 27.83 -6.39 -46.50
CA ILE A 297 29.13 -6.69 -47.08
C ILE A 297 29.07 -6.19 -48.53
N GLU A 298 30.18 -5.68 -49.06
CA GLU A 298 30.20 -5.13 -50.42
C GLU A 298 29.74 -6.18 -51.45
N ASP A 299 28.96 -5.73 -52.43
CA ASP A 299 28.38 -6.63 -53.43
C ASP A 299 29.45 -7.05 -54.44
N PRO A 300 29.70 -8.39 -54.57
CA PRO A 300 30.72 -8.86 -55.51
C PRO A 300 30.39 -8.61 -57.00
N ASP A 301 29.10 -8.48 -57.32
CA ASP A 301 28.64 -8.36 -58.70
C ASP A 301 28.28 -6.93 -59.09
N ASN A 302 27.67 -6.19 -58.19
CA ASN A 302 27.41 -4.79 -58.47
C ASN A 302 28.35 -3.95 -57.66
N PRO A 303 29.24 -3.24 -58.36
CA PRO A 303 30.35 -2.46 -57.83
C PRO A 303 29.99 -1.43 -56.77
N GLY A 304 28.92 -0.70 -56.90
CA GLY A 304 28.71 0.33 -55.89
C GLY A 304 27.81 -0.08 -54.74
N LEU A 305 27.41 -1.34 -54.69
CA LEU A 305 26.29 -1.69 -53.83
C LEU A 305 26.70 -2.72 -52.79
N ILE A 306 25.75 -3.12 -51.95
CA ILE A 306 26.02 -3.97 -50.80
C ILE A 306 24.98 -5.08 -50.68
N VAL A 307 25.30 -6.12 -49.93
CA VAL A 307 24.36 -7.22 -49.71
C VAL A 307 24.50 -7.70 -48.29
N GLN A 308 23.48 -8.38 -47.77
CA GLN A 308 23.54 -8.91 -46.43
C GLN A 308 24.76 -9.81 -46.29
N GLY A 309 25.38 -9.78 -45.11
CA GLY A 309 26.51 -10.67 -44.78
C GLY A 309 26.34 -11.47 -43.50
N LYS A 310 27.41 -12.12 -43.06
CA LYS A 310 27.46 -12.88 -41.80
C LYS A 310 26.89 -12.05 -40.66
N ALA A 311 26.13 -12.71 -39.79
CA ALA A 311 25.66 -12.09 -38.55
C ALA A 311 26.83 -11.55 -37.74
N GLY A 312 26.74 -10.28 -37.36
CA GLY A 312 27.71 -9.65 -36.46
C GLY A 312 29.01 -9.14 -37.08
N VAL A 313 29.10 -9.22 -38.41
CA VAL A 313 30.30 -8.84 -39.15
C VAL A 313 30.50 -7.31 -39.20
N ALA A 314 29.40 -6.58 -39.35
CA ALA A 314 29.45 -5.13 -39.36
C ALA A 314 28.18 -4.54 -38.78
N SER A 315 27.95 -4.75 -37.49
CA SER A 315 26.69 -4.32 -36.89
C SER A 315 26.65 -2.86 -36.53
N CYS A 316 25.60 -2.17 -36.96
CA CYS A 316 25.40 -0.80 -36.53
C CYS A 316 23.97 -0.48 -36.09
N PHE A 317 23.03 -1.41 -36.24
CA PHE A 317 21.65 -1.12 -35.89
C PHE A 317 21.42 -1.35 -34.42
N THR A 318 21.90 -0.43 -33.61
CA THR A 318 21.93 -0.58 -32.16
C THR A 318 21.87 0.77 -31.48
N ALA A 319 21.53 0.76 -30.19
CA ALA A 319 21.59 1.95 -29.37
C ALA A 319 22.94 2.67 -29.50
N ASP A 320 24.04 1.92 -29.38
CA ASP A 320 25.40 2.45 -29.58
C ASP A 320 25.59 3.14 -30.94
N GLY A 321 25.21 2.43 -32.01
CA GLY A 321 25.20 2.98 -33.36
C GLY A 321 24.39 4.26 -33.49
N TRP A 322 23.20 4.29 -32.88
CA TRP A 322 22.37 5.50 -32.92
C TRP A 322 23.09 6.66 -32.31
N GLU A 323 23.71 6.41 -31.15
CA GLU A 323 24.38 7.45 -30.38
C GLU A 323 25.71 7.88 -31.00
N ASP A 324 26.29 6.99 -31.81
CA ASP A 324 27.62 7.19 -32.39
C ASP A 324 27.73 8.21 -33.55
N ASP A 325 27.50 9.48 -33.24
CA ASP A 325 27.67 10.58 -34.19
C ASP A 325 29.10 10.73 -34.65
N THR A 326 30.02 10.26 -33.82
CA THR A 326 31.42 10.47 -34.05
C THR A 326 31.97 9.56 -35.15
N HIS A 327 31.57 8.29 -35.14
CA HIS A 327 32.02 7.33 -36.15
C HIS A 327 31.08 7.18 -37.32
N LEU A 328 29.80 7.47 -37.11
CA LEU A 328 28.77 7.26 -38.12
C LEU A 328 27.92 8.51 -38.33
N THR A 329 28.47 9.48 -39.03
CA THR A 329 27.75 10.70 -39.37
C THR A 329 27.17 10.56 -40.78
N ILE A 330 25.99 11.14 -41.00
CA ILE A 330 25.39 11.15 -42.32
C ILE A 330 26.16 12.09 -43.23
N GLU A 331 26.64 11.54 -44.34
CA GLU A 331 27.41 12.28 -45.31
C GLU A 331 26.82 12.08 -46.71
N HIS A 332 26.74 13.17 -47.48
CA HIS A 332 26.24 13.14 -48.86
C HIS A 332 27.31 12.71 -49.81
N ILE A 333 26.97 11.78 -50.72
CA ILE A 333 27.95 11.34 -51.72
C ILE A 333 28.11 12.42 -52.80
N ALA A 334 27.07 12.68 -53.58
CA ALA A 334 27.13 13.88 -54.41
C ALA A 334 26.94 15.06 -53.47
N PRO A 335 27.91 15.98 -53.42
CA PRO A 335 27.76 17.23 -52.66
C PRO A 335 26.36 17.85 -52.73
N GLN A 336 25.95 18.51 -51.65
CA GLN A 336 24.67 19.22 -51.61
C GLN A 336 24.53 20.31 -52.66
N SER A 337 25.64 20.86 -53.15
CA SER A 337 25.57 21.93 -54.14
C SER A 337 26.39 21.61 -55.38
N ALA A 338 26.08 22.29 -56.48
CA ALA A 338 26.84 22.12 -57.72
C ALA A 338 28.31 22.39 -57.45
N THR A 339 29.13 21.36 -57.67
CA THR A 339 30.58 21.44 -57.50
C THR A 339 31.21 20.68 -58.65
N SER A 340 32.41 21.07 -59.04
CA SER A 340 33.09 20.39 -60.14
C SER A 340 33.49 18.98 -59.72
N GLY A 341 33.81 18.15 -60.70
CA GLY A 341 34.15 16.75 -60.46
C GLY A 341 32.89 15.92 -60.38
N TRP A 342 31.77 16.57 -60.66
CA TRP A 342 30.46 15.94 -60.48
C TRP A 342 29.47 16.14 -61.61
N ASP A 343 28.74 15.08 -61.96
CA ASP A 343 27.76 15.15 -63.07
C ASP A 343 26.58 16.08 -62.77
N ALA A 344 26.26 16.96 -63.72
CA ALA A 344 25.28 18.03 -63.50
C ALA A 344 23.85 17.49 -63.32
N GLU A 345 23.66 16.25 -63.79
CA GLU A 345 22.42 15.50 -63.60
C GLU A 345 21.85 15.62 -62.18
N PHE A 346 22.76 15.53 -61.20
CA PHE A 346 22.44 15.57 -59.76
C PHE A 346 21.76 16.85 -59.29
N TYR A 347 21.79 17.90 -60.10
CA TYR A 347 21.31 19.21 -59.65
C TYR A 347 20.14 19.72 -60.50
N SER A 348 19.63 18.84 -61.37
CA SER A 348 18.38 19.06 -62.08
C SER A 348 17.30 19.33 -61.06
N ASP A 349 17.11 18.38 -60.15
CA ASP A 349 16.15 18.52 -59.05
C ASP A 349 16.86 18.75 -57.72
N LYS A 350 16.57 19.90 -57.12
CA LYS A 350 17.11 20.28 -55.81
C LYS A 350 16.94 19.21 -54.72
N GLU A 351 16.07 18.22 -54.98
CA GLU A 351 15.77 17.18 -54.00
C GLU A 351 16.65 15.94 -54.18
N THR A 352 17.25 15.81 -55.35
CA THR A 352 18.02 14.61 -55.73
C THR A 352 19.08 14.21 -54.69
N VAL A 353 19.95 15.16 -54.39
CA VAL A 353 21.04 14.97 -53.43
C VAL A 353 20.62 14.46 -52.04
N HIS A 354 19.35 14.64 -51.69
CA HIS A 354 18.83 14.33 -50.36
C HIS A 354 18.08 13.04 -50.21
N LYS A 355 18.09 12.22 -51.25
CA LYS A 355 17.39 10.94 -51.22
C LYS A 355 18.32 9.90 -50.66
N LEU A 356 17.75 8.83 -50.09
CA LEU A 356 18.53 7.86 -49.33
C LEU A 356 19.79 7.37 -50.04
N GLY A 357 19.65 7.05 -51.33
CA GLY A 357 20.74 6.50 -52.13
C GLY A 357 22.04 7.29 -52.18
N ASN A 358 21.95 8.59 -51.90
CA ASN A 358 23.10 9.49 -51.89
C ASN A 358 23.77 9.62 -50.53
N LEU A 359 23.26 8.91 -49.54
CA LEU A 359 23.75 9.08 -48.18
C LEU A 359 24.60 7.90 -47.72
N VAL A 360 25.73 8.23 -47.11
CA VAL A 360 26.59 7.27 -46.43
C VAL A 360 26.78 7.65 -44.96
N LEU A 361 27.14 6.66 -44.14
CA LEU A 361 27.59 6.89 -42.78
C LEU A 361 29.11 6.87 -42.75
N ALA A 362 29.71 7.99 -42.34
CA ALA A 362 31.17 8.14 -42.28
C ALA A 362 31.57 8.89 -41.01
N PRO A 363 32.84 8.71 -40.57
CA PRO A 363 33.31 9.46 -39.42
C PRO A 363 33.20 10.98 -39.61
N GLY A 364 32.64 11.66 -38.63
CA GLY A 364 32.32 13.09 -38.74
C GLY A 364 33.49 14.02 -38.92
N ALA A 365 34.63 13.68 -38.33
CA ALA A 365 35.82 14.54 -38.41
C ALA A 365 36.34 14.67 -39.83
N ALA A 366 36.19 13.61 -40.62
CA ALA A 366 36.72 13.55 -41.97
C ALA A 366 36.09 14.62 -42.84
N ASN A 367 34.93 15.09 -42.40
CA ASN A 367 34.16 16.05 -43.17
C ASN A 367 35.01 17.13 -43.82
N ALA A 368 36.05 17.58 -43.13
CA ALA A 368 36.90 18.64 -43.66
C ALA A 368 37.64 18.19 -44.92
N SER A 369 37.75 16.89 -45.11
CA SER A 369 38.48 16.36 -46.26
C SER A 369 37.56 15.90 -47.36
N LEU A 370 36.29 15.66 -47.02
CA LEU A 370 35.29 15.16 -47.97
C LEU A 370 34.53 16.29 -48.64
N SER A 371 34.37 17.38 -47.91
CA SER A 371 33.52 18.50 -48.30
C SER A 371 33.77 18.98 -49.73
N SER A 372 32.72 19.02 -50.54
CA SER A 372 32.74 19.61 -51.89
C SER A 372 33.89 19.15 -52.81
N ARG A 373 34.35 17.92 -52.62
CA ARG A 373 35.45 17.43 -53.46
C ARG A 373 34.90 16.61 -54.62
N PRO A 374 35.57 16.68 -55.80
CA PRO A 374 35.31 15.78 -56.93
C PRO A 374 35.19 14.31 -56.49
N TRP A 375 34.42 13.52 -57.22
CA TRP A 375 34.24 12.11 -56.87
C TRP A 375 35.53 11.38 -56.88
N THR A 376 36.36 11.72 -57.86
CA THR A 376 37.65 11.08 -58.06
C THR A 376 38.43 10.97 -56.73
N GLU A 377 38.33 12.01 -55.92
CA GLU A 377 38.92 12.06 -54.58
C GLU A 377 38.09 11.32 -53.53
N LYS A 378 36.81 11.70 -53.42
CA LYS A 378 35.89 11.06 -52.49
C LYS A 378 35.96 9.55 -52.59
N LYS A 379 36.27 9.05 -53.77
CA LYS A 379 36.39 7.62 -53.99
C LYS A 379 37.52 7.01 -53.17
N VAL A 380 38.67 7.67 -53.15
CA VAL A 380 39.79 7.18 -52.37
C VAL A 380 39.45 7.26 -50.90
N LEU A 381 38.91 8.42 -50.50
CA LEU A 381 38.62 8.68 -49.11
C LEU A 381 37.72 7.61 -48.58
N TYR A 382 36.64 7.30 -49.31
CA TYR A 382 35.74 6.25 -48.86
C TYR A 382 36.48 4.92 -48.78
N ALA A 383 37.28 4.63 -49.80
CA ALA A 383 38.01 3.36 -49.85
C ALA A 383 38.93 3.24 -48.63
N ALA A 384 39.58 4.37 -48.32
CA ALA A 384 40.48 4.50 -47.17
C ALA A 384 39.74 4.41 -45.82
N LEU A 385 38.73 5.27 -45.64
CA LEU A 385 37.92 5.33 -44.41
C LEU A 385 37.19 4.04 -44.07
N GLY A 386 37.05 3.16 -45.06
CA GLY A 386 36.35 1.89 -44.91
C GLY A 386 37.28 0.71 -44.82
N ALA A 387 38.58 0.99 -44.74
CA ALA A 387 39.60 -0.05 -44.73
C ALA A 387 39.63 -0.85 -43.40
N SER A 388 40.11 -2.09 -43.47
CA SER A 388 40.13 -2.99 -42.30
C SER A 388 41.13 -2.60 -41.22
N THR A 389 42.29 -2.12 -41.66
CA THR A 389 43.31 -1.63 -40.75
C THR A 389 43.67 -0.23 -41.21
N ALA A 390 44.27 0.54 -40.32
CA ALA A 390 44.74 1.86 -40.69
C ALA A 390 45.96 1.79 -41.60
N ASP A 391 46.59 0.61 -41.67
CA ASP A 391 47.72 0.40 -42.57
C ASP A 391 47.28 0.46 -44.01
N ASP A 392 46.18 -0.22 -44.32
CA ASP A 392 45.66 -0.20 -45.67
C ASP A 392 45.17 1.17 -46.02
N ALA A 393 44.62 1.86 -45.03
CA ALA A 393 44.17 3.23 -45.25
C ALA A 393 45.34 4.12 -45.67
N LYS A 394 46.48 3.95 -45.00
CA LYS A 394 47.68 4.69 -45.37
C LYS A 394 48.14 4.24 -46.75
N SER A 395 48.16 2.92 -46.95
CA SER A 395 48.43 2.30 -48.24
C SER A 395 47.59 2.95 -49.35
N ILE A 396 46.29 3.13 -49.10
CA ILE A 396 45.37 3.73 -50.06
C ILE A 396 45.59 5.22 -50.27
N LEU A 397 45.66 5.99 -49.18
CA LEU A 397 45.79 7.45 -49.27
C LEU A 397 47.08 7.89 -49.94
N ASN A 398 48.20 7.31 -49.51
CA ASN A 398 49.50 7.57 -50.13
C ASN A 398 49.55 7.09 -51.57
N SER A 399 49.00 5.91 -51.81
CA SER A 399 48.98 5.27 -53.12
C SER A 399 48.31 6.17 -54.15
N SER A 400 47.37 6.97 -53.67
CA SER A 400 46.74 8.02 -54.44
C SER A 400 47.67 9.21 -54.53
N GLY A 401 47.51 9.99 -55.58
CA GLY A 401 48.31 11.20 -55.75
C GLY A 401 47.90 12.33 -54.82
N PHE A 402 46.64 12.27 -54.37
CA PHE A 402 46.00 13.43 -53.73
C PHE A 402 46.60 13.82 -52.39
N THR A 403 46.52 15.12 -52.09
CA THR A 403 46.81 15.64 -50.77
C THR A 403 45.53 16.30 -50.25
N PHE A 404 44.95 15.71 -49.20
CA PHE A 404 43.67 16.16 -48.63
C PHE A 404 43.89 17.20 -47.53
N ALA A 405 42.77 17.78 -47.06
CA ALA A 405 42.80 18.82 -46.04
C ALA A 405 43.41 18.34 -44.73
N GLN A 406 43.37 17.03 -44.51
CA GLN A 406 43.91 16.43 -43.30
C GLN A 406 45.07 15.50 -43.65
N THR A 407 45.99 15.29 -42.71
CA THR A 407 47.19 14.46 -42.95
C THR A 407 46.81 13.01 -43.24
N THR A 408 47.65 12.27 -43.95
CA THR A 408 47.43 10.84 -44.15
C THR A 408 47.29 10.16 -42.79
N GLU A 409 48.16 10.49 -41.87
CA GLU A 409 48.18 9.82 -40.58
C GLU A 409 46.86 10.06 -39.90
N ASP A 410 46.34 11.27 -40.04
CA ASP A 410 45.11 11.65 -39.40
C ASP A 410 43.91 10.86 -39.89
N LEU A 411 43.75 10.79 -41.21
CA LEU A 411 42.59 10.11 -41.82
C LEU A 411 42.66 8.60 -41.58
N ALA A 412 43.85 8.02 -41.70
CA ALA A 412 44.05 6.62 -41.36
C ALA A 412 43.50 6.28 -39.97
N ALA A 413 43.62 7.23 -39.05
CA ALA A 413 43.16 7.05 -37.66
C ALA A 413 41.65 6.81 -37.60
N MET A 414 40.93 7.35 -38.57
CA MET A 414 39.48 7.22 -38.60
C MET A 414 39.04 5.99 -39.37
N SER A 415 40.00 5.28 -39.95
CA SER A 415 39.64 4.16 -40.77
C SER A 415 38.93 3.13 -39.91
N ARG A 416 37.90 2.52 -40.47
CA ARG A 416 37.17 1.46 -39.78
C ARG A 416 36.55 0.55 -40.82
N TYR A 417 36.27 -0.70 -40.48
CA TYR A 417 35.58 -1.59 -41.41
C TYR A 417 34.13 -1.17 -41.67
N LEU A 418 33.89 -0.64 -42.88
CA LEU A 418 32.54 -0.21 -43.30
C LEU A 418 32.27 -0.55 -44.77
N PRO A 419 31.73 -1.76 -45.03
CA PRO A 419 31.48 -2.28 -46.38
C PRO A 419 30.86 -1.29 -47.37
N HIS A 420 29.81 -0.59 -46.97
CA HIS A 420 29.19 0.36 -47.89
C HIS A 420 30.16 1.40 -48.39
N LEU A 421 31.16 1.71 -47.58
CA LEU A 421 32.25 2.60 -47.98
C LEU A 421 33.27 1.89 -48.87
N ARG A 422 33.63 0.66 -48.47
CA ARG A 422 34.52 -0.17 -49.27
C ARG A 422 33.94 -0.35 -50.68
N ALA A 423 32.68 -0.79 -50.73
CA ALA A 423 31.94 -0.97 -51.98
C ALA A 423 32.00 0.23 -52.93
N LEU A 424 31.67 1.41 -52.42
CA LEU A 424 31.71 2.63 -53.25
C LEU A 424 33.12 2.96 -53.75
N GLY A 425 34.13 2.58 -52.97
CA GLY A 425 35.52 2.81 -53.33
C GLY A 425 35.97 1.94 -54.48
N GLN A 426 35.29 0.82 -54.66
CA GLN A 426 35.60 -0.14 -55.72
C GLN A 426 34.91 0.21 -57.04
N ARG A 427 33.94 1.13 -56.98
CA ARG A 427 33.14 1.44 -58.16
C ARG A 427 33.95 2.19 -59.20
N GLU A 428 34.17 1.52 -60.32
CA GLU A 428 34.96 2.12 -61.39
C GLU A 428 34.14 3.05 -62.28
N ASP A 429 32.88 2.69 -62.54
CA ASP A 429 31.95 3.51 -63.34
C ASP A 429 31.56 4.82 -62.67
N GLU A 430 31.37 5.88 -63.46
CA GLU A 430 31.01 7.19 -62.94
C GLU A 430 29.66 7.14 -62.22
N LEU A 431 29.47 8.08 -61.28
CA LEU A 431 28.26 8.17 -60.52
C LEU A 431 27.27 9.13 -61.16
N ASP A 432 26.04 8.65 -61.32
CA ASP A 432 24.88 9.44 -61.80
C ASP A 432 23.64 9.15 -60.93
N PRO A 433 22.61 10.04 -60.99
CA PRO A 433 21.33 9.86 -60.30
C PRO A 433 20.68 8.50 -60.52
N ALA A 434 20.88 7.91 -61.69
CA ALA A 434 20.41 6.55 -61.93
C ALA A 434 21.04 5.58 -60.94
N PHE A 435 22.34 5.72 -60.70
CA PHE A 435 23.03 4.82 -59.77
C PHE A 435 22.55 4.98 -58.33
N MET A 436 22.33 6.23 -57.91
CA MET A 436 21.84 6.50 -56.54
C MET A 436 20.44 5.90 -56.34
N ASP A 437 19.60 5.97 -57.37
CA ASP A 437 18.30 5.30 -57.36
C ASP A 437 18.40 3.80 -57.15
N GLN A 438 19.37 3.16 -57.79
CA GLN A 438 19.62 1.72 -57.59
C GLN A 438 20.07 1.51 -56.17
N ARG A 439 20.91 2.44 -55.71
CA ARG A 439 21.45 2.37 -54.37
C ARG A 439 20.31 2.45 -53.34
N ALA A 440 19.47 3.48 -53.47
CA ALA A 440 18.28 3.65 -52.64
C ALA A 440 17.41 2.41 -52.60
N ASP A 441 17.21 1.78 -53.75
CA ASP A 441 16.42 0.56 -53.80
C ASP A 441 17.02 -0.51 -52.89
N VAL A 442 18.32 -0.76 -53.03
CA VAL A 442 19.05 -1.77 -52.27
C VAL A 442 18.93 -1.49 -50.79
N LEU A 443 19.15 -0.23 -50.44
CA LEU A 443 19.11 0.23 -49.06
C LEU A 443 17.73 0.07 -48.43
N LEU A 444 16.70 0.58 -49.12
CA LEU A 444 15.32 0.52 -48.61
C LEU A 444 14.84 -0.90 -48.42
N ARG A 445 15.31 -1.81 -49.26
CA ARG A 445 15.02 -3.23 -49.13
C ARG A 445 15.59 -3.80 -47.85
N LEU A 446 16.87 -3.54 -47.62
CA LEU A 446 17.57 -4.06 -46.43
C LEU A 446 16.95 -3.51 -45.16
N ALA A 447 16.64 -2.22 -45.17
CA ALA A 447 15.95 -1.59 -44.05
C ALA A 447 14.62 -2.30 -43.82
N TYR A 448 13.82 -2.43 -44.87
CA TYR A 448 12.55 -3.15 -44.77
C TYR A 448 12.74 -4.54 -44.19
N THR A 449 13.73 -5.26 -44.67
CA THR A 449 13.95 -6.61 -44.18
C THR A 449 14.24 -6.65 -42.69
N ARG A 450 14.80 -5.56 -42.17
CA ARG A 450 15.22 -5.51 -40.78
C ARG A 450 14.09 -5.07 -39.85
N LEU A 451 13.32 -4.08 -40.27
CA LEU A 451 12.20 -3.54 -39.50
C LEU A 451 10.90 -4.32 -39.65
N LYS A 452 10.82 -5.10 -40.73
CA LYS A 452 9.64 -5.87 -41.10
C LYS A 452 9.07 -6.68 -39.92
N GLY A 453 9.94 -7.44 -39.26
CA GLY A 453 9.55 -8.26 -38.10
C GLY A 453 8.94 -7.48 -36.95
N TRP A 454 9.38 -6.23 -36.78
CA TRP A 454 8.89 -5.38 -35.70
C TRP A 454 7.40 -5.12 -35.79
N LEU A 455 6.87 -5.17 -37.01
CA LEU A 455 5.48 -4.77 -37.28
C LEU A 455 4.59 -5.93 -37.74
N GLY A 456 5.21 -7.07 -38.00
CA GLY A 456 4.51 -8.25 -38.49
C GLY A 456 4.22 -8.16 -39.98
N LEU A 457 4.86 -7.18 -40.63
CA LEU A 457 4.70 -6.95 -42.06
C LEU A 457 5.19 -8.09 -42.94
N GLU A 458 4.60 -8.18 -44.12
CA GLU A 458 4.96 -9.14 -45.15
C GLU A 458 4.31 -8.66 -46.44
N LEU A 459 4.83 -7.56 -46.98
CA LEU A 459 4.29 -6.97 -48.20
C LEU A 459 4.64 -7.82 -49.41
N SER A 460 3.73 -7.86 -50.39
CA SER A 460 3.95 -8.55 -51.67
C SER A 460 5.18 -7.99 -52.36
N ASP A 461 6.11 -8.88 -52.69
CA ASP A 461 7.16 -8.55 -53.64
C ASP A 461 6.85 -9.27 -54.95
N SER A 462 5.63 -9.79 -55.03
CA SER A 462 5.23 -10.61 -56.18
C SER A 462 5.44 -9.78 -57.45
N SER A 463 4.94 -8.56 -57.36
CA SER A 463 4.99 -7.74 -58.50
C SER A 463 6.48 -7.63 -58.67
N SER A 464 6.93 -7.62 -59.91
CA SER A 464 6.10 -7.35 -61.07
C SER A 464 4.87 -8.22 -61.26
N ASP A 465 5.02 -9.54 -61.17
CA ASP A 465 3.95 -10.43 -61.64
C ASP A 465 2.59 -9.81 -61.43
N PRO A 466 2.36 -9.24 -60.28
CA PRO A 466 1.17 -8.51 -59.84
C PRO A 466 1.43 -7.29 -58.94
N VAL A 467 1.82 -6.17 -59.53
CA VAL A 467 2.09 -5.00 -58.70
C VAL A 467 1.38 -3.71 -59.04
N VAL A 468 0.24 -3.49 -58.37
CA VAL A 468 -0.32 -2.13 -58.34
C VAL A 468 0.63 -1.19 -57.56
N LYS A 469 1.52 -0.51 -58.28
CA LYS A 469 2.36 0.54 -57.70
C LYS A 469 1.49 1.75 -57.30
N VAL A 470 1.02 1.73 -56.06
CA VAL A 470 -0.01 2.66 -55.57
C VAL A 470 0.55 3.89 -54.85
N ASP A 471 -0.09 5.03 -55.11
CA ASP A 471 0.19 6.29 -54.43
C ASP A 471 -0.69 6.47 -53.21
N ASP A 472 -0.15 7.16 -52.21
CA ASP A 472 -0.84 7.40 -50.94
C ASP A 472 -2.10 8.19 -51.17
N VAL A 473 -2.24 8.78 -52.34
CA VAL A 473 -3.45 9.52 -52.66
C VAL A 473 -4.25 8.73 -53.67
N GLU A 474 -5.54 8.55 -53.43
CA GLU A 474 -6.40 7.86 -54.39
C GLU A 474 -6.26 6.34 -54.28
N GLU B 7 -4.00 39.73 26.54
CA GLU B 7 -3.79 38.38 27.11
C GLU B 7 -2.49 37.80 26.60
N PRO B 8 -1.74 37.12 27.49
CA PRO B 8 -0.45 36.53 27.17
C PRO B 8 -0.55 35.44 26.12
N LEU B 9 0.42 35.40 25.21
CA LEU B 9 0.45 34.42 24.15
C LEU B 9 0.73 33.02 24.72
N THR B 10 -0.11 32.05 24.40
CA THR B 10 0.05 30.67 24.90
C THR B 10 1.25 29.98 24.26
N ALA B 11 1.81 29.00 24.97
CA ALA B 11 2.99 28.28 24.49
C ALA B 11 2.67 27.54 23.20
N PHE B 12 1.39 27.52 22.85
CA PHE B 12 1.02 26.90 21.60
C PHE B 12 1.23 27.82 20.41
N GLU B 13 0.69 29.04 20.46
CA GLU B 13 0.91 29.98 19.36
C GLU B 13 2.39 30.33 19.18
N THR B 14 3.17 30.32 20.27
CA THR B 14 4.61 30.53 20.19
C THR B 14 5.31 29.39 19.45
N PHE B 15 4.66 28.22 19.44
CA PHE B 15 5.21 27.05 18.77
C PHE B 15 4.89 26.96 17.27
N LEU B 16 3.89 27.72 16.81
CA LEU B 16 3.50 27.70 15.40
C LEU B 16 4.51 28.35 14.47
N PRO B 17 4.97 29.58 14.79
CA PRO B 17 6.09 30.14 14.05
C PRO B 17 7.24 29.14 13.95
N ARG B 18 7.52 28.46 15.06
CA ARG B 18 8.59 27.46 15.14
C ARG B 18 8.30 26.24 14.27
N VAL B 19 7.00 25.97 14.06
CA VAL B 19 6.59 24.85 13.23
C VAL B 19 6.51 25.28 11.76
N VAL B 20 6.79 26.55 11.52
CA VAL B 20 6.76 27.15 10.17
C VAL B 20 8.17 27.44 9.66
N MET B 21 9.06 27.95 10.50
CA MET B 21 10.49 28.02 10.18
C MET B 21 11.10 26.64 9.90
N ALA B 22 10.34 25.59 10.22
CA ALA B 22 10.84 24.20 10.26
C ALA B 22 10.38 23.30 9.08
N GLU B 23 9.76 23.92 8.09
CA GLU B 23 9.32 23.25 6.92
C GLU B 23 9.96 23.83 5.70
N LYS B 24 11.05 24.59 5.85
CA LYS B 24 11.56 25.35 4.75
C LYS B 24 10.35 26.14 4.33
N ILE B 25 10.01 26.09 3.05
CA ILE B 25 8.70 26.58 2.63
C ILE B 25 8.00 25.48 1.90
N GLN B 26 6.76 25.18 2.29
CA GLN B 26 5.98 24.25 1.53
C GLN B 26 5.90 24.96 0.18
N ASP B 27 5.72 26.27 0.23
CA ASP B 27 5.43 26.90 1.51
C ASP B 27 4.06 26.34 1.92
N TYR B 28 3.87 26.16 3.22
CA TYR B 28 2.61 25.64 3.74
C TYR B 28 1.44 26.60 3.47
N GLN B 29 0.20 26.23 3.65
CA GLN B 29 -0.27 25.03 4.34
C GLN B 29 0.10 23.67 3.80
N ASP B 30 0.12 23.53 2.47
CA ASP B 30 -0.08 22.30 1.78
C ASP B 30 0.78 21.29 2.46
N SER B 31 1.79 21.78 3.17
CA SER B 31 2.61 20.93 4.00
C SER B 31 1.76 20.17 5.01
N ASP B 32 2.18 18.97 5.37
CA ASP B 32 1.42 18.12 6.26
C ASP B 32 1.20 18.71 7.63
N ALA B 33 2.22 19.31 8.21
CA ALA B 33 2.04 19.83 9.54
C ALA B 33 0.72 20.62 9.54
N HIS B 34 0.50 21.42 8.49
CA HIS B 34 -0.65 22.33 8.45
C HIS B 34 -2.01 21.70 8.32
N GLU B 35 -2.05 20.37 8.33
CA GLU B 35 -3.30 19.61 8.44
C GLU B 35 -3.43 18.98 9.81
N TYR B 36 -2.32 18.46 10.33
CA TYR B 36 -2.26 17.99 11.70
C TYR B 36 -2.40 19.18 12.62
N MET B 37 -1.78 20.27 12.23
CA MET B 37 -1.70 21.43 13.09
C MET B 37 -3.01 22.17 13.05
N LYS B 38 -3.77 21.96 11.99
CA LYS B 38 -5.04 22.62 11.81
C LYS B 38 -5.99 21.92 12.71
N ALA B 39 -5.84 20.60 12.81
CA ALA B 39 -6.72 19.82 13.68
C ALA B 39 -6.61 20.25 15.12
N VAL B 40 -5.38 20.45 15.60
CA VAL B 40 -5.14 20.83 16.98
C VAL B 40 -5.72 22.22 17.24
N GLN B 41 -5.51 23.13 16.29
CA GLN B 41 -6.14 24.43 16.31
C GLN B 41 -7.65 24.28 16.45
N GLY B 42 -8.21 23.30 15.73
CA GLY B 42 -9.64 23.03 15.76
C GLY B 42 -10.11 22.85 17.17
N TYR B 43 -9.40 21.98 17.90
CA TYR B 43 -9.69 21.71 19.30
C TYR B 43 -9.55 22.94 20.20
N LEU B 44 -8.52 23.76 20.00
CA LEU B 44 -8.31 24.88 20.90
C LEU B 44 -9.31 26.00 20.66
N ASP B 45 -9.75 26.16 19.41
CA ASP B 45 -10.73 27.20 19.02
C ASP B 45 -12.02 27.08 19.82
N ARG B 46 -12.19 25.93 20.43
CA ARG B 46 -13.34 25.59 21.24
C ARG B 46 -13.40 26.36 22.55
N PHE B 47 -12.28 26.99 22.92
CA PHE B 47 -12.15 27.66 24.20
C PHE B 47 -12.02 29.16 24.07
N ALA B 48 -12.75 29.88 24.93
CA ALA B 48 -12.79 31.33 24.91
C ALA B 48 -11.46 31.96 25.34
N VAL B 49 -11.09 33.02 24.62
CA VAL B 49 -9.89 33.81 24.89
C VAL B 49 -9.86 34.22 26.35
N GLY B 50 -8.67 34.14 26.95
CA GLY B 50 -8.52 34.35 28.38
C GLY B 50 -8.10 33.09 29.09
N ASP B 51 -8.69 32.83 30.26
CA ASP B 51 -8.20 31.69 31.08
C ASP B 51 -8.54 30.35 30.43
N ARG B 52 -9.75 30.20 29.91
CA ARG B 52 -10.17 28.91 29.38
C ARG B 52 -9.23 28.45 28.28
N LEU B 53 -8.83 29.39 27.41
CA LEU B 53 -7.88 29.10 26.35
C LEU B 53 -6.50 28.79 26.91
N GLN B 54 -6.06 29.59 27.90
CA GLN B 54 -4.80 29.36 28.60
C GLN B 54 -4.74 27.98 29.26
N ASN B 55 -5.72 27.70 30.12
CA ASN B 55 -5.80 26.44 30.86
C ASN B 55 -5.83 25.22 29.96
N ALA B 56 -6.69 25.27 28.96
CA ALA B 56 -6.85 24.19 27.99
C ALA B 56 -5.55 23.90 27.25
N THR B 57 -4.86 24.96 26.82
CA THR B 57 -3.59 24.81 26.10
C THR B 57 -2.49 24.22 26.99
N ARG B 58 -2.26 24.82 28.16
CA ARG B 58 -1.23 24.29 29.06
C ARG B 58 -1.49 22.84 29.51
N ASP B 59 -2.75 22.45 29.65
CA ASP B 59 -3.10 21.07 30.02
C ASP B 59 -2.90 20.09 28.86
N LEU B 60 -3.14 20.57 27.64
CA LEU B 60 -2.88 19.79 26.44
C LEU B 60 -1.39 19.51 26.30
N LEU B 61 -0.60 20.55 26.56
CA LEU B 61 0.87 20.45 26.51
C LEU B 61 1.44 19.54 27.60
N VAL B 62 0.90 19.64 28.82
CA VAL B 62 1.33 18.80 29.94
C VAL B 62 1.24 17.30 29.60
N THR B 63 0.07 16.87 29.13
CA THR B 63 -0.17 15.46 28.80
C THR B 63 0.66 15.06 27.60
N PHE B 64 0.83 16.02 26.68
CA PHE B 64 1.71 15.85 25.54
C PHE B 64 3.13 15.47 25.96
N ALA B 65 3.66 16.18 26.95
CA ALA B 65 5.00 15.92 27.44
C ALA B 65 5.11 14.49 28.00
N LEU B 66 4.15 14.11 28.85
CA LEU B 66 4.06 12.74 29.37
C LEU B 66 4.02 11.74 28.24
N ALA B 67 3.31 12.08 27.18
CA ALA B 67 3.13 11.12 26.10
C ALA B 67 4.34 11.01 25.15
N GLU B 68 5.05 12.10 24.92
CA GLU B 68 6.27 12.05 24.06
C GLU B 68 7.48 11.59 24.85
N THR B 69 7.59 12.05 26.09
CA THR B 69 8.61 11.60 27.03
C THR B 69 7.93 11.59 28.37
N GLY B 70 8.41 10.82 29.34
CA GLY B 70 7.80 10.90 30.67
C GLY B 70 7.89 12.38 30.89
N GLU B 71 6.86 13.04 31.38
CA GLU B 71 6.80 14.49 31.19
C GLU B 71 6.98 15.32 32.43
N LYS B 72 5.90 15.45 33.19
CA LYS B 72 5.93 16.32 34.33
C LYS B 72 6.33 17.71 33.88
N LEU B 73 5.86 18.13 32.72
CA LEU B 73 6.09 19.51 32.32
C LEU B 73 5.22 20.39 33.20
N SER B 74 5.81 21.45 33.76
CA SER B 74 5.10 22.32 34.70
C SER B 74 4.01 23.13 34.03
N LYS B 75 3.21 23.83 34.83
CA LYS B 75 2.09 24.62 34.36
C LYS B 75 2.53 25.98 33.83
N ARG B 76 3.66 26.47 34.36
CA ARG B 76 4.21 27.77 33.98
C ARG B 76 4.55 27.87 32.49
N LEU B 77 4.25 29.02 31.91
CA LEU B 77 4.31 29.26 30.46
C LEU B 77 5.72 29.23 29.85
N PRO B 78 6.69 29.98 30.42
CA PRO B 78 8.06 30.00 29.88
C PRO B 78 8.68 28.62 29.78
N ASP B 79 8.32 27.75 30.74
CA ASP B 79 8.80 26.38 30.78
C ASP B 79 8.21 25.54 29.65
N GLN B 80 7.00 25.88 29.22
CA GLN B 80 6.35 25.20 28.11
C GLN B 80 6.87 25.70 26.77
N ARG B 81 7.16 27.00 26.67
CA ARG B 81 7.72 27.56 25.44
C ARG B 81 8.97 26.78 25.02
N VAL B 82 9.75 26.40 26.03
CA VAL B 82 10.79 25.40 25.87
C VAL B 82 10.12 24.05 25.82
N TYR B 83 10.89 23.00 25.62
CA TYR B 83 10.35 21.65 25.48
C TYR B 83 9.70 21.50 24.13
N MET B 84 8.76 22.37 23.82
CA MET B 84 8.22 22.41 22.49
C MET B 84 9.40 22.71 21.59
N ARG B 85 10.21 23.68 22.00
CA ARG B 85 11.40 24.04 21.25
C ARG B 85 12.39 22.87 21.26
N ASP B 86 12.76 22.46 22.48
CA ASP B 86 13.70 21.37 22.75
C ASP B 86 13.59 20.13 21.91
N THR B 87 12.34 19.72 21.71
CA THR B 87 12.06 18.40 21.23
C THR B 87 11.56 18.45 19.78
N PHE B 88 11.50 19.66 19.23
CA PHE B 88 11.28 19.82 17.80
C PHE B 88 12.60 19.87 17.05
N GLU B 89 13.56 20.62 17.61
CA GLU B 89 14.97 20.61 17.20
C GLU B 89 15.55 19.19 17.13
N ARG B 90 15.04 18.28 17.96
CA ARG B 90 15.40 16.85 17.89
C ARG B 90 15.06 16.24 16.53
N HIS B 91 14.10 16.86 15.83
CA HIS B 91 13.59 16.37 14.56
C HIS B 91 13.75 17.41 13.47
N LYS B 92 14.84 18.19 13.57
CA LYS B 92 15.22 19.17 12.56
C LYS B 92 15.57 18.49 11.25
N ASP B 93 16.35 17.41 11.34
CA ASP B 93 16.91 16.71 10.19
C ASP B 93 15.84 15.98 9.37
N SER B 94 15.23 14.97 9.99
CA SER B 94 14.32 14.06 9.30
C SER B 94 12.96 14.67 8.97
N ALA B 95 12.48 14.41 7.76
CA ALA B 95 11.18 14.92 7.33
C ALA B 95 10.05 14.17 8.01
N ASP B 96 10.12 12.84 7.93
CA ASP B 96 9.07 11.95 8.44
C ASP B 96 8.97 11.96 9.96
N ASP B 97 10.06 12.34 10.61
CA ASP B 97 10.13 12.29 12.06
C ASP B 97 9.65 13.56 12.76
N ARG B 98 9.74 14.70 12.08
CA ARG B 98 9.04 15.89 12.57
C ARG B 98 7.59 15.82 12.09
N SER B 99 7.28 14.77 11.34
CA SER B 99 5.92 14.52 10.90
C SER B 99 5.15 13.65 11.90
N ALA B 100 5.72 12.51 12.27
CA ALA B 100 5.16 11.62 13.29
C ALA B 100 5.01 12.30 14.64
N TYR B 101 5.96 13.18 14.97
CA TYR B 101 5.91 13.96 16.19
C TYR B 101 4.65 14.84 16.21
N LEU B 102 4.43 15.56 15.12
CA LEU B 102 3.28 16.46 15.05
C LEU B 102 1.97 15.67 15.01
N ARG B 103 2.01 14.52 14.34
CA ARG B 103 0.91 13.54 14.33
C ARG B 103 0.52 13.18 15.75
N HIS B 104 1.52 13.09 16.62
CA HIS B 104 1.34 12.70 18.00
C HIS B 104 0.61 13.76 18.76
N LEU B 105 0.95 15.02 18.50
CA LEU B 105 0.27 16.16 19.09
C LEU B 105 -1.18 16.27 18.61
N ARG B 106 -1.41 15.95 17.34
CA ARG B 106 -2.76 15.90 16.79
C ARG B 106 -3.54 14.86 17.53
N ASP B 107 -2.92 13.71 17.75
CA ASP B 107 -3.59 12.59 18.37
C ASP B 107 -4.00 12.85 19.81
N THR B 108 -3.18 13.60 20.55
CA THR B 108 -3.51 13.91 21.95
C THR B 108 -4.64 14.94 22.03
N ALA B 109 -4.64 15.92 21.13
CA ALA B 109 -5.75 16.86 21.08
C ALA B 109 -7.02 16.15 20.60
N ALA B 110 -6.91 15.34 19.56
CA ALA B 110 -8.03 14.52 19.10
C ALA B 110 -8.65 13.76 20.26
N PHE B 111 -7.81 13.12 21.06
CA PHE B 111 -8.28 12.25 22.12
C PHE B 111 -8.92 13.05 23.27
N ILE B 112 -8.26 14.10 23.71
CA ILE B 112 -8.78 14.92 24.81
C ILE B 112 -10.12 15.53 24.44
N GLY B 113 -10.23 15.95 23.19
CA GLY B 113 -11.39 16.67 22.71
C GLY B 113 -12.57 15.77 22.40
N ASN B 114 -12.32 14.56 21.93
CA ASN B 114 -13.43 13.71 21.53
C ASN B 114 -13.68 12.53 22.44
N ALA B 115 -12.60 11.90 22.88
CA ALA B 115 -12.71 10.74 23.76
C ALA B 115 -12.84 11.10 25.24
N TRP B 116 -12.09 12.10 25.69
CA TRP B 116 -12.07 12.46 27.11
C TRP B 116 -13.15 13.44 27.46
N GLU B 117 -13.12 14.62 26.84
CA GLU B 117 -14.11 15.65 27.13
C GLU B 117 -14.78 16.08 25.85
N PRO B 118 -15.76 15.30 25.37
CA PRO B 118 -16.38 15.64 24.09
C PRO B 118 -17.09 16.99 24.15
N ALA B 119 -17.37 17.55 22.98
CA ALA B 119 -18.03 18.85 22.85
C ALA B 119 -19.45 18.75 23.34
N ASN B 120 -20.06 19.92 23.54
CA ASN B 120 -21.23 20.06 24.37
C ASN B 120 -22.34 19.03 24.23
N ASN B 121 -22.72 18.69 23.01
CA ASN B 121 -23.77 17.69 22.88
C ASN B 121 -23.38 16.38 22.20
N SER B 122 -22.11 16.28 21.80
CA SER B 122 -21.65 15.13 21.02
C SER B 122 -21.37 13.93 21.90
N PRO B 123 -21.36 12.72 21.32
CA PRO B 123 -20.96 11.57 22.12
C PRO B 123 -19.44 11.51 22.29
N ARG B 124 -18.94 10.42 22.85
CA ARG B 124 -17.50 10.21 22.93
C ARG B 124 -17.07 9.42 21.72
N ALA B 125 -15.89 9.73 21.20
CA ALA B 125 -15.42 9.13 19.95
C ALA B 125 -13.91 9.01 19.89
N LEU B 126 -13.45 8.06 19.08
CA LEU B 126 -12.05 7.93 18.76
C LEU B 126 -11.83 8.27 17.28
N PRO B 127 -11.62 9.57 16.98
CA PRO B 127 -11.42 10.05 15.61
C PRO B 127 -10.51 9.11 14.79
N GLY B 128 -10.98 8.68 13.63
CA GLY B 128 -10.18 7.81 12.77
C GLY B 128 -10.42 6.34 13.03
N LEU B 129 -10.96 6.03 14.20
CA LEU B 129 -11.38 4.68 14.53
C LEU B 129 -12.89 4.60 14.39
N GLU B 130 -13.39 3.43 13.97
CA GLU B 130 -14.83 3.23 13.78
C GLU B 130 -15.59 3.36 15.10
N ALA B 131 -16.91 3.38 15.04
CA ALA B 131 -17.75 3.38 16.24
C ALA B 131 -17.73 2.03 16.95
N SER B 132 -17.39 0.96 16.25
CA SER B 132 -17.24 -0.35 16.89
C SER B 132 -16.17 -0.30 18.00
N ALA B 133 -15.09 0.41 17.74
CA ALA B 133 -14.00 0.62 18.71
C ALA B 133 -14.51 1.21 20.02
N MET B 134 -15.67 1.86 19.94
CA MET B 134 -16.23 2.62 21.04
C MET B 134 -17.11 1.71 21.89
N THR B 135 -16.54 0.55 22.18
CA THR B 135 -17.21 -0.53 22.88
C THR B 135 -17.75 -0.11 24.26
N ASP B 136 -18.63 -0.94 24.83
CA ASP B 136 -19.29 -0.64 26.11
C ASP B 136 -18.28 -0.42 27.24
N THR B 137 -17.29 -1.30 27.33
CA THR B 137 -16.29 -1.17 28.37
C THR B 137 -15.44 0.09 28.20
N VAL B 138 -15.07 0.38 26.97
CA VAL B 138 -14.31 1.59 26.68
C VAL B 138 -15.09 2.83 27.12
N LYS B 139 -16.39 2.78 26.88
CA LYS B 139 -17.30 3.89 27.16
C LYS B 139 -17.47 4.09 28.67
N LEU B 140 -17.54 2.98 29.40
CA LEU B 140 -17.67 2.97 30.86
C LEU B 140 -16.41 3.44 31.58
N CYS B 141 -15.24 3.03 31.09
CA CYS B 141 -13.96 3.45 31.65
C CYS B 141 -13.66 4.91 31.38
N LEU B 142 -13.86 5.35 30.15
CA LEU B 142 -13.69 6.76 29.83
C LEU B 142 -14.57 7.60 30.75
N ALA B 143 -15.85 7.23 30.85
CA ALA B 143 -16.81 7.93 31.70
C ALA B 143 -16.33 7.98 33.15
N PHE B 144 -15.92 6.83 33.69
CA PHE B 144 -15.43 6.78 35.06
C PHE B 144 -14.14 7.59 35.29
N LEU B 145 -13.13 7.37 34.45
CA LEU B 145 -11.85 8.06 34.62
C LEU B 145 -12.04 9.56 34.59
N ASN B 146 -12.92 10.01 33.70
CA ASN B 146 -13.24 11.41 33.58
C ASN B 146 -13.89 11.93 34.83
N SER B 147 -14.79 11.13 35.40
CA SER B 147 -15.52 11.50 36.58
C SER B 147 -14.59 11.65 37.76
N LEU B 148 -13.60 10.76 37.80
CA LEU B 148 -12.57 10.77 38.82
C LEU B 148 -11.57 11.92 38.60
N LYS B 149 -11.61 12.52 37.42
CA LYS B 149 -10.71 13.63 37.05
C LYS B 149 -9.26 13.14 36.93
N HIS B 150 -9.11 11.90 36.49
CA HIS B 150 -7.83 11.20 36.40
C HIS B 150 -7.10 11.55 35.12
N THR B 151 -6.81 12.84 34.95
CA THR B 151 -6.20 13.35 33.71
C THR B 151 -4.88 12.66 33.36
N ILE B 152 -4.17 12.19 34.37
CA ILE B 152 -2.90 11.49 34.19
C ILE B 152 -3.04 10.25 33.30
N ALA B 153 -4.25 9.70 33.24
CA ALA B 153 -4.47 8.50 32.44
C ALA B 153 -4.55 8.81 30.95
N ILE B 154 -4.69 10.10 30.61
CA ILE B 154 -4.77 10.53 29.22
C ILE B 154 -3.51 10.13 28.43
N ALA B 155 -2.33 10.51 28.96
CA ALA B 155 -1.05 10.19 28.33
C ALA B 155 -0.89 8.73 27.90
N PRO B 156 -1.04 7.74 28.82
CA PRO B 156 -0.92 6.37 28.34
C PRO B 156 -1.97 6.00 27.31
N LEU B 157 -3.15 6.59 27.42
CA LEU B 157 -4.27 6.22 26.56
C LEU B 157 -4.09 6.72 25.13
N VAL B 158 -3.64 7.96 25.00
CA VAL B 158 -3.31 8.56 23.70
C VAL B 158 -2.35 7.66 22.94
N ARG B 159 -1.40 7.09 23.66
CA ARG B 159 -0.36 6.26 23.09
C ARG B 159 -0.94 5.06 22.33
N PHE B 160 -1.97 4.43 22.90
CA PHE B 160 -2.61 3.25 22.31
C PHE B 160 -3.60 3.64 21.23
N TYR B 161 -4.16 4.82 21.39
CA TYR B 161 -5.06 5.40 20.41
C TYR B 161 -4.23 5.73 19.18
N SER B 162 -3.15 6.48 19.41
CA SER B 162 -2.27 6.94 18.34
C SER B 162 -1.86 5.79 17.44
N GLU B 163 -1.47 4.69 18.09
CA GLU B 163 -1.04 3.49 17.39
C GLU B 163 -2.18 2.79 16.66
N ALA B 164 -3.40 2.94 17.15
CA ALA B 164 -4.54 2.28 16.52
C ALA B 164 -4.92 3.01 15.23
N VAL B 165 -4.83 4.34 15.28
CA VAL B 165 -5.08 5.18 14.13
C VAL B 165 -4.04 4.90 13.05
N HIS B 166 -2.78 5.11 13.39
CA HIS B 166 -1.67 4.99 12.44
C HIS B 166 -1.57 3.64 11.77
N ALA B 167 -2.16 2.61 12.38
CA ALA B 167 -2.09 1.22 11.88
C ALA B 167 -2.87 0.96 10.59
N ASP B 168 -2.33 0.11 9.74
CA ASP B 168 -2.98 -0.27 8.48
C ASP B 168 -4.37 -0.83 8.73
N GLU B 169 -5.29 -0.55 7.81
CA GLU B 169 -6.67 -1.04 7.89
C GLU B 169 -6.74 -2.56 7.98
N GLY B 170 -7.87 -3.04 8.48
CA GLY B 170 -8.14 -4.47 8.55
C GLY B 170 -7.54 -5.09 9.79
N GLU B 171 -6.67 -6.08 9.59
CA GLU B 171 -6.10 -6.86 10.69
C GLU B 171 -5.30 -6.00 11.66
N ALA B 172 -4.41 -5.17 11.12
CA ALA B 172 -3.53 -4.33 11.94
C ALA B 172 -4.31 -3.38 12.87
N ARG B 173 -5.27 -2.65 12.31
CA ARG B 173 -6.11 -1.72 13.06
C ARG B 173 -6.85 -2.40 14.21
N GLU B 174 -7.50 -3.52 13.90
CA GLU B 174 -8.31 -4.27 14.86
C GLU B 174 -7.49 -4.79 16.04
N LYS B 175 -6.28 -5.27 15.74
CA LYS B 175 -5.39 -5.79 16.75
C LYS B 175 -5.07 -4.66 17.73
N ARG B 176 -4.76 -3.49 17.19
CA ARG B 176 -4.38 -2.33 18.01
C ARG B 176 -5.58 -1.73 18.73
N VAL B 177 -6.78 -1.93 18.18
CA VAL B 177 -8.01 -1.45 18.79
C VAL B 177 -8.33 -2.32 19.99
N ALA B 178 -8.30 -3.64 19.82
CA ALA B 178 -8.49 -4.57 20.92
C ALA B 178 -7.45 -4.32 22.02
N GLU B 179 -6.22 -4.05 21.62
CA GLU B 179 -5.18 -3.68 22.58
C GLU B 179 -5.58 -2.40 23.33
N PHE B 180 -6.19 -1.44 22.63
CA PHE B 180 -6.64 -0.22 23.33
C PHE B 180 -7.63 -0.51 24.45
N GLU B 181 -8.54 -1.47 24.24
CA GLU B 181 -9.50 -1.84 25.27
C GLU B 181 -8.77 -2.53 26.44
N LYS B 182 -7.90 -3.49 26.12
CA LYS B 182 -7.08 -4.16 27.12
C LYS B 182 -6.37 -3.13 27.99
N ALA B 183 -5.77 -2.14 27.33
CA ALA B 183 -5.07 -1.05 27.98
C ALA B 183 -5.99 -0.25 28.92
N ILE B 184 -7.18 0.10 28.46
CA ILE B 184 -8.12 0.95 29.22
C ILE B 184 -8.61 0.25 30.48
N LYS B 185 -8.95 -1.03 30.34
CA LYS B 185 -9.29 -1.90 31.45
C LYS B 185 -8.17 -1.95 32.49
N ALA B 186 -6.96 -2.29 32.05
CA ALA B 186 -5.82 -2.38 32.94
C ALA B 186 -5.57 -1.07 33.70
N ILE B 187 -5.57 0.05 32.99
CA ILE B 187 -5.40 1.36 33.62
C ILE B 187 -6.46 1.59 34.68
N THR B 188 -7.70 1.26 34.35
CA THR B 188 -8.85 1.55 35.19
C THR B 188 -8.84 0.68 36.44
N ALA B 189 -8.71 -0.63 36.25
CA ALA B 189 -8.61 -1.58 37.36
C ALA B 189 -7.46 -1.21 38.31
N PHE B 190 -6.26 -1.01 37.75
CA PHE B 190 -5.14 -0.53 38.54
C PHE B 190 -5.51 0.71 39.36
N THR B 191 -6.12 1.72 38.70
CA THR B 191 -6.46 2.95 39.41
C THR B 191 -7.50 2.71 40.51
N VAL B 192 -8.52 1.91 40.20
CA VAL B 192 -9.56 1.58 41.17
C VAL B 192 -8.96 0.87 42.39
N PHE B 193 -8.18 -0.18 42.15
CA PHE B 193 -7.58 -0.93 43.24
C PHE B 193 -6.69 -0.07 44.13
N TRP B 194 -5.86 0.77 43.51
CA TRP B 194 -4.89 1.62 44.20
C TRP B 194 -5.60 2.63 45.08
N ARG B 195 -6.71 3.12 44.56
CA ARG B 195 -7.37 4.26 45.10
C ARG B 195 -8.37 3.84 46.18
N ALA B 196 -8.93 2.63 46.01
CA ALA B 196 -9.87 2.05 46.97
C ALA B 196 -9.16 1.66 48.26
N THR B 197 -7.84 1.55 48.19
CA THR B 197 -7.11 0.81 49.18
C THR B 197 -6.22 1.76 49.99
N ARG B 198 -6.27 3.03 49.59
CA ARG B 198 -5.46 4.11 50.15
C ARG B 198 -6.32 5.25 50.60
N ARG B 199 -5.84 6.02 51.57
CA ARG B 199 -6.62 7.13 52.13
C ARG B 199 -6.75 8.34 51.19
N GLY B 200 -5.63 8.90 50.76
CA GLY B 200 -5.65 10.00 49.78
C GLY B 200 -5.46 9.47 48.38
N THR B 201 -4.96 10.32 47.48
CA THR B 201 -4.61 9.89 46.13
C THR B 201 -3.36 9.02 46.17
N GLY B 202 -2.65 9.07 47.30
CA GLY B 202 -1.42 8.32 47.51
C GLY B 202 -0.38 8.47 46.40
N ASN B 203 -0.41 9.61 45.72
CA ASN B 203 0.34 9.87 44.47
C ASN B 203 0.37 8.74 43.41
N ILE B 204 -0.81 8.38 42.91
CA ILE B 204 -0.90 7.46 41.77
C ILE B 204 -0.14 8.04 40.57
N ASP B 205 -0.24 9.34 40.40
CA ASP B 205 0.27 10.02 39.21
C ASP B 205 1.71 9.64 38.98
N SER B 206 2.47 9.73 40.07
CA SER B 206 3.88 9.40 40.12
C SER B 206 4.15 8.01 39.55
N GLN B 207 3.23 7.08 39.81
CA GLN B 207 3.35 5.73 39.27
C GLN B 207 3.24 5.76 37.74
N TYR B 208 2.22 6.45 37.22
CA TYR B 208 1.96 6.50 35.78
C TYR B 208 3.12 7.12 35.01
N ARG B 209 3.60 8.26 35.52
CA ARG B 209 4.76 8.93 34.91
C ARG B 209 5.96 7.98 34.82
N ALA B 210 6.18 7.21 35.88
CA ALA B 210 7.27 6.24 35.95
C ALA B 210 7.11 5.17 34.86
N VAL B 211 5.88 4.74 34.65
CA VAL B 211 5.55 3.79 33.59
C VAL B 211 5.84 4.41 32.21
N MET B 212 5.40 5.64 32.00
CA MET B 212 5.62 6.34 30.73
C MET B 212 7.11 6.49 30.42
N ALA B 213 7.82 7.04 31.38
CA ALA B 213 9.25 7.25 31.30
C ALA B 213 10.01 5.95 31.27
N GLY B 214 9.46 4.97 31.99
CA GLY B 214 10.20 3.76 32.29
C GLY B 214 10.95 4.01 33.56
N ALA B 215 11.74 3.08 34.03
CA ALA B 215 12.49 3.30 35.26
C ALA B 215 11.71 2.64 36.36
N ASP B 216 12.41 2.06 37.31
CA ASP B 216 11.75 1.41 38.43
C ASP B 216 10.77 0.45 37.82
N SER B 217 11.16 -0.16 36.70
CA SER B 217 10.26 -1.03 36.02
C SER B 217 10.31 -2.32 36.76
N LEU B 218 9.20 -2.73 37.33
CA LEU B 218 9.20 -4.00 38.03
C LEU B 218 9.35 -5.13 37.04
N THR B 219 8.70 -5.00 35.89
CA THR B 219 8.89 -5.99 34.84
C THR B 219 10.04 -5.55 33.93
N GLY B 220 10.47 -6.42 33.04
CA GLY B 220 11.56 -6.10 32.12
C GLY B 220 11.25 -4.91 31.21
N ILE B 221 9.99 -4.45 31.26
CA ILE B 221 9.43 -3.49 30.30
C ILE B 221 10.01 -2.06 30.34
N GLY B 222 10.17 -1.49 29.15
CA GLY B 222 10.72 -0.14 28.96
C GLY B 222 9.67 0.95 28.77
N PRO B 223 10.08 2.11 28.22
CA PRO B 223 9.23 3.28 28.31
C PRO B 223 7.94 3.12 27.54
N LEU B 224 6.93 3.92 27.88
CA LEU B 224 5.65 3.88 27.18
C LEU B 224 5.43 5.12 26.31
N ALA B 225 6.18 6.19 26.59
CA ALA B 225 6.18 7.39 25.77
C ALA B 225 6.69 7.12 24.36
N ARG B 226 6.52 8.09 23.46
CA ARG B 226 6.88 7.92 22.05
C ARG B 226 8.39 7.87 21.89
N GLN B 227 9.08 8.74 22.63
CA GLN B 227 10.52 8.92 22.49
C GLN B 227 11.23 8.88 23.84
N TRP B 228 12.55 8.79 23.81
CA TRP B 228 13.38 8.77 25.02
C TRP B 228 13.69 10.16 25.51
N ALA B 229 13.60 10.33 26.83
CA ALA B 229 13.87 11.60 27.50
C ALA B 229 15.30 12.05 27.28
N GLU B 230 16.21 11.06 27.26
CA GLU B 230 17.59 11.25 26.85
C GLU B 230 17.64 11.19 25.32
N PRO B 231 17.78 12.38 24.67
CA PRO B 231 17.67 12.51 23.21
C PRO B 231 18.79 11.82 22.42
N ASP B 232 18.41 10.74 21.74
CA ASP B 232 19.28 9.91 20.89
C ASP B 232 18.76 8.47 20.89
N ALA B 233 19.07 7.73 19.85
CA ALA B 233 18.47 6.40 19.68
C ALA B 233 19.47 5.30 19.36
N THR B 234 19.38 4.22 20.14
CA THR B 234 20.06 2.97 19.83
C THR B 234 19.07 1.82 19.73
N LYS B 235 17.94 1.93 20.43
CA LYS B 235 16.90 0.90 20.43
C LYS B 235 15.48 1.46 20.30
N PRO B 236 14.57 0.66 19.72
CA PRO B 236 13.15 1.04 19.54
C PRO B 236 12.37 1.11 20.86
N ASP B 237 11.24 1.82 20.87
CA ASP B 237 10.36 1.87 22.05
C ASP B 237 8.94 1.37 21.73
N PRO B 238 8.43 0.48 22.57
CA PRO B 238 7.21 -0.21 22.15
C PRO B 238 6.05 0.05 23.08
N ASP B 239 4.92 0.43 22.49
CA ASP B 239 3.70 0.62 23.21
C ASP B 239 2.96 -0.71 23.22
N VAL B 240 3.33 -1.62 24.12
CA VAL B 240 2.67 -2.93 24.17
C VAL B 240 1.95 -3.12 25.48
N ASP B 241 0.72 -3.61 25.40
CA ASP B 241 -0.13 -3.74 26.59
C ASP B 241 -0.52 -5.16 27.03
N ALA B 242 -0.28 -6.16 26.18
CA ALA B 242 -0.86 -7.50 26.37
C ALA B 242 -0.45 -8.10 27.71
N GLU B 243 0.78 -7.88 28.08
CA GLU B 243 1.16 -8.11 29.44
C GLU B 243 1.83 -6.86 29.93
N ALA B 244 2.46 -6.14 29.00
CA ALA B 244 3.45 -5.17 29.41
C ALA B 244 2.86 -4.15 30.34
N LEU B 245 1.77 -3.52 29.93
CA LEU B 245 1.10 -2.57 30.78
C LEU B 245 0.48 -3.33 31.92
N LYS B 246 -0.10 -4.48 31.59
CA LYS B 246 -0.88 -5.25 32.54
C LYS B 246 -0.02 -5.77 33.68
N LYS B 247 0.99 -6.56 33.33
CA LYS B 247 1.92 -7.11 34.32
C LYS B 247 2.66 -6.01 35.09
N GLU B 248 3.10 -4.95 34.40
CA GLU B 248 3.83 -3.87 35.07
C GLU B 248 2.96 -3.21 36.14
N LEU B 249 1.71 -2.95 35.78
CA LEU B 249 0.76 -2.31 36.68
C LEU B 249 0.33 -3.27 37.78
N ALA B 250 0.04 -4.51 37.38
CA ALA B 250 -0.24 -5.59 38.32
C ALA B 250 0.82 -5.62 39.42
N ALA B 251 2.09 -5.62 39.01
CA ALA B 251 3.21 -5.65 39.97
C ALA B 251 3.30 -4.39 40.81
N ARG B 252 3.13 -3.23 40.19
CA ARG B 252 3.26 -1.98 40.95
C ARG B 252 2.30 -1.90 42.14
N LEU B 253 1.20 -2.64 42.05
CA LEU B 253 0.18 -2.64 43.09
C LEU B 253 0.49 -3.70 44.12
N SER B 254 1.03 -4.82 43.66
CA SER B 254 0.89 -6.09 44.33
C SER B 254 2.21 -6.80 44.66
N ASP B 255 3.32 -6.12 44.41
CA ASP B 255 4.63 -6.70 44.56
C ASP B 255 5.34 -6.04 45.74
N PRO B 256 6.01 -6.85 46.59
CA PRO B 256 6.74 -6.35 47.76
C PRO B 256 7.80 -5.31 47.37
N LYS B 257 8.38 -5.48 46.18
CA LYS B 257 9.33 -4.54 45.63
C LYS B 257 8.65 -3.23 45.21
N GLY B 258 7.34 -3.30 44.96
CA GLY B 258 6.56 -2.14 44.53
C GLY B 258 5.98 -1.28 45.64
N LYS B 259 5.65 -0.04 45.30
CA LYS B 259 5.09 0.93 46.25
C LYS B 259 3.56 0.73 46.48
N GLY B 260 2.94 -0.12 45.66
CA GLY B 260 1.57 -0.59 45.93
C GLY B 260 1.66 -1.58 47.06
N GLY B 261 1.00 -1.26 48.18
CA GLY B 261 1.15 -2.05 49.41
C GLY B 261 0.07 -3.09 49.62
N VAL B 262 -0.16 -3.89 48.58
CA VAL B 262 -1.31 -4.79 48.55
C VAL B 262 -0.90 -6.16 48.01
N PRO B 263 -0.36 -7.03 48.90
CA PRO B 263 0.26 -8.29 48.51
C PRO B 263 -0.68 -9.49 48.42
N ASN B 264 -1.81 -9.43 49.11
CA ASN B 264 -2.80 -10.52 49.10
C ASN B 264 -4.23 -10.00 49.21
N LEU B 265 -5.19 -10.91 49.00
CA LEU B 265 -6.61 -10.56 49.06
C LEU B 265 -7.03 -10.01 50.42
N ALA B 266 -6.62 -10.70 51.48
CA ALA B 266 -6.99 -10.30 52.83
C ALA B 266 -6.56 -8.88 53.20
N SER B 267 -5.45 -8.41 52.63
CA SER B 267 -4.94 -7.06 52.91
C SER B 267 -5.73 -6.01 52.14
N PHE B 268 -6.12 -6.37 50.92
CA PHE B 268 -6.99 -5.51 50.10
C PHE B 268 -8.34 -5.29 50.79
N LEU B 269 -8.94 -6.40 51.21
CA LEU B 269 -10.21 -6.39 51.91
C LEU B 269 -10.08 -5.58 53.20
N ALA B 270 -8.99 -5.77 53.93
CA ALA B 270 -8.81 -5.02 55.17
C ALA B 270 -8.64 -3.51 54.93
N ASP B 271 -7.87 -3.14 53.90
CA ASP B 271 -7.61 -1.73 53.58
C ASP B 271 -8.88 -1.00 53.11
N ALA B 272 -9.60 -1.61 52.17
CA ALA B 272 -10.81 -1.02 51.59
C ALA B 272 -11.99 -0.95 52.59
N SER B 273 -12.17 -2.03 53.36
CA SER B 273 -13.20 -2.12 54.40
C SER B 273 -13.16 -0.95 55.35
N ALA B 274 -11.97 -0.42 55.55
CA ALA B 274 -11.70 0.51 56.65
C ALA B 274 -11.88 1.97 56.30
N LEU B 275 -11.86 2.27 55.00
CA LEU B 275 -11.89 3.65 54.54
C LEU B 275 -13.30 4.14 54.23
N PRO B 276 -13.57 5.44 54.48
CA PRO B 276 -14.84 6.07 54.14
C PRO B 276 -14.86 6.42 52.66
N LEU B 277 -14.97 5.38 51.83
CA LEU B 277 -14.84 5.51 50.38
C LEU B 277 -15.78 6.54 49.77
N TYR B 278 -17.03 6.55 50.21
CA TYR B 278 -17.99 7.52 49.73
C TYR B 278 -17.53 8.97 49.93
N LYS B 279 -16.93 9.27 51.07
CA LYS B 279 -16.42 10.62 51.27
C LYS B 279 -15.15 10.91 50.48
N ILE B 280 -14.32 9.89 50.29
CA ILE B 280 -13.06 10.07 49.56
C ILE B 280 -13.33 10.34 48.08
N SER B 281 -14.18 9.51 47.48
CA SER B 281 -14.49 9.60 46.06
C SER B 281 -15.82 8.93 45.71
N PRO B 282 -16.92 9.72 45.67
CA PRO B 282 -18.23 9.17 45.28
C PRO B 282 -18.19 8.42 43.93
N PRO B 283 -17.43 8.94 42.93
CA PRO B 283 -17.27 8.18 41.69
C PRO B 283 -16.68 6.78 41.92
N LEU B 284 -15.66 6.69 42.77
CA LEU B 284 -15.02 5.40 43.07
C LEU B 284 -15.99 4.48 43.78
N ALA B 285 -16.72 5.01 44.77
CA ALA B 285 -17.73 4.22 45.47
C ALA B 285 -18.74 3.65 44.47
N ARG B 286 -19.22 4.50 43.56
CA ARG B 286 -20.19 4.09 42.54
C ARG B 286 -19.67 2.98 41.64
N PHE B 287 -18.46 3.16 41.10
CA PHE B 287 -17.80 2.15 40.27
C PHE B 287 -17.67 0.81 41.01
N LEU B 288 -17.31 0.87 42.30
CA LEU B 288 -17.21 -0.34 43.12
C LEU B 288 -18.57 -1.01 43.34
N LEU B 289 -19.58 -0.23 43.72
CA LEU B 289 -20.94 -0.74 43.90
C LEU B 289 -21.47 -1.42 42.63
N LEU B 290 -21.28 -0.80 41.47
CA LEU B 290 -21.72 -1.37 40.20
C LEU B 290 -21.02 -2.70 39.93
N ALA B 291 -19.71 -2.75 40.17
CA ALA B 291 -18.92 -3.97 40.02
C ALA B 291 -19.47 -5.07 40.92
N ALA B 292 -19.75 -4.71 42.16
CA ALA B 292 -20.23 -5.63 43.19
C ALA B 292 -21.62 -6.20 42.89
N TYR B 293 -22.56 -5.32 42.57
CA TYR B 293 -23.96 -5.70 42.43
C TYR B 293 -24.29 -6.40 41.12
N HIS B 294 -23.39 -6.27 40.15
CA HIS B 294 -23.62 -6.84 38.81
C HIS B 294 -23.83 -8.33 38.85
N ASP B 295 -25.00 -8.76 38.38
CA ASP B 295 -25.41 -10.16 38.32
C ASP B 295 -25.37 -10.87 39.67
N THR B 296 -25.87 -10.17 40.69
CA THR B 296 -26.01 -10.75 42.02
C THR B 296 -27.45 -11.23 42.27
N ILE B 297 -27.60 -12.03 43.33
CA ILE B 297 -28.89 -12.55 43.77
C ILE B 297 -28.84 -12.60 45.30
N GLU B 298 -29.97 -12.35 45.98
CA GLU B 298 -30.00 -12.35 47.44
C GLU B 298 -29.50 -13.68 48.00
N ASP B 299 -28.71 -13.59 49.08
CA ASP B 299 -28.09 -14.78 49.67
C ASP B 299 -29.14 -15.59 50.45
N PRO B 300 -29.33 -16.88 50.10
CA PRO B 300 -30.34 -17.69 50.77
C PRO B 300 -30.02 -18.00 52.24
N ASP B 301 -28.74 -17.95 52.61
CA ASP B 301 -28.27 -18.30 53.95
C ASP B 301 -27.95 -17.11 54.84
N ASN B 302 -27.33 -16.08 54.28
CA ASN B 302 -27.03 -14.91 55.07
C ASN B 302 -28.01 -13.80 54.70
N PRO B 303 -29.05 -13.63 55.52
CA PRO B 303 -30.18 -12.81 55.10
C PRO B 303 -29.83 -11.43 54.57
N GLY B 304 -28.90 -10.74 55.17
CA GLY B 304 -28.57 -9.40 54.64
C GLY B 304 -27.85 -9.39 53.30
N LEU B 305 -27.03 -10.42 53.07
CA LEU B 305 -26.07 -10.47 51.97
C LEU B 305 -26.58 -10.89 50.59
N ILE B 306 -25.66 -10.80 49.62
CA ILE B 306 -25.90 -11.20 48.24
C ILE B 306 -24.80 -12.16 47.77
N VAL B 307 -25.08 -12.92 46.71
CA VAL B 307 -24.07 -13.79 46.10
C VAL B 307 -24.21 -13.73 44.59
N GLN B 308 -23.14 -14.09 43.88
CA GLN B 308 -23.18 -14.11 42.44
C GLN B 308 -24.34 -14.99 41.97
N GLY B 309 -24.97 -14.59 40.86
CA GLY B 309 -26.12 -15.31 40.29
C GLY B 309 -26.01 -15.54 38.79
N LYS B 310 -27.13 -15.89 38.16
CA LYS B 310 -27.19 -16.19 36.72
C LYS B 310 -26.63 -15.03 35.93
N ALA B 311 -25.84 -15.34 34.90
CA ALA B 311 -25.35 -14.31 33.98
C ALA B 311 -26.52 -13.56 33.37
N GLY B 312 -26.45 -12.23 33.42
CA GLY B 312 -27.45 -11.35 32.80
C GLY B 312 -28.76 -11.15 33.55
N VAL B 313 -28.86 -11.69 34.76
CA VAL B 313 -30.10 -11.62 35.54
C VAL B 313 -30.33 -10.24 36.17
N ALA B 314 -29.27 -9.64 36.69
CA ALA B 314 -29.35 -8.32 37.29
C ALA B 314 -28.09 -7.55 36.96
N SER B 315 -28.00 -7.08 35.72
CA SER B 315 -26.75 -6.50 35.29
C SER B 315 -26.76 -4.99 35.37
N CYS B 316 -25.75 -4.45 36.03
CA CYS B 316 -25.60 -3.01 36.13
C CYS B 316 -24.18 -2.54 35.80
N PHE B 317 -23.23 -3.46 35.66
CA PHE B 317 -21.84 -3.05 35.45
C PHE B 317 -21.54 -2.71 33.99
N THR B 318 -21.98 -1.54 33.58
CA THR B 318 -22.01 -1.14 32.18
C THR B 318 -21.99 0.36 32.06
N ALA B 319 -21.62 0.84 30.87
CA ALA B 319 -21.73 2.26 30.53
C ALA B 319 -23.12 2.81 30.89
N ASP B 320 -24.19 2.11 30.50
CA ASP B 320 -25.56 2.51 30.83
C ASP B 320 -25.79 2.65 32.35
N GLY B 321 -25.38 1.61 33.09
CA GLY B 321 -25.41 1.62 34.55
C GLY B 321 -24.64 2.79 35.15
N TRP B 322 -23.46 3.08 34.61
CA TRP B 322 -22.68 4.21 35.08
C TRP B 322 -23.45 5.50 34.93
N GLU B 323 -24.07 5.67 33.76
CA GLU B 323 -24.77 6.90 33.43
C GLU B 323 -26.12 7.00 34.14
N ASP B 324 -26.65 5.86 34.57
CA ASP B 324 -28.00 5.79 35.16
C ASP B 324 -28.14 6.30 36.61
N ASP B 325 -27.98 7.61 36.77
CA ASP B 325 -28.16 8.28 38.06
C ASP B 325 -29.61 8.22 38.52
N THR B 326 -30.51 8.07 37.57
CA THR B 326 -31.93 8.13 37.84
C THR B 326 -32.44 6.87 38.54
N HIS B 327 -32.00 5.71 38.08
CA HIS B 327 -32.41 4.42 38.67
C HIS B 327 -31.47 3.88 39.71
N LEU B 328 -30.20 4.27 39.62
CA LEU B 328 -29.17 3.73 40.50
C LEU B 328 -28.36 4.86 41.14
N THR B 329 -28.95 5.48 42.16
CA THR B 329 -28.26 6.52 42.91
C THR B 329 -27.67 5.91 44.17
N ILE B 330 -26.49 6.39 44.57
CA ILE B 330 -25.88 5.95 45.81
C ILE B 330 -26.69 6.47 46.98
N GLU B 331 -27.13 5.54 47.82
CA GLU B 331 -27.91 5.86 48.99
C GLU B 331 -27.30 5.18 50.23
N HIS B 332 -27.27 5.91 51.34
CA HIS B 332 -26.74 5.39 52.60
C HIS B 332 -27.79 4.60 53.33
N ILE B 333 -27.43 3.42 53.83
CA ILE B 333 -28.37 2.62 54.61
C ILE B 333 -28.57 3.23 56.01
N ALA B 334 -27.54 3.24 56.84
CA ALA B 334 -27.62 4.03 58.06
C ALA B 334 -27.48 5.48 57.62
N PRO B 335 -28.50 6.31 57.91
CA PRO B 335 -28.42 7.74 57.63
C PRO B 335 -27.06 8.37 57.94
N GLN B 336 -26.68 9.39 57.18
CA GLN B 336 -25.40 10.08 57.40
C GLN B 336 -25.30 10.74 58.78
N SER B 337 -26.44 11.03 59.38
CA SER B 337 -26.47 11.70 60.67
C SER B 337 -27.23 10.90 61.71
N ALA B 338 -26.90 11.14 62.97
CA ALA B 338 -27.60 10.48 64.06
C ALA B 338 -29.09 10.73 63.93
N THR B 339 -29.85 9.64 63.77
CA THR B 339 -31.30 9.70 63.67
C THR B 339 -31.85 8.54 64.49
N SER B 340 -33.03 8.73 65.09
CA SER B 340 -33.66 7.67 65.85
C SER B 340 -34.09 6.52 64.93
N GLY B 341 -34.37 5.37 65.53
CA GLY B 341 -34.69 4.16 64.79
C GLY B 341 -33.43 3.46 64.36
N TRP B 342 -32.30 4.00 64.83
CA TRP B 342 -31.00 3.52 64.42
C TRP B 342 -29.99 3.31 65.52
N ASP B 343 -29.20 2.23 65.43
CA ASP B 343 -28.23 1.92 66.48
C ASP B 343 -27.11 2.95 66.57
N ALA B 344 -26.85 3.43 67.79
CA ALA B 344 -25.96 4.56 68.01
C ALA B 344 -24.50 4.21 67.69
N GLU B 345 -24.23 2.90 67.68
CA GLU B 345 -22.95 2.33 67.27
C GLU B 345 -22.40 2.97 65.98
N PHE B 346 -23.29 3.20 65.01
CA PHE B 346 -22.96 3.79 63.70
C PHE B 346 -22.34 5.18 63.74
N TYR B 347 -22.42 5.84 64.88
CA TYR B 347 -21.99 7.23 64.98
C TYR B 347 -20.86 7.43 65.99
N SER B 348 -20.31 6.31 66.45
CA SER B 348 -19.04 6.30 67.17
C SER B 348 -18.01 7.00 66.31
N ASP B 349 -17.82 6.50 65.09
CA ASP B 349 -16.86 7.06 64.16
C ASP B 349 -17.57 7.75 63.00
N LYS B 350 -17.33 9.04 62.87
CA LYS B 350 -17.87 9.87 61.77
C LYS B 350 -17.67 9.27 60.38
N GLU B 351 -16.75 8.31 60.26
CA GLU B 351 -16.43 7.70 58.98
C GLU B 351 -17.25 6.45 58.68
N THR B 352 -17.84 5.86 59.72
CA THR B 352 -18.55 4.60 59.63
C THR B 352 -19.61 4.57 58.52
N VAL B 353 -20.53 5.52 58.56
CA VAL B 353 -21.62 5.67 57.58
C VAL B 353 -21.18 5.72 56.11
N HIS B 354 -19.91 6.04 55.86
CA HIS B 354 -19.39 6.24 54.50
C HIS B 354 -18.59 5.12 53.92
N LYS B 355 -18.58 3.97 54.60
CA LYS B 355 -17.83 2.81 54.14
C LYS B 355 -18.71 1.99 53.23
N LEU B 356 -18.10 1.24 52.32
CA LEU B 356 -18.84 0.59 51.25
C LEU B 356 -20.06 -0.20 51.72
N GLY B 357 -19.90 -0.95 52.80
CA GLY B 357 -20.95 -1.78 53.39
C GLY B 357 -22.27 -1.10 53.69
N ASN B 358 -22.23 0.22 53.89
CA ASN B 358 -23.41 1.02 54.18
C ASN B 358 -24.11 1.60 52.95
N LEU B 359 -23.59 1.30 51.77
CA LEU B 359 -24.09 1.94 50.56
C LEU B 359 -24.90 0.99 49.69
N VAL B 360 -26.04 1.49 49.22
CA VAL B 360 -26.87 0.80 48.22
C VAL B 360 -27.09 1.69 47.00
N LEU B 361 -27.45 1.06 45.89
CA LEU B 361 -27.92 1.75 44.69
C LEU B 361 -29.42 1.69 44.65
N ALA B 362 -30.07 2.85 44.68
CA ALA B 362 -31.54 2.95 44.68
C ALA B 362 -31.99 4.11 43.78
N PRO B 363 -33.26 4.07 43.31
CA PRO B 363 -33.76 5.17 42.49
C PRO B 363 -33.70 6.51 43.23
N GLY B 364 -33.16 7.52 42.56
CA GLY B 364 -32.90 8.83 43.17
C GLY B 364 -34.14 9.56 43.68
N ALA B 365 -35.27 9.38 43.00
CA ALA B 365 -36.50 10.09 43.35
C ALA B 365 -37.02 9.68 44.72
N ALA B 366 -36.83 8.41 45.05
CA ALA B 366 -37.37 7.84 46.28
C ALA B 366 -36.76 8.54 47.50
N ASN B 367 -35.63 9.17 47.27
CA ASN B 367 -34.88 9.81 48.35
C ASN B 367 -35.76 10.55 49.35
N ALA B 368 -36.81 11.20 48.85
CA ALA B 368 -37.71 11.96 49.70
C ALA B 368 -38.43 11.07 50.71
N SER B 369 -38.50 9.77 50.42
CA SER B 369 -39.19 8.83 51.30
C SER B 369 -38.24 8.05 52.19
N LEU B 370 -36.98 7.98 51.79
CA LEU B 370 -35.96 7.20 52.50
C LEU B 370 -35.23 8.02 53.55
N SER B 371 -35.09 9.31 53.26
CA SER B 371 -34.28 10.22 54.07
C SER B 371 -34.59 10.16 55.56
N SER B 372 -33.54 9.92 56.35
CA SER B 372 -33.59 9.98 57.82
C SER B 372 -34.73 9.20 58.48
N ARG B 373 -35.15 8.10 57.86
CA ARG B 373 -36.19 7.28 58.46
C ARG B 373 -35.57 6.12 59.24
N PRO B 374 -36.21 5.71 60.36
CA PRO B 374 -35.86 4.48 61.07
C PRO B 374 -35.70 3.29 60.13
N TRP B 375 -34.86 2.33 60.52
CA TRP B 375 -34.64 1.16 59.66
C TRP B 375 -35.90 0.40 59.42
N THR B 376 -36.76 0.41 60.44
CA THR B 376 -38.01 -0.30 60.37
C THR B 376 -38.74 0.13 59.11
N GLU B 377 -38.76 1.45 58.87
CA GLU B 377 -39.37 2.01 57.67
C GLU B 377 -38.60 1.68 56.39
N LYS B 378 -37.28 1.84 56.44
CA LYS B 378 -36.44 1.65 55.26
C LYS B 378 -36.52 0.23 54.75
N LYS B 379 -36.54 -0.72 55.68
CA LYS B 379 -36.61 -2.14 55.33
C LYS B 379 -37.74 -2.43 54.34
N VAL B 380 -38.91 -1.84 54.59
CA VAL B 380 -40.08 -2.01 53.72
C VAL B 380 -39.80 -1.36 52.37
N LEU B 381 -39.31 -0.12 52.43
CA LEU B 381 -38.98 0.65 51.24
C LEU B 381 -38.02 -0.09 50.31
N TYR B 382 -36.93 -0.64 50.86
CA TYR B 382 -36.00 -1.41 50.05
C TYR B 382 -36.68 -2.66 49.49
N ALA B 383 -37.46 -3.34 50.32
CA ALA B 383 -38.16 -4.54 49.88
C ALA B 383 -39.09 -4.21 48.71
N ALA B 384 -39.78 -3.08 48.83
CA ALA B 384 -40.68 -2.56 47.80
C ALA B 384 -39.96 -2.11 46.52
N LEU B 385 -38.96 -1.23 46.68
CA LEU B 385 -38.19 -0.70 45.55
C LEU B 385 -37.39 -1.75 44.78
N GLY B 386 -37.24 -2.92 45.38
CA GLY B 386 -36.49 -4.02 44.79
C GLY B 386 -37.38 -5.13 44.25
N ALA B 387 -38.70 -4.88 44.28
CA ALA B 387 -39.69 -5.86 43.86
C ALA B 387 -39.70 -6.10 42.35
N SER B 388 -40.14 -7.29 41.95
CA SER B 388 -40.11 -7.71 40.54
C SER B 388 -41.15 -7.00 39.65
N THR B 389 -42.33 -6.74 40.20
CA THR B 389 -43.37 -5.99 39.50
C THR B 389 -43.80 -4.88 40.43
N ALA B 390 -44.46 -3.86 39.89
CA ALA B 390 -44.96 -2.79 40.73
C ALA B 390 -46.15 -3.25 41.57
N ASP B 391 -46.77 -4.37 41.20
CA ASP B 391 -47.87 -4.93 41.97
C ASP B 391 -47.37 -5.43 43.31
N ASP B 392 -46.23 -6.12 43.30
CA ASP B 392 -45.60 -6.61 44.52
C ASP B 392 -45.17 -5.45 45.41
N ALA B 393 -44.64 -4.40 44.80
CA ALA B 393 -44.27 -3.22 45.55
C ALA B 393 -45.54 -2.69 46.18
N LYS B 394 -46.61 -2.67 45.40
CA LYS B 394 -47.87 -2.15 45.90
C LYS B 394 -48.32 -3.00 47.08
N SER B 395 -48.23 -4.32 46.93
CA SER B 395 -48.66 -5.20 48.01
C SER B 395 -47.79 -4.98 49.24
N ILE B 396 -46.48 -4.89 49.05
CA ILE B 396 -45.56 -4.65 50.17
C ILE B 396 -45.85 -3.33 50.90
N LEU B 397 -45.95 -2.23 50.16
CA LEU B 397 -46.12 -0.89 50.77
C LEU B 397 -47.43 -0.77 51.55
N ASN B 398 -48.53 -1.20 50.94
CA ASN B 398 -49.84 -1.20 51.61
C ASN B 398 -49.87 -2.18 52.76
N SER B 399 -49.28 -3.36 52.55
CA SER B 399 -49.21 -4.42 53.57
C SER B 399 -48.57 -3.91 54.85
N SER B 400 -47.66 -2.96 54.68
CA SER B 400 -47.06 -2.24 55.79
C SER B 400 -48.03 -1.19 56.30
N GLY B 401 -47.91 -0.86 57.58
CA GLY B 401 -48.73 0.16 58.20
C GLY B 401 -48.34 1.56 57.79
N PHE B 402 -47.08 1.72 57.37
CA PHE B 402 -46.48 3.04 57.23
C PHE B 402 -47.07 3.88 56.11
N THR B 403 -47.03 5.21 56.30
CA THR B 403 -47.37 6.16 55.26
C THR B 403 -46.13 7.03 55.01
N PHE B 404 -45.56 6.89 53.81
CA PHE B 404 -44.31 7.56 53.45
C PHE B 404 -44.55 8.91 52.81
N ALA B 405 -43.48 9.67 52.60
CA ALA B 405 -43.56 11.02 52.04
C ALA B 405 -44.17 11.03 50.63
N GLN B 406 -44.08 9.90 49.93
CA GLN B 406 -44.61 9.78 48.58
C GLN B 406 -45.74 8.75 48.55
N THR B 407 -46.65 8.87 47.58
CA THR B 407 -47.81 7.98 47.46
C THR B 407 -47.37 6.54 47.20
N THR B 408 -48.18 5.57 47.58
CA THR B 408 -47.89 4.16 47.26
C THR B 408 -47.73 4.02 45.74
N GLU B 409 -48.68 4.61 45.01
CA GLU B 409 -48.73 4.58 43.54
C GLU B 409 -47.41 5.06 42.96
N ASP B 410 -46.87 6.09 43.59
CA ASP B 410 -45.64 6.71 43.14
C ASP B 410 -44.42 5.84 43.32
N LEU B 411 -44.24 5.30 44.52
CA LEU B 411 -43.07 4.49 44.85
C LEU B 411 -43.08 3.18 44.08
N ALA B 412 -44.25 2.56 43.97
CA ALA B 412 -44.40 1.35 43.16
C ALA B 412 -43.85 1.56 41.74
N ALA B 413 -44.02 2.77 41.20
CA ALA B 413 -43.55 3.10 39.85
C ALA B 413 -42.04 2.98 39.72
N MET B 414 -41.35 3.22 40.83
CA MET B 414 -39.90 3.25 40.84
C MET B 414 -39.34 1.86 41.10
N SER B 415 -40.24 0.92 41.33
CA SER B 415 -39.85 -0.42 41.65
C SER B 415 -39.06 -1.05 40.50
N ARG B 416 -38.04 -1.83 40.85
CA ARG B 416 -37.28 -2.58 39.86
C ARG B 416 -36.60 -3.78 40.51
N TYR B 417 -36.28 -4.80 39.73
CA TYR B 417 -35.59 -5.96 40.28
C TYR B 417 -34.15 -5.63 40.72
N LEU B 418 -33.93 -5.56 42.04
CA LEU B 418 -32.62 -5.25 42.62
C LEU B 418 -32.33 -6.12 43.85
N PRO B 419 -31.72 -7.30 43.65
CA PRO B 419 -31.44 -8.26 44.70
C PRO B 419 -30.84 -7.68 45.99
N HIS B 420 -29.83 -6.82 45.87
CA HIS B 420 -29.20 -6.26 47.07
C HIS B 420 -30.19 -5.52 47.92
N LEU B 421 -31.22 -4.96 47.27
CA LEU B 421 -32.32 -4.32 47.99
C LEU B 421 -33.32 -5.33 48.53
N ARG B 422 -33.64 -6.34 47.72
CA ARG B 422 -34.51 -7.43 48.15
C ARG B 422 -33.92 -8.10 49.38
N ALA B 423 -32.63 -8.47 49.28
CA ALA B 423 -31.87 -9.07 50.39
C ALA B 423 -31.99 -8.31 51.70
N LEU B 424 -31.70 -7.01 51.68
CA LEU B 424 -31.81 -6.17 52.88
C LEU B 424 -33.22 -6.13 53.46
N GLY B 425 -34.22 -6.23 52.57
CA GLY B 425 -35.62 -6.22 52.97
C GLY B 425 -36.03 -7.48 53.73
N GLN B 426 -35.29 -8.56 53.51
CA GLN B 426 -35.57 -9.83 54.15
C GLN B 426 -34.89 -9.97 55.50
N ARG B 427 -33.95 -9.07 55.79
CA ARG B 427 -33.15 -9.17 57.01
C ARG B 427 -33.98 -8.85 58.24
N GLU B 428 -34.20 -9.88 59.04
CA GLU B 428 -35.00 -9.74 60.25
C GLU B 428 -34.20 -9.17 61.42
N ASP B 429 -32.93 -9.57 61.54
CA ASP B 429 -32.02 -9.07 62.59
C ASP B 429 -31.67 -7.58 62.43
N GLU B 430 -31.54 -6.90 63.57
CA GLU B 430 -31.21 -5.46 63.56
C GLU B 430 -29.87 -5.20 62.88
N LEU B 431 -29.71 -3.99 62.36
CA LEU B 431 -28.49 -3.59 61.68
C LEU B 431 -27.54 -2.88 62.62
N ASP B 432 -26.29 -3.35 62.61
CA ASP B 432 -25.18 -2.75 63.36
C ASP B 432 -23.92 -2.65 62.47
N PRO B 433 -22.93 -1.81 62.86
CA PRO B 433 -21.64 -1.69 62.16
C PRO B 433 -20.94 -3.02 61.88
N ALA B 434 -21.12 -3.99 62.76
CA ALA B 434 -20.60 -5.34 62.50
C ALA B 434 -21.18 -5.89 61.21
N PHE B 435 -22.49 -5.73 61.02
CA PHE B 435 -23.15 -6.23 59.82
C PHE B 435 -22.67 -5.53 58.54
N MET B 436 -22.51 -4.21 58.60
CA MET B 436 -22.03 -3.44 57.46
C MET B 436 -20.61 -3.87 57.07
N ASP B 437 -19.78 -4.17 58.06
CA ASP B 437 -18.45 -4.72 57.81
C ASP B 437 -18.49 -6.05 57.06
N GLN B 438 -19.44 -6.92 57.42
CA GLN B 438 -19.61 -8.20 56.71
C GLN B 438 -20.07 -7.87 55.30
N ARG B 439 -20.96 -6.88 55.20
CA ARG B 439 -21.49 -6.46 53.92
C ARG B 439 -20.36 -5.97 53.02
N ALA B 440 -19.55 -5.04 53.55
CA ALA B 440 -18.38 -4.52 52.84
C ALA B 440 -17.47 -5.64 52.33
N ASP B 441 -17.24 -6.64 53.18
CA ASP B 441 -16.42 -7.78 52.78
C ASP B 441 -16.99 -8.46 51.55
N VAL B 442 -18.29 -8.77 51.59
CA VAL B 442 -19.00 -9.46 50.51
C VAL B 442 -18.88 -8.64 49.23
N LEU B 443 -19.16 -7.36 49.35
CA LEU B 443 -19.13 -6.44 48.23
C LEU B 443 -17.75 -6.31 47.61
N LEU B 444 -16.74 -6.06 48.43
CA LEU B 444 -15.36 -5.87 47.95
C LEU B 444 -14.82 -7.11 47.27
N ARG B 445 -15.26 -8.28 47.73
CA ARG B 445 -14.89 -9.54 47.10
C ARG B 445 -15.44 -9.63 45.69
N LEU B 446 -16.75 -9.37 45.56
CA LEU B 446 -17.43 -9.43 44.26
C LEU B 446 -16.83 -8.44 43.28
N ALA B 447 -16.56 -7.22 43.75
CA ALA B 447 -15.89 -6.21 42.96
C ALA B 447 -14.54 -6.73 42.49
N TYR B 448 -13.72 -7.20 43.43
CA TYR B 448 -12.43 -7.78 43.08
C TYR B 448 -12.58 -8.89 42.04
N THR B 449 -13.55 -9.77 42.22
CA THR B 449 -13.74 -10.86 41.28
C THR B 449 -14.04 -10.35 39.88
N ARG B 450 -14.63 -9.17 39.79
CA ARG B 450 -15.05 -8.63 38.51
C ARG B 450 -13.93 -7.85 37.82
N LEU B 451 -13.17 -7.06 38.59
CA LEU B 451 -12.07 -6.25 38.06
C LEU B 451 -10.75 -7.01 37.91
N LYS B 452 -10.65 -8.12 38.64
CA LYS B 452 -9.44 -8.92 38.72
C LYS B 452 -8.83 -9.21 37.34
N GLY B 453 -9.68 -9.73 36.45
CA GLY B 453 -9.27 -10.06 35.08
C GLY B 453 -8.70 -8.90 34.30
N TRP B 454 -9.17 -7.69 34.58
CA TRP B 454 -8.72 -6.49 33.87
C TRP B 454 -7.25 -6.23 34.03
N LEU B 455 -6.69 -6.70 35.15
CA LEU B 455 -5.32 -6.37 35.53
C LEU B 455 -4.39 -7.59 35.54
N GLY B 456 -4.98 -8.78 35.42
CA GLY B 456 -4.23 -10.03 35.48
C GLY B 456 -3.92 -10.43 36.90
N LEU B 457 -4.60 -9.78 37.85
CA LEU B 457 -4.44 -10.08 39.27
C LEU B 457 -4.90 -11.48 39.65
N GLU B 458 -4.29 -11.99 40.72
CA GLU B 458 -4.62 -13.27 41.31
C GLU B 458 -3.97 -13.28 42.69
N LEU B 459 -4.51 -12.46 43.58
CA LEU B 459 -3.97 -12.31 44.93
C LEU B 459 -4.27 -13.56 45.75
N SER B 460 -3.36 -13.91 46.67
CA SER B 460 -3.57 -15.04 47.58
C SER B 460 -4.84 -14.86 48.38
N ASP B 461 -5.74 -15.82 48.21
CA ASP B 461 -6.84 -15.99 49.15
C ASP B 461 -6.49 -17.18 50.00
N SER B 462 -5.19 -17.44 50.11
CA SER B 462 -4.64 -18.28 51.18
C SER B 462 -5.40 -17.97 52.47
N SER B 463 -5.90 -16.74 52.58
CA SER B 463 -6.76 -16.36 53.74
C SER B 463 -6.12 -16.73 55.08
N SER B 464 -5.57 -15.74 55.78
CA SER B 464 -4.92 -15.97 57.09
C SER B 464 -3.87 -17.06 56.91
N ASP B 465 -4.30 -18.30 56.71
CA ASP B 465 -3.33 -19.37 56.41
C ASP B 465 -2.43 -18.84 55.29
N PRO B 466 -1.13 -18.75 55.56
CA PRO B 466 -0.19 -18.24 54.54
C PRO B 466 -0.65 -16.85 54.06
N VAL B 467 -1.22 -16.05 54.98
CA VAL B 467 -1.61 -14.66 54.60
C VAL B 467 -1.01 -13.69 55.63
N VAL B 468 -0.50 -12.55 55.16
CA VAL B 468 0.06 -11.52 56.07
C VAL B 468 -0.71 -10.22 55.85
N LYS B 469 -1.70 -9.95 56.69
CA LYS B 469 -2.51 -8.75 56.49
C LYS B 469 -1.67 -7.46 56.57
N VAL B 470 -1.17 -7.03 55.43
CA VAL B 470 -0.17 -5.95 55.34
C VAL B 470 -0.75 -4.55 55.08
N ASP B 471 -0.15 -3.54 55.73
CA ASP B 471 -0.45 -2.12 55.52
C ASP B 471 0.46 -1.51 54.47
N ASP B 472 -0.02 -0.46 53.81
CA ASP B 472 0.83 0.33 52.94
C ASP B 472 1.81 1.08 53.82
N GLY C 6 63.57 -10.60 -42.97
CA GLY C 6 64.59 -11.40 -42.22
C GLY C 6 64.13 -12.12 -40.91
N GLU C 7 63.21 -11.55 -40.13
CA GLU C 7 62.82 -12.14 -38.83
C GLU C 7 62.16 -13.50 -38.97
N PRO C 8 62.55 -14.44 -38.07
CA PRO C 8 61.93 -15.74 -37.85
C PRO C 8 60.43 -15.84 -38.16
N LEU C 9 60.07 -16.97 -38.73
CA LEU C 9 58.73 -17.26 -39.22
C LEU C 9 57.90 -17.69 -38.02
N THR C 10 56.76 -17.03 -37.80
CA THR C 10 55.87 -17.38 -36.69
C THR C 10 55.34 -18.81 -36.82
N ALA C 11 55.03 -19.41 -35.68
CA ALA C 11 54.57 -20.80 -35.65
C ALA C 11 53.27 -20.95 -36.42
N PHE C 12 52.69 -19.83 -36.82
CA PHE C 12 51.49 -19.89 -37.61
C PHE C 12 51.78 -20.16 -39.09
N GLU C 13 52.64 -19.34 -39.70
CA GLU C 13 52.99 -19.58 -41.11
C GLU C 13 53.65 -20.93 -41.34
N THR C 14 54.39 -21.41 -40.34
CA THR C 14 55.00 -22.75 -40.38
C THR C 14 53.93 -23.84 -40.39
N PHE C 15 52.75 -23.51 -39.88
CA PHE C 15 51.63 -24.43 -39.81
C PHE C 15 50.78 -24.52 -41.08
N LEU C 16 50.86 -23.55 -41.97
CA LEU C 16 50.05 -23.60 -43.22
C LEU C 16 50.52 -24.66 -44.28
N PRO C 17 51.85 -24.68 -44.52
CA PRO C 17 52.41 -25.83 -45.23
C PRO C 17 51.91 -27.16 -44.63
N ARG C 18 51.93 -27.24 -43.31
CA ARG C 18 51.53 -28.43 -42.56
C ARG C 18 50.03 -28.66 -42.65
N VAL C 19 49.29 -27.57 -42.83
CA VAL C 19 47.85 -27.61 -43.10
C VAL C 19 47.43 -28.00 -44.49
N VAL C 20 48.12 -27.57 -45.54
CA VAL C 20 47.69 -27.90 -46.90
C VAL C 20 47.81 -29.40 -47.24
N MET C 21 48.72 -30.06 -46.57
CA MET C 21 49.00 -31.44 -46.83
C MET C 21 47.73 -32.19 -46.56
N ALA C 22 46.95 -31.73 -45.61
CA ALA C 22 45.69 -32.40 -45.34
C ALA C 22 44.75 -32.37 -46.51
N GLU C 23 44.66 -31.26 -47.24
CA GLU C 23 43.69 -31.07 -48.34
C GLU C 23 43.89 -32.01 -49.56
N LYS C 24 45.11 -32.23 -50.04
CA LYS C 24 46.30 -31.60 -49.50
C LYS C 24 46.77 -30.48 -50.39
N ILE C 25 47.57 -30.80 -51.40
CA ILE C 25 47.80 -29.84 -52.47
C ILE C 25 46.50 -29.63 -53.30
N GLN C 26 45.74 -30.64 -53.59
CA GLN C 26 44.62 -30.50 -54.58
C GLN C 26 43.35 -29.66 -54.43
N ASP C 27 42.76 -29.75 -53.23
CA ASP C 27 41.38 -29.29 -53.13
C ASP C 27 41.08 -27.95 -52.51
N TYR C 28 40.76 -26.96 -53.34
CA TYR C 28 39.98 -25.73 -52.99
C TYR C 28 40.74 -24.49 -52.54
N GLN C 29 41.94 -24.67 -52.04
CA GLN C 29 42.38 -25.95 -51.49
C GLN C 29 42.98 -25.79 -50.10
N ASP C 30 42.40 -26.47 -49.11
CA ASP C 30 41.08 -27.08 -49.27
C ASP C 30 40.11 -25.88 -49.26
N SER C 31 38.91 -26.00 -49.80
CA SER C 31 38.10 -24.78 -49.83
C SER C 31 37.72 -24.36 -48.39
N ASP C 32 37.25 -25.32 -47.60
CA ASP C 32 36.83 -25.06 -46.24
C ASP C 32 37.96 -24.53 -45.36
N ALA C 33 39.10 -25.20 -45.43
CA ALA C 33 40.23 -24.82 -44.64
C ALA C 33 40.67 -23.44 -45.04
N HIS C 34 40.62 -23.19 -46.35
CA HIS C 34 41.10 -21.93 -46.86
C HIS C 34 40.26 -20.81 -46.25
N GLU C 35 38.94 -21.07 -46.24
CA GLU C 35 38.02 -20.08 -45.74
C GLU C 35 38.32 -19.84 -44.27
N TYR C 36 38.54 -20.93 -43.54
CA TYR C 36 38.88 -20.83 -42.14
C TYR C 36 40.22 -20.15 -41.94
N MET C 37 41.20 -20.47 -42.78
CA MET C 37 42.51 -19.86 -42.63
C MET C 37 42.54 -18.39 -43.03
N LYS C 38 41.81 -18.11 -44.11
CA LYS C 38 41.81 -16.79 -44.65
C LYS C 38 41.24 -15.95 -43.52
N ALA C 39 40.28 -16.54 -42.83
CA ALA C 39 39.72 -15.82 -41.71
C ALA C 39 40.75 -15.61 -40.59
N VAL C 40 41.49 -16.65 -40.22
CA VAL C 40 42.54 -16.45 -39.23
C VAL C 40 43.65 -15.60 -39.79
N GLN C 41 44.08 -15.92 -41.01
CA GLN C 41 45.01 -15.04 -41.69
C GLN C 41 44.47 -13.60 -41.63
N GLY C 42 43.16 -13.46 -41.88
CA GLY C 42 42.50 -12.17 -41.84
C GLY C 42 42.82 -11.42 -40.55
N TYR C 43 42.63 -12.10 -39.42
CA TYR C 43 42.91 -11.52 -38.11
C TYR C 43 44.39 -11.13 -37.90
N LEU C 44 45.30 -11.99 -38.36
CA LEU C 44 46.72 -11.71 -38.09
C LEU C 44 47.26 -10.57 -38.94
N ASP C 45 46.71 -10.42 -40.14
CA ASP C 45 47.11 -9.36 -41.08
C ASP C 45 46.99 -7.97 -40.45
N ARG C 46 46.26 -7.93 -39.35
CA ARG C 46 45.99 -6.73 -38.59
C ARG C 46 47.22 -6.19 -37.85
N PHE C 47 48.25 -7.02 -37.74
CA PHE C 47 49.43 -6.70 -36.92
C PHE C 47 50.69 -6.48 -37.73
N ALA C 48 51.43 -5.44 -37.34
CA ALA C 48 52.61 -4.99 -38.06
C ALA C 48 53.76 -5.99 -37.92
N VAL C 49 54.43 -6.21 -39.04
CA VAL C 49 55.51 -7.20 -39.11
C VAL C 49 56.59 -6.83 -38.11
N GLY C 50 57.13 -7.83 -37.41
CA GLY C 50 58.04 -7.57 -36.30
C GLY C 50 57.48 -8.12 -34.99
N ASP C 51 57.60 -7.33 -33.93
CA ASP C 51 57.21 -7.79 -32.58
C ASP C 51 55.71 -7.99 -32.46
N ARG C 52 54.96 -7.02 -32.99
CA ARG C 52 53.51 -7.03 -32.84
C ARG C 52 52.89 -8.25 -33.50
N LEU C 53 53.39 -8.62 -34.67
CA LEU C 53 52.94 -9.83 -35.36
C LEU C 53 53.34 -11.09 -34.61
N GLN C 54 54.59 -11.12 -34.13
CA GLN C 54 55.10 -12.22 -33.30
C GLN C 54 54.28 -12.43 -32.03
N ASN C 55 54.15 -11.37 -31.23
CA ASN C 55 53.39 -11.40 -29.98
C ASN C 55 51.95 -11.84 -30.15
N ALA C 56 51.27 -11.24 -31.13
CA ALA C 56 49.87 -11.55 -31.41
C ALA C 56 49.69 -13.01 -31.79
N THR C 57 50.59 -13.53 -32.64
CA THR C 57 50.48 -14.91 -33.09
C THR C 57 50.74 -15.90 -31.95
N ARG C 58 51.85 -15.71 -31.21
CA ARG C 58 52.11 -16.61 -30.09
C ARG C 58 51.04 -16.58 -28.99
N ASP C 59 50.40 -15.42 -28.77
CA ASP C 59 49.29 -15.31 -27.82
C ASP C 59 48.00 -15.98 -28.31
N LEU C 60 47.77 -15.92 -29.63
CA LEU C 60 46.65 -16.61 -30.26
C LEU C 60 46.80 -18.12 -30.10
N LEU C 61 48.03 -18.59 -30.29
CA LEU C 61 48.34 -20.00 -30.17
C LEU C 61 48.24 -20.51 -28.72
N VAL C 62 48.75 -19.70 -27.78
CA VAL C 62 48.67 -20.02 -26.35
C VAL C 62 47.21 -20.31 -25.91
N THR C 63 46.30 -19.38 -26.21
CA THR C 63 44.89 -19.52 -25.80
C THR C 63 44.23 -20.66 -26.57
N PHE C 64 44.68 -20.85 -27.82
CA PHE C 64 44.28 -21.98 -28.64
C PHE C 64 44.55 -23.30 -27.94
N ALA C 65 45.75 -23.42 -27.39
CA ALA C 65 46.17 -24.62 -26.68
C ALA C 65 45.25 -24.86 -25.48
N LEU C 66 45.05 -23.84 -24.65
CA LEU C 66 44.10 -23.91 -23.54
C LEU C 66 42.72 -24.35 -24.01
N ALA C 67 42.30 -23.85 -25.17
CA ALA C 67 40.94 -24.13 -25.64
C ALA C 67 40.76 -25.51 -26.27
N GLU C 68 41.73 -25.90 -27.09
CA GLU C 68 41.78 -27.23 -27.68
C GLU C 68 42.21 -28.33 -26.72
N THR C 69 43.32 -28.14 -26.00
CA THR C 69 43.77 -29.18 -25.09
C THR C 69 44.03 -28.75 -23.66
N GLY C 70 43.85 -27.48 -23.33
CA GLY C 70 44.18 -26.96 -21.99
C GLY C 70 45.64 -27.20 -21.61
N GLU C 71 46.55 -26.99 -22.55
CA GLU C 71 47.94 -27.37 -22.37
C GLU C 71 48.94 -26.32 -21.86
N LYS C 72 48.56 -25.07 -21.67
CA LYS C 72 49.55 -24.09 -21.18
C LYS C 72 50.84 -24.05 -22.01
N LEU C 73 50.67 -23.86 -23.32
CA LEU C 73 51.77 -23.85 -24.28
C LEU C 73 52.65 -22.62 -24.02
N SER C 74 53.96 -22.81 -24.00
CA SER C 74 54.89 -21.72 -23.66
C SER C 74 54.95 -20.65 -24.76
N LYS C 75 55.68 -19.59 -24.48
CA LYS C 75 55.80 -18.46 -25.40
C LYS C 75 56.85 -18.71 -26.48
N ARG C 76 57.82 -19.57 -26.17
CA ARG C 76 58.92 -19.90 -27.09
C ARG C 76 58.43 -20.57 -28.39
N LEU C 77 59.07 -20.19 -29.49
CA LEU C 77 58.62 -20.51 -30.85
C LEU C 77 58.71 -21.99 -31.23
N PRO C 78 59.89 -22.64 -31.04
CA PRO C 78 60.02 -24.06 -31.40
C PRO C 78 59.01 -24.94 -30.69
N ASP C 79 58.63 -24.55 -29.47
CA ASP C 79 57.64 -25.27 -28.68
C ASP C 79 56.25 -25.15 -29.29
N GLN C 80 55.99 -24.02 -29.97
CA GLN C 80 54.71 -23.80 -30.65
C GLN C 80 54.67 -24.49 -32.01
N ARG C 81 55.79 -24.55 -32.71
CA ARG C 81 55.75 -25.16 -34.02
C ARG C 81 55.25 -26.57 -33.77
N VAL C 82 55.69 -27.12 -32.65
CA VAL C 82 55.14 -28.34 -32.13
C VAL C 82 53.79 -28.07 -31.49
N TYR C 83 53.09 -29.12 -31.10
CA TYR C 83 51.72 -29.03 -30.56
C TYR C 83 50.80 -28.76 -31.71
N MET C 84 50.98 -27.65 -32.38
CA MET C 84 50.38 -27.53 -33.69
C MET C 84 50.56 -28.84 -34.46
N ARG C 85 51.80 -29.21 -34.78
CA ARG C 85 52.09 -30.46 -35.46
C ARG C 85 51.44 -31.63 -34.72
N ASP C 86 51.77 -31.76 -33.44
CA ASP C 86 51.28 -32.81 -32.54
C ASP C 86 49.82 -33.17 -32.65
N THR C 87 49.02 -32.13 -32.76
CA THR C 87 47.60 -32.25 -32.52
C THR C 87 46.82 -32.13 -33.82
N PHE C 88 47.55 -31.95 -34.92
CA PHE C 88 46.95 -32.04 -36.24
C PHE C 88 47.08 -33.47 -36.78
N GLU C 89 48.25 -34.07 -36.59
CA GLU C 89 48.48 -35.50 -36.79
C GLU C 89 47.46 -36.39 -36.05
N ARG C 90 46.91 -35.89 -34.93
CA ARG C 90 45.80 -36.55 -34.23
C ARG C 90 44.56 -36.67 -35.11
N HIS C 91 44.46 -35.81 -36.12
CA HIS C 91 43.31 -35.76 -37.01
C HIS C 91 43.74 -35.95 -38.45
N LYS C 92 44.77 -36.76 -38.64
CA LYS C 92 45.27 -37.15 -39.96
C LYS C 92 44.20 -37.93 -40.72
N ASP C 93 43.60 -38.89 -40.02
CA ASP C 93 42.65 -39.84 -40.60
C ASP C 93 41.35 -39.18 -41.05
N SER C 94 40.58 -38.69 -40.07
CA SER C 94 39.22 -38.19 -40.33
C SER C 94 39.17 -36.84 -41.04
N ALA C 95 38.27 -36.71 -42.00
CA ALA C 95 38.11 -35.48 -42.77
C ALA C 95 37.45 -34.40 -41.93
N ASP C 96 36.30 -34.76 -41.34
CA ASP C 96 35.48 -33.82 -40.58
C ASP C 96 36.12 -33.39 -39.27
N ASP C 97 37.05 -34.18 -38.78
CA ASP C 97 37.68 -33.94 -37.49
C ASP C 97 38.90 -33.03 -37.55
N ARG C 98 39.60 -33.03 -38.68
CA ARG C 98 40.59 -32.00 -38.92
C ARG C 98 39.89 -30.76 -39.46
N SER C 99 38.56 -30.86 -39.62
CA SER C 99 37.78 -29.73 -40.07
C SER C 99 37.25 -28.92 -38.89
N ALA C 100 36.63 -29.60 -37.93
CA ALA C 100 36.15 -28.99 -36.70
C ALA C 100 37.30 -28.40 -35.88
N TYR C 101 38.46 -29.05 -35.93
CA TYR C 101 39.66 -28.55 -35.29
C TYR C 101 40.04 -27.18 -35.83
N LEU C 102 40.08 -27.06 -37.15
CA LEU C 102 40.46 -25.81 -37.79
C LEU C 102 39.40 -24.74 -37.57
N ARG C 103 38.14 -25.17 -37.57
CA ARG C 103 36.99 -24.34 -37.23
C ARG C 103 37.20 -23.70 -35.86
N HIS C 104 37.82 -24.47 -34.96
CA HIS C 104 38.05 -24.05 -33.59
C HIS C 104 39.08 -22.96 -33.56
N LEU C 105 40.11 -23.08 -34.39
CA LEU C 105 41.15 -22.06 -34.50
C LEU C 105 40.61 -20.77 -35.10
N ARG C 106 39.69 -20.91 -36.06
CA ARG C 106 39.00 -19.77 -36.64
C ARG C 106 38.22 -19.06 -35.56
N ASP C 107 37.53 -19.85 -34.75
CA ASP C 107 36.69 -19.30 -33.70
C ASP C 107 37.46 -18.55 -32.63
N THR C 108 38.66 -18.99 -32.28
CA THR C 108 39.45 -18.29 -31.26
C THR C 108 40.03 -16.98 -31.81
N ALA C 109 40.45 -16.98 -33.07
CA ALA C 109 40.89 -15.74 -33.69
C ALA C 109 39.70 -14.79 -33.85
N ALA C 110 38.58 -15.31 -34.33
CA ALA C 110 37.33 -14.53 -34.41
C ALA C 110 37.04 -13.84 -33.08
N PHE C 111 37.14 -14.60 -32.00
CA PHE C 111 36.77 -14.11 -30.68
C PHE C 111 37.72 -13.06 -30.15
N ILE C 112 39.02 -13.35 -30.24
CA ILE C 112 40.04 -12.41 -29.74
C ILE C 112 39.96 -11.10 -30.50
N GLY C 113 39.72 -11.20 -31.80
CA GLY C 113 39.77 -10.06 -32.69
C GLY C 113 38.53 -9.21 -32.64
N ASN C 114 37.37 -9.82 -32.44
CA ASN C 114 36.14 -9.04 -32.46
C ASN C 114 35.49 -8.84 -31.10
N ALA C 115 35.48 -9.89 -30.29
CA ALA C 115 34.86 -9.83 -28.97
C ALA C 115 35.79 -9.26 -27.90
N TRP C 116 37.07 -9.64 -27.94
CA TRP C 116 37.99 -9.25 -26.87
C TRP C 116 38.65 -7.94 -27.17
N GLU C 117 39.37 -7.86 -28.27
CA GLU C 117 40.07 -6.63 -28.62
C GLU C 117 39.65 -6.21 -30.01
N PRO C 118 38.48 -5.56 -30.12
CA PRO C 118 38.01 -5.20 -31.45
C PRO C 118 38.95 -4.23 -32.16
N ALA C 119 38.80 -4.12 -33.47
CA ALA C 119 39.64 -3.27 -34.31
C ALA C 119 39.38 -1.83 -33.99
N ASN C 120 40.26 -0.96 -34.47
CA ASN C 120 40.42 0.38 -33.96
C ASN C 120 39.16 1.19 -33.68
N ASN C 121 38.19 1.20 -34.58
CA ASN C 121 36.97 1.94 -34.28
C ASN C 121 35.70 1.12 -34.22
N SER C 122 35.83 -0.20 -34.35
CA SER C 122 34.65 -1.07 -34.41
C SER C 122 34.10 -1.37 -33.03
N PRO C 123 32.83 -1.78 -32.95
CA PRO C 123 32.33 -2.22 -31.65
C PRO C 123 32.81 -3.64 -31.33
N ARG C 124 32.33 -4.21 -30.24
CA ARG C 124 32.59 -5.62 -29.94
C ARG C 124 31.52 -6.48 -30.56
N ALA C 125 31.91 -7.66 -31.02
CA ALA C 125 31.01 -8.53 -31.76
C ALA C 125 31.32 -10.00 -31.56
N LEU C 126 30.29 -10.83 -31.74
CA LEU C 126 30.46 -12.28 -31.81
C LEU C 126 30.16 -12.76 -33.24
N PRO C 127 31.17 -12.75 -34.11
CA PRO C 127 31.01 -13.15 -35.50
C PRO C 127 30.15 -14.40 -35.66
N GLY C 128 29.13 -14.32 -36.51
CA GLY C 128 28.24 -15.45 -36.76
C GLY C 128 27.03 -15.46 -35.85
N LEU C 129 27.15 -14.77 -34.72
CA LEU C 129 26.03 -14.59 -33.81
C LEU C 129 25.45 -13.21 -34.03
N GLU C 130 24.13 -13.10 -33.90
CA GLU C 130 23.42 -11.84 -34.12
C GLU C 130 23.86 -10.77 -33.13
N ALA C 131 23.45 -9.54 -33.36
CA ALA C 131 23.73 -8.44 -32.43
C ALA C 131 22.94 -8.58 -31.12
N SER C 132 21.83 -9.31 -31.14
CA SER C 132 21.08 -9.60 -29.92
C SER C 132 21.96 -10.28 -28.87
N ALA C 133 22.78 -11.23 -29.33
CA ALA C 133 23.71 -11.97 -28.48
C ALA C 133 24.62 -11.05 -27.69
N MET C 134 24.78 -9.84 -28.20
CA MET C 134 25.73 -8.87 -27.70
C MET C 134 25.10 -8.04 -26.62
N THR C 135 24.43 -8.75 -25.72
CA THR C 135 23.64 -8.19 -24.64
C THR C 135 24.46 -7.26 -23.72
N ASP C 136 23.75 -6.47 -22.92
CA ASP C 136 24.38 -5.49 -22.02
C ASP C 136 25.35 -6.13 -21.04
N THR C 137 24.94 -7.24 -20.44
CA THR C 137 25.80 -7.92 -19.47
C THR C 137 27.03 -8.48 -20.15
N VAL C 138 26.85 -9.07 -21.32
CA VAL C 138 27.97 -9.61 -22.08
C VAL C 138 28.98 -8.50 -22.40
N LYS C 139 28.45 -7.33 -22.73
CA LYS C 139 29.24 -6.18 -23.15
C LYS C 139 30.04 -5.62 -21.97
N LEU C 140 29.40 -5.60 -20.80
CA LEU C 140 30.00 -5.13 -19.56
C LEU C 140 31.09 -6.06 -19.02
N CYS C 141 30.87 -7.36 -19.10
CA CYS C 141 31.84 -8.35 -18.69
C CYS C 141 33.07 -8.39 -19.60
N LEU C 142 32.82 -8.45 -20.91
CA LEU C 142 33.92 -8.41 -21.87
C LEU C 142 34.78 -7.17 -21.61
N ALA C 143 34.13 -6.01 -21.49
CA ALA C 143 34.82 -4.75 -21.22
C ALA C 143 35.66 -4.82 -19.94
N PHE C 144 35.05 -5.31 -18.87
CA PHE C 144 35.76 -5.46 -17.60
C PHE C 144 36.94 -6.44 -17.65
N LEU C 145 36.69 -7.66 -18.14
CA LEU C 145 37.73 -8.68 -18.20
C LEU C 145 38.91 -8.19 -19.00
N ASN C 146 38.63 -7.49 -20.09
CA ASN C 146 39.65 -6.91 -20.94
C ASN C 146 40.46 -5.89 -20.17
N SER C 147 39.77 -5.08 -19.39
CA SER C 147 40.39 -3.99 -18.64
C SER C 147 41.34 -4.57 -17.60
N LEU C 148 40.90 -5.66 -17.00
CA LEU C 148 41.67 -6.39 -16.01
C LEU C 148 42.84 -7.15 -16.65
N LYS C 149 42.80 -7.27 -17.96
CA LYS C 149 43.84 -7.98 -18.74
C LYS C 149 43.81 -9.48 -18.45
N HIS C 150 42.62 -9.99 -18.22
CA HIS C 150 42.39 -11.37 -17.81
C HIS C 150 42.33 -12.30 -18.99
N THR C 151 43.42 -12.36 -19.74
CA THR C 151 43.48 -13.11 -21.00
C THR C 151 43.16 -14.58 -20.83
N ILE C 152 43.44 -15.11 -19.64
CA ILE C 152 43.17 -16.50 -19.31
C ILE C 152 41.69 -16.88 -19.48
N ALA C 153 40.82 -15.89 -19.37
CA ALA C 153 39.39 -16.13 -19.49
C ALA C 153 38.97 -16.34 -20.94
N ILE C 154 39.86 -16.03 -21.88
CA ILE C 154 39.57 -16.17 -23.31
C ILE C 154 39.25 -17.62 -23.66
N ALA C 155 40.13 -18.53 -23.26
CA ALA C 155 39.97 -19.96 -23.51
C ALA C 155 38.59 -20.51 -23.16
N PRO C 156 38.13 -20.35 -21.88
CA PRO C 156 36.79 -20.87 -21.61
C PRO C 156 35.71 -20.19 -22.42
N LEU C 157 35.90 -18.92 -22.74
CA LEU C 157 34.87 -18.14 -23.42
C LEU C 157 34.72 -18.52 -24.89
N VAL C 158 35.85 -18.73 -25.58
CA VAL C 158 35.87 -19.21 -26.97
C VAL C 158 35.05 -20.48 -27.09
N ARG C 159 35.16 -21.32 -26.08
CA ARG C 159 34.53 -22.63 -26.07
C ARG C 159 33.02 -22.51 -26.20
N PHE C 160 32.44 -21.53 -25.51
CA PHE C 160 30.99 -21.32 -25.49
C PHE C 160 30.53 -20.57 -26.72
N TYR C 161 31.42 -19.73 -27.22
CA TYR C 161 31.20 -19.01 -28.44
C TYR C 161 31.18 -20.01 -29.58
N SER C 162 32.24 -20.82 -29.64
CA SER C 162 32.41 -21.80 -30.71
C SER C 162 31.17 -22.66 -30.88
N GLU C 163 30.64 -23.12 -29.74
CA GLU C 163 29.46 -23.95 -29.71
C GLU C 163 28.20 -23.19 -30.11
N ALA C 164 28.16 -21.89 -29.87
CA ALA C 164 26.98 -21.10 -30.20
C ALA C 164 26.90 -20.90 -31.70
N VAL C 165 28.05 -20.68 -32.31
CA VAL C 165 28.18 -20.54 -33.75
C VAL C 165 27.77 -21.85 -34.43
N HIS C 166 28.49 -22.92 -34.12
CA HIS C 166 28.28 -24.22 -34.76
C HIS C 166 26.87 -24.76 -34.67
N ALA C 167 26.12 -24.31 -33.66
CA ALA C 167 24.75 -24.80 -33.40
C ALA C 167 23.71 -24.38 -34.44
N ASP C 168 22.76 -25.28 -34.71
CA ASP C 168 21.69 -25.04 -35.67
C ASP C 168 20.93 -23.77 -35.34
N GLU C 169 20.49 -23.05 -36.38
CA GLU C 169 19.70 -21.84 -36.21
C GLU C 169 18.42 -22.05 -35.39
N GLY C 170 17.91 -20.96 -34.83
CA GLY C 170 16.66 -20.99 -34.08
C GLY C 170 16.88 -21.42 -32.65
N GLU C 171 16.21 -22.49 -32.25
CA GLU C 171 16.22 -22.93 -30.84
C GLU C 171 17.61 -23.28 -30.35
N ALA C 172 18.34 -24.09 -31.13
CA ALA C 172 19.67 -24.55 -30.75
C ALA C 172 20.66 -23.39 -30.49
N ARG C 173 20.74 -22.46 -31.44
CA ARG C 173 21.63 -21.30 -31.34
C ARG C 173 21.32 -20.45 -30.11
N GLU C 174 20.04 -20.14 -29.91
CA GLU C 174 19.61 -19.29 -28.80
C GLU C 174 19.93 -19.90 -27.44
N LYS C 175 19.74 -21.21 -27.33
CA LYS C 175 20.01 -21.92 -26.10
C LYS C 175 21.49 -21.77 -25.78
N ARG C 176 22.34 -21.95 -26.81
CA ARG C 176 23.79 -21.86 -26.63
C ARG C 176 24.27 -20.44 -26.43
N VAL C 177 23.51 -19.48 -26.94
CA VAL C 177 23.83 -18.08 -26.78
C VAL C 177 23.53 -17.66 -25.34
N ALA C 178 22.34 -18.01 -24.87
CA ALA C 178 21.97 -17.75 -23.47
C ALA C 178 22.97 -18.41 -22.52
N GLU C 179 23.40 -19.62 -22.87
CA GLU C 179 24.44 -20.28 -22.10
C GLU C 179 25.73 -19.48 -22.13
N PHE C 180 26.07 -18.87 -23.26
CA PHE C 180 27.26 -18.02 -23.30
C PHE C 180 27.20 -16.88 -22.29
N GLU C 181 26.02 -16.28 -22.11
CA GLU C 181 25.86 -15.22 -21.11
C GLU C 181 26.04 -15.77 -19.69
N LYS C 182 25.35 -16.88 -19.40
CA LYS C 182 25.49 -17.55 -18.11
C LYS C 182 26.96 -17.81 -17.81
N ALA C 183 27.66 -18.32 -18.82
CA ALA C 183 29.09 -18.59 -18.73
C ALA C 183 29.92 -17.33 -18.39
N ILE C 184 29.64 -16.24 -19.09
CA ILE C 184 30.41 -14.99 -18.96
C ILE C 184 30.23 -14.35 -17.58
N LYS C 185 28.98 -14.35 -17.10
CA LYS C 185 28.65 -13.96 -15.73
C LYS C 185 29.44 -14.78 -14.70
N ALA C 186 29.34 -16.10 -14.79
CA ALA C 186 30.02 -16.98 -13.85
C ALA C 186 31.52 -16.73 -13.83
N ILE C 187 32.15 -16.65 -15.01
CA ILE C 187 33.58 -16.38 -15.11
C ILE C 187 33.93 -15.07 -14.41
N THR C 188 33.10 -14.06 -14.66
CA THR C 188 33.36 -12.71 -14.20
C THR C 188 33.21 -12.61 -12.69
N ALA C 189 32.06 -13.06 -12.18
CA ALA C 189 31.80 -13.10 -10.75
C ALA C 189 32.90 -13.87 -10.00
N PHE C 190 33.20 -15.08 -10.48
CA PHE C 190 34.29 -15.86 -9.91
C PHE C 190 35.58 -15.05 -9.86
N THR C 191 35.95 -14.41 -10.98
CA THR C 191 37.20 -13.65 -11.03
C THR C 191 37.16 -12.48 -10.06
N VAL C 192 36.04 -11.77 -10.02
CA VAL C 192 35.89 -10.64 -9.11
C VAL C 192 36.03 -11.08 -7.65
N PHE C 193 35.27 -12.10 -7.25
CA PHE C 193 35.31 -12.57 -5.88
C PHE C 193 36.72 -13.02 -5.46
N TRP C 194 37.40 -13.75 -6.34
CA TRP C 194 38.72 -14.31 -6.08
C TRP C 194 39.73 -13.23 -5.87
N ARG C 195 39.57 -12.20 -6.67
CA ARG C 195 40.57 -11.18 -6.85
C ARG C 195 40.40 -10.08 -5.81
N ALA C 196 39.14 -9.86 -5.42
CA ALA C 196 38.77 -8.88 -4.40
C ALA C 196 39.23 -9.29 -3.01
N THR C 197 39.54 -10.57 -2.88
CA THR C 197 39.60 -11.18 -1.58
C THR C 197 41.03 -11.61 -1.28
N ARG C 198 41.90 -11.39 -2.27
CA ARG C 198 43.30 -11.79 -2.25
C ARG C 198 44.20 -10.63 -2.54
N ARG C 199 45.42 -10.69 -2.01
CA ARG C 199 46.39 -9.61 -2.15
C ARG C 199 46.96 -9.44 -3.57
N GLY C 200 47.57 -10.48 -4.12
CA GLY C 200 48.07 -10.44 -5.49
C GLY C 200 47.06 -11.08 -6.42
N THR C 201 47.52 -11.58 -7.57
CA THR C 201 46.63 -12.33 -8.47
C THR C 201 46.30 -13.69 -7.85
N GLY C 202 47.07 -14.08 -6.83
CA GLY C 202 46.92 -15.37 -6.16
C GLY C 202 46.84 -16.57 -7.07
N ASN C 203 47.49 -16.47 -8.24
CA ASN C 203 47.37 -17.41 -9.37
C ASN C 203 45.97 -17.95 -9.71
N ILE C 204 45.06 -17.03 -10.07
CA ILE C 204 43.75 -17.42 -10.60
C ILE C 204 43.94 -18.29 -11.84
N ASP C 205 44.95 -17.95 -12.65
CA ASP C 205 45.16 -18.58 -13.95
C ASP C 205 45.18 -20.09 -13.81
N SER C 206 45.97 -20.52 -12.83
CA SER C 206 46.13 -21.92 -12.49
C SER C 206 44.78 -22.59 -12.27
N GLN C 207 43.83 -21.87 -11.68
CA GLN C 207 42.49 -22.40 -11.48
C GLN C 207 41.80 -22.65 -12.81
N TYR C 208 41.85 -21.66 -13.70
CA TYR C 208 41.17 -21.74 -14.99
C TYR C 208 41.71 -22.87 -15.86
N ARG C 209 43.03 -23.01 -15.86
CA ARG C 209 43.68 -24.04 -16.65
C ARG C 209 43.20 -25.40 -16.22
N ALA C 210 43.08 -25.57 -14.90
CA ALA C 210 42.65 -26.85 -14.38
C ALA C 210 41.27 -27.15 -14.91
N VAL C 211 40.42 -26.13 -14.90
CA VAL C 211 39.06 -26.32 -15.34
C VAL C 211 39.04 -26.75 -16.80
N MET C 212 39.86 -26.10 -17.61
CA MET C 212 39.87 -26.41 -19.02
C MET C 212 40.33 -27.84 -19.26
N ALA C 213 41.37 -28.24 -18.53
CA ALA C 213 41.94 -29.57 -18.72
C ALA C 213 41.36 -30.52 -17.71
N GLY C 214 40.51 -29.94 -16.88
CA GLY C 214 40.34 -30.31 -15.50
C GLY C 214 39.76 -31.66 -15.26
N ALA C 215 40.28 -32.41 -14.29
CA ALA C 215 41.50 -32.09 -13.55
C ALA C 215 41.23 -31.44 -12.19
N ASP C 216 41.32 -32.24 -11.13
CA ASP C 216 41.17 -31.70 -9.80
C ASP C 216 39.78 -31.11 -9.63
N SER C 217 38.81 -31.63 -10.37
CA SER C 217 37.48 -31.09 -10.31
C SER C 217 36.88 -31.28 -8.94
N LEU C 218 36.26 -30.23 -8.40
CA LEU C 218 35.50 -30.38 -7.18
C LEU C 218 34.14 -30.98 -7.47
N THR C 219 33.54 -30.61 -8.59
CA THR C 219 32.30 -31.25 -9.01
C THR C 219 32.61 -32.42 -9.91
N GLY C 220 31.60 -33.21 -10.23
CA GLY C 220 31.79 -34.37 -11.10
C GLY C 220 32.30 -34.03 -12.48
N ILE C 221 32.36 -32.73 -12.80
CA ILE C 221 32.68 -32.22 -14.14
C ILE C 221 34.09 -32.54 -14.70
N GLY C 222 34.13 -32.86 -15.99
CA GLY C 222 35.37 -33.14 -16.71
C GLY C 222 35.87 -31.95 -17.51
N PRO C 223 36.70 -32.22 -18.55
CA PRO C 223 37.47 -31.13 -19.14
C PRO C 223 36.55 -30.12 -19.85
N LEU C 224 37.04 -28.91 -20.06
CA LEU C 224 36.23 -27.88 -20.74
C LEU C 224 36.77 -27.60 -22.14
N ALA C 225 38.03 -27.99 -22.38
CA ALA C 225 38.64 -27.94 -23.72
C ALA C 225 37.91 -28.82 -24.74
N ARG C 226 38.23 -28.65 -26.03
CA ARG C 226 37.54 -29.37 -27.10
C ARG C 226 37.90 -30.85 -27.08
N GLN C 227 39.17 -31.14 -26.81
CA GLN C 227 39.69 -32.50 -26.90
C GLN C 227 40.49 -32.87 -25.66
N TRP C 228 40.80 -34.16 -25.55
CA TRP C 228 41.58 -34.71 -24.44
C TRP C 228 43.06 -34.58 -24.65
N ALA C 229 43.76 -34.13 -23.61
CA ALA C 229 45.21 -33.87 -23.65
C ALA C 229 45.96 -35.19 -23.85
N GLU C 230 45.42 -36.25 -23.26
CA GLU C 230 45.83 -37.62 -23.53
C GLU C 230 45.13 -38.07 -24.83
N PRO C 231 45.88 -38.11 -25.95
CA PRO C 231 45.31 -38.34 -27.30
C PRO C 231 44.72 -39.74 -27.50
N ASP C 232 43.38 -39.77 -27.61
CA ASP C 232 42.57 -40.98 -27.83
C ASP C 232 41.19 -40.80 -27.19
N ALA C 233 40.20 -41.52 -27.68
CA ALA C 233 38.82 -41.28 -27.27
C ALA C 233 38.04 -42.52 -26.86
N THR C 234 37.43 -42.43 -25.69
CA THR C 234 36.44 -43.42 -25.24
C THR C 234 35.11 -42.76 -24.89
N LYS C 235 35.15 -41.49 -24.51
CA LYS C 235 33.96 -40.73 -24.11
C LYS C 235 33.97 -39.28 -24.61
N PRO C 236 32.78 -38.68 -24.80
CA PRO C 236 32.66 -37.30 -25.28
C PRO C 236 33.07 -36.23 -24.25
N ASP C 237 33.52 -35.07 -24.73
CA ASP C 237 33.87 -33.97 -23.85
C ASP C 237 33.02 -32.77 -24.15
N PRO C 238 32.18 -32.40 -23.19
CA PRO C 238 31.46 -31.12 -23.27
C PRO C 238 31.07 -30.74 -21.87
N ASP C 239 31.01 -29.46 -21.58
CA ASP C 239 30.42 -29.06 -20.31
C ASP C 239 29.33 -28.00 -20.46
N VAL C 240 28.09 -28.33 -20.14
CA VAL C 240 27.15 -27.24 -19.86
C VAL C 240 27.73 -26.47 -18.68
N ASP C 241 27.79 -25.18 -18.78
CA ASP C 241 28.19 -24.29 -17.66
C ASP C 241 27.12 -24.25 -16.58
N ALA C 242 25.87 -24.32 -17.00
CA ALA C 242 24.76 -23.80 -16.21
C ALA C 242 24.82 -24.47 -14.87
N GLU C 243 25.22 -25.73 -14.89
CA GLU C 243 25.55 -26.39 -13.66
C GLU C 243 27.04 -26.36 -13.49
N ALA C 244 27.74 -26.68 -14.58
CA ALA C 244 29.09 -27.17 -14.44
C ALA C 244 30.09 -26.07 -14.19
N LEU C 245 30.09 -25.07 -15.07
CA LEU C 245 31.05 -24.03 -14.91
C LEU C 245 30.70 -23.32 -13.64
N LYS C 246 29.41 -23.09 -13.47
CA LYS C 246 28.93 -22.33 -12.33
C LYS C 246 29.26 -23.01 -11.01
N LYS C 247 28.77 -24.24 -10.86
CA LYS C 247 29.01 -25.01 -9.64
C LYS C 247 30.50 -25.28 -9.42
N GLU C 248 31.22 -25.61 -10.49
CA GLU C 248 32.65 -25.92 -10.35
C GLU C 248 33.43 -24.71 -9.84
N LEU C 249 33.11 -23.55 -10.41
CA LEU C 249 33.77 -22.29 -10.04
C LEU C 249 33.33 -21.86 -8.66
N ALA C 250 32.02 -21.95 -8.42
CA ALA C 250 31.43 -21.71 -7.09
C ALA C 250 32.23 -22.45 -6.03
N ALA C 251 32.44 -23.74 -6.25
CA ALA C 251 33.16 -24.57 -5.29
C ALA C 251 34.63 -24.19 -5.17
N ARG C 252 35.28 -23.93 -6.30
CA ARG C 252 36.70 -23.60 -6.26
C ARG C 252 37.01 -22.39 -5.37
N LEU C 253 36.02 -21.53 -5.20
CA LEU C 253 36.17 -20.32 -4.43
C LEU C 253 35.86 -20.58 -2.97
N SER C 254 34.89 -21.45 -2.76
CA SER C 254 34.07 -21.41 -1.56
C SER C 254 34.03 -22.73 -0.79
N ASP C 255 34.85 -23.68 -1.22
CA ASP C 255 34.81 -25.01 -0.64
C ASP C 255 36.10 -25.24 0.12
N PRO C 256 36.01 -25.84 1.33
CA PRO C 256 37.18 -26.15 2.16
C PRO C 256 38.20 -27.01 1.42
N LYS C 257 37.70 -27.89 0.55
CA LYS C 257 38.53 -28.73 -0.29
C LYS C 257 39.23 -27.90 -1.37
N GLY C 258 38.65 -26.76 -1.72
CA GLY C 258 39.18 -25.90 -2.79
C GLY C 258 40.22 -24.89 -2.34
N LYS C 259 41.02 -24.41 -3.29
CA LYS C 259 42.08 -23.44 -3.01
C LYS C 259 41.56 -21.99 -2.85
N GLY C 260 40.31 -21.75 -3.22
CA GLY C 260 39.62 -20.50 -2.88
C GLY C 260 39.32 -20.54 -1.38
N GLY C 261 39.90 -19.61 -0.62
CA GLY C 261 39.85 -19.66 0.84
C GLY C 261 38.75 -18.79 1.43
N VAL C 262 37.54 -18.95 0.90
CA VAL C 262 36.43 -18.05 1.21
C VAL C 262 35.15 -18.86 1.42
N PRO C 263 34.95 -19.39 2.63
CA PRO C 263 33.87 -20.32 2.95
C PRO C 263 32.54 -19.69 3.33
N ASN C 264 32.57 -18.43 3.76
CA ASN C 264 31.34 -17.72 4.22
C ASN C 264 31.42 -16.21 4.03
N LEU C 265 30.29 -15.52 4.26
CA LEU C 265 30.22 -14.09 4.05
C LEU C 265 31.18 -13.30 4.95
N ALA C 266 31.20 -13.64 6.24
CA ALA C 266 32.13 -13.00 7.21
C ALA C 266 33.57 -12.96 6.75
N SER C 267 34.03 -14.04 6.12
CA SER C 267 35.43 -14.15 5.70
C SER C 267 35.66 -13.30 4.45
N PHE C 268 34.68 -13.26 3.57
CA PHE C 268 34.76 -12.45 2.37
C PHE C 268 34.85 -10.97 2.72
N LEU C 269 33.94 -10.53 3.58
CA LEU C 269 33.90 -9.16 4.05
C LEU C 269 35.19 -8.82 4.77
N ALA C 270 35.70 -9.74 5.59
CA ALA C 270 36.93 -9.47 6.31
C ALA C 270 38.14 -9.34 5.37
N ASP C 271 38.22 -10.22 4.37
CA ASP C 271 39.34 -10.23 3.42
C ASP C 271 39.35 -8.97 2.53
N ALA C 272 38.19 -8.65 1.96
CA ALA C 272 38.03 -7.51 1.07
C ALA C 272 38.18 -6.15 1.76
N SER C 273 37.57 -6.02 2.94
CA SER C 273 37.66 -4.81 3.77
C SER C 273 39.08 -4.37 4.00
N ALA C 274 39.99 -5.35 4.01
CA ALA C 274 41.34 -5.11 4.50
C ALA C 274 42.34 -4.69 3.43
N LEU C 275 42.02 -4.98 2.17
CA LEU C 275 42.96 -4.78 1.07
C LEU C 275 42.82 -3.41 0.40
N PRO C 276 43.96 -2.87 -0.08
CA PRO C 276 43.96 -1.61 -0.83
C PRO C 276 43.55 -1.85 -2.26
N LEU C 277 42.27 -2.14 -2.46
CA LEU C 277 41.76 -2.60 -3.75
C LEU C 277 42.07 -1.63 -4.89
N TYR C 278 41.91 -0.34 -4.66
CA TYR C 278 42.22 0.64 -5.69
C TYR C 278 43.66 0.57 -6.17
N LYS C 279 44.61 0.34 -5.27
CA LYS C 279 46.00 0.17 -5.69
C LYS C 279 46.26 -1.17 -6.38
N ILE C 280 45.57 -2.21 -5.94
CA ILE C 280 45.75 -3.54 -6.52
C ILE C 280 45.24 -3.59 -7.95
N SER C 281 44.03 -3.09 -8.16
CA SER C 281 43.38 -3.12 -9.47
C SER C 281 42.25 -2.08 -9.56
N PRO C 282 42.57 -0.89 -10.10
CA PRO C 282 41.55 0.12 -10.34
C PRO C 282 40.33 -0.41 -11.12
N PRO C 283 40.54 -1.26 -12.14
CA PRO C 283 39.38 -1.85 -12.81
C PRO C 283 38.48 -2.64 -11.85
N LEU C 284 39.09 -3.43 -10.97
CA LEU C 284 38.32 -4.22 -10.00
C LEU C 284 37.57 -3.32 -9.02
N ALA C 285 38.25 -2.29 -8.52
CA ALA C 285 37.60 -1.33 -7.65
C ALA C 285 36.36 -0.74 -8.34
N ARG C 286 36.52 -0.36 -9.60
CA ARG C 286 35.43 0.26 -10.37
C ARG C 286 34.24 -0.69 -10.55
N PHE C 287 34.54 -1.92 -10.96
CA PHE C 287 33.50 -2.95 -11.08
C PHE C 287 32.75 -3.16 -9.76
N LEU C 288 33.46 -3.18 -8.65
CA LEU C 288 32.83 -3.34 -7.34
C LEU C 288 31.97 -2.12 -6.97
N LEU C 289 32.52 -0.92 -7.15
CA LEU C 289 31.76 0.30 -6.89
C LEU C 289 30.46 0.38 -7.70
N LEU C 290 30.52 0.06 -8.98
CA LEU C 290 29.33 0.05 -9.83
C LEU C 290 28.31 -0.97 -9.32
N ALA C 291 28.77 -2.16 -8.94
CA ALA C 291 27.89 -3.19 -8.39
C ALA C 291 27.19 -2.67 -7.13
N ALA C 292 27.98 -2.04 -6.27
CA ALA C 292 27.51 -1.56 -4.98
C ALA C 292 26.51 -0.43 -5.10
N TYR C 293 26.82 0.58 -5.91
CA TYR C 293 26.01 1.79 -6.00
C TYR C 293 24.71 1.63 -6.81
N HIS C 294 24.66 0.58 -7.63
CA HIS C 294 23.52 0.34 -8.50
C HIS C 294 22.21 0.20 -7.75
N ASP C 295 21.27 1.10 -8.05
CA ASP C 295 19.94 1.17 -7.43
C ASP C 295 19.98 1.30 -5.91
N THR C 296 20.87 2.15 -5.43
CA THR C 296 20.94 2.49 -4.01
C THR C 296 20.23 3.80 -3.70
N ILE C 297 20.00 4.05 -2.41
CA ILE C 297 19.36 5.27 -1.93
C ILE C 297 20.02 5.59 -0.58
N GLU C 298 20.20 6.88 -0.28
CA GLU C 298 20.85 7.28 0.99
C GLU C 298 20.14 6.66 2.20
N ASP C 299 20.94 6.20 3.17
CA ASP C 299 20.42 5.51 4.36
C ASP C 299 19.79 6.52 5.31
N PRO C 300 18.49 6.34 5.64
CA PRO C 300 17.82 7.30 6.53
C PRO C 300 18.32 7.27 7.99
N ASP C 301 18.93 6.16 8.41
CA ASP C 301 19.40 6.00 9.79
C ASP C 301 20.92 6.19 9.97
N ASN C 302 21.71 5.67 9.06
CA ASN C 302 23.15 5.84 9.17
C ASN C 302 23.61 6.88 8.17
N PRO C 303 23.78 8.13 8.60
CA PRO C 303 24.12 9.17 7.63
C PRO C 303 25.43 8.89 6.90
N GLY C 304 25.48 9.12 5.60
CA GLY C 304 26.69 8.82 4.85
C GLY C 304 26.70 7.39 4.34
N LEU C 305 25.66 6.64 4.65
CA LEU C 305 25.56 5.26 4.25
C LEU C 305 24.42 5.10 3.29
N ILE C 306 24.43 4.00 2.54
CA ILE C 306 23.40 3.79 1.54
C ILE C 306 22.71 2.45 1.75
N VAL C 307 21.51 2.31 1.20
CA VAL C 307 20.78 1.03 1.25
C VAL C 307 20.11 0.79 -0.10
N GLN C 308 19.77 -0.46 -0.39
CA GLN C 308 19.12 -0.78 -1.65
C GLN C 308 17.84 0.03 -1.76
N GLY C 309 17.50 0.43 -2.99
CA GLY C 309 16.29 1.22 -3.26
C GLY C 309 15.45 0.68 -4.40
N LYS C 310 14.49 1.50 -4.86
CA LYS C 310 13.60 1.13 -5.96
C LYS C 310 14.38 0.69 -7.18
N ALA C 311 13.89 -0.35 -7.84
CA ALA C 311 14.44 -0.80 -9.12
C ALA C 311 14.48 0.36 -10.11
N GLY C 312 15.65 0.57 -10.71
CA GLY C 312 15.82 1.56 -11.79
C GLY C 312 15.92 3.02 -11.38
N VAL C 313 16.00 3.28 -10.08
CA VAL C 313 16.07 4.64 -9.54
C VAL C 313 17.42 5.29 -9.78
N ALA C 314 18.49 4.51 -9.66
CA ALA C 314 19.84 5.01 -9.86
C ALA C 314 20.72 3.89 -10.39
N SER C 315 20.46 3.45 -11.61
CA SER C 315 21.19 2.32 -12.16
C SER C 315 22.53 2.71 -12.76
N CYS C 316 23.58 2.04 -12.33
CA CYS C 316 24.89 2.26 -12.92
C CYS C 316 25.62 0.98 -13.27
N PHE C 317 25.13 -0.18 -12.83
CA PHE C 317 25.84 -1.41 -13.07
C PHE C 317 25.50 -1.94 -14.45
N THR C 318 26.12 -1.31 -15.45
CA THR C 318 25.79 -1.53 -16.86
C THR C 318 27.01 -1.27 -17.72
N ALA C 319 26.99 -1.78 -18.94
CA ALA C 319 28.02 -1.48 -19.93
C ALA C 319 28.23 0.03 -20.07
N ASP C 320 27.15 0.80 -20.17
CA ASP C 320 27.22 2.28 -20.21
C ASP C 320 27.96 2.87 -19.00
N GLY C 321 27.56 2.43 -17.81
CA GLY C 321 28.20 2.80 -16.56
C GLY C 321 29.68 2.48 -16.55
N TRP C 322 30.02 1.28 -17.02
CA TRP C 322 31.42 0.88 -17.09
C TRP C 322 32.22 1.83 -17.93
N GLU C 323 31.68 2.17 -19.09
CA GLU C 323 32.36 3.03 -20.05
C GLU C 323 32.36 4.49 -19.63
N ASP C 324 31.43 4.89 -18.75
CA ASP C 324 31.22 6.29 -18.36
C ASP C 324 32.26 6.89 -17.41
N ASP C 325 33.48 7.08 -17.91
CA ASP C 325 34.60 7.65 -17.17
C ASP C 325 34.34 9.07 -16.73
N THR C 326 33.73 9.86 -17.59
CA THR C 326 33.56 11.27 -17.29
C THR C 326 32.55 11.53 -16.18
N HIS C 327 31.41 10.83 -16.21
CA HIS C 327 30.40 11.02 -15.19
C HIS C 327 30.71 10.31 -13.89
N LEU C 328 31.33 9.13 -14.02
CA LEU C 328 31.57 8.25 -12.89
C LEU C 328 33.04 7.87 -12.83
N THR C 329 33.84 8.80 -12.34
CA THR C 329 35.26 8.55 -12.13
C THR C 329 35.48 8.14 -10.67
N ILE C 330 36.41 7.23 -10.43
CA ILE C 330 36.75 6.83 -9.07
C ILE C 330 37.48 7.97 -8.38
N GLU C 331 36.94 8.40 -7.24
CA GLU C 331 37.50 9.52 -6.48
C GLU C 331 37.66 9.10 -5.01
N HIS C 332 38.77 9.50 -4.40
CA HIS C 332 39.07 9.21 -3.01
C HIS C 332 38.42 10.21 -2.10
N ILE C 333 37.77 9.73 -1.03
CA ILE C 333 37.17 10.63 -0.06
C ILE C 333 38.24 11.27 0.83
N ALA C 334 38.93 10.49 1.65
CA ALA C 334 40.12 11.03 2.31
C ALA C 334 41.19 11.11 1.22
N PRO C 335 41.72 12.31 0.97
CA PRO C 335 42.83 12.48 0.02
C PRO C 335 43.90 11.40 0.09
N GLN C 336 44.51 11.07 -1.06
CA GLN C 336 45.57 10.09 -1.12
C GLN C 336 46.80 10.45 -0.28
N SER C 337 46.97 11.73 0.00
CA SER C 337 48.12 12.19 0.77
C SER C 337 47.70 12.98 1.99
N ALA C 338 48.59 13.02 2.98
CA ALA C 338 48.37 13.79 4.18
C ALA C 338 48.04 15.25 3.83
N THR C 339 46.85 15.70 4.23
CA THR C 339 46.38 17.06 3.96
C THR C 339 45.64 17.57 5.19
N SER C 340 45.68 18.88 5.43
CA SER C 340 44.91 19.44 6.53
C SER C 340 43.40 19.36 6.26
N GLY C 341 42.63 19.52 7.34
CA GLY C 341 41.17 19.39 7.26
C GLY C 341 40.81 17.92 7.41
N TRP C 342 41.82 17.10 7.73
CA TRP C 342 41.66 15.66 7.68
C TRP C 342 42.33 14.88 8.79
N ASP C 343 41.64 13.88 9.31
CA ASP C 343 42.15 13.15 10.49
C ASP C 343 43.40 12.32 10.18
N ALA C 344 44.43 12.45 11.01
CA ALA C 344 45.74 11.84 10.70
C ALA C 344 45.70 10.32 10.77
N GLU C 345 44.68 9.82 11.45
CA GLU C 345 44.36 8.39 11.52
C GLU C 345 44.45 7.71 10.15
N PHE C 346 43.94 8.39 9.11
CA PHE C 346 43.91 7.90 7.72
C PHE C 346 45.28 7.59 7.10
N TYR C 347 46.35 8.06 7.72
CA TYR C 347 47.68 7.93 7.12
C TYR C 347 48.64 7.11 7.98
N SER C 348 48.08 6.46 9.00
CA SER C 348 48.78 5.43 9.78
C SER C 348 49.32 4.40 8.81
N ASP C 349 48.42 3.81 8.04
CA ASP C 349 48.75 2.80 7.06
C ASP C 349 48.57 3.36 5.65
N LYS C 350 49.67 3.34 4.90
CA LYS C 350 49.68 3.81 3.50
C LYS C 350 48.58 3.19 2.62
N GLU C 351 48.00 2.10 3.09
CA GLU C 351 47.00 1.37 2.32
C GLU C 351 45.57 1.81 2.62
N THR C 352 45.39 2.49 3.75
CA THR C 352 44.06 2.88 4.24
C THR C 352 43.23 3.63 3.19
N VAL C 353 43.80 4.70 2.64
CA VAL C 353 43.14 5.54 1.65
C VAL C 353 42.63 4.81 0.40
N HIS C 354 43.15 3.60 0.15
CA HIS C 354 42.86 2.84 -1.07
C HIS C 354 41.90 1.70 -0.92
N LYS C 355 41.25 1.61 0.25
CA LYS C 355 40.29 0.54 0.51
C LYS C 355 38.92 1.01 0.04
N LEU C 356 38.05 0.04 -0.29
CA LEU C 356 36.80 0.35 -0.98
C LEU C 356 35.99 1.46 -0.33
N GLY C 357 35.90 1.44 1.01
CA GLY C 357 35.12 2.39 1.78
C GLY C 357 35.42 3.86 1.57
N ASN C 358 36.63 4.15 1.08
CA ASN C 358 37.09 5.50 0.84
C ASN C 358 36.84 5.99 -0.59
N LEU C 359 36.21 5.14 -1.41
CA LEU C 359 36.05 5.47 -2.81
C LEU C 359 34.62 5.83 -3.16
N VAL C 360 34.49 6.92 -3.92
CA VAL C 360 33.22 7.31 -4.55
C VAL C 360 33.35 7.38 -6.07
N LEU C 361 32.22 7.30 -6.76
CA LEU C 361 32.13 7.61 -8.17
C LEU C 361 31.59 9.02 -8.32
N ALA C 362 32.36 9.89 -8.96
CA ALA C 362 32.01 11.30 -9.15
C ALA C 362 32.46 11.76 -10.53
N PRO C 363 31.84 12.85 -11.04
CA PRO C 363 32.28 13.38 -12.33
C PRO C 363 33.76 13.78 -12.32
N GLY C 364 34.49 13.37 -13.36
CA GLY C 364 35.93 13.52 -13.40
C GLY C 364 36.41 14.96 -13.44
N ALA C 365 35.65 15.83 -14.10
CA ALA C 365 36.05 17.22 -14.26
C ALA C 365 36.08 17.95 -12.92
N ALA C 366 35.21 17.57 -12.00
CA ALA C 366 35.08 18.25 -10.72
C ALA C 366 36.36 18.13 -9.92
N ASN C 367 37.16 17.14 -10.29
CA ASN C 367 38.39 16.85 -9.56
C ASN C 367 39.18 18.10 -9.19
N ALA C 368 39.18 19.10 -10.07
CA ALA C 368 39.91 20.33 -9.82
C ALA C 368 39.40 21.06 -8.59
N SER C 369 38.16 20.77 -8.19
CA SER C 369 37.55 21.45 -7.05
C SER C 369 37.58 20.59 -5.80
N LEU C 370 37.73 19.28 -5.97
CA LEU C 370 37.71 18.33 -4.87
C LEU C 370 39.09 18.07 -4.31
N SER C 371 40.10 18.17 -5.17
CA SER C 371 41.45 17.74 -4.86
C SER C 371 41.99 18.36 -3.56
N SER C 372 42.43 17.50 -2.65
CA SER C 372 43.14 17.91 -1.42
C SER C 372 42.44 18.97 -0.58
N ARG C 373 41.11 19.01 -0.64
CA ARG C 373 40.37 19.97 0.16
C ARG C 373 39.92 19.35 1.47
N PRO C 374 39.89 20.14 2.57
CA PRO C 374 39.27 19.74 3.83
C PRO C 374 37.91 19.08 3.62
N TRP C 375 37.53 18.19 4.52
CA TRP C 375 36.25 17.51 4.38
C TRP C 375 35.10 18.47 4.37
N THR C 376 35.21 19.49 5.22
CA THR C 376 34.19 20.51 5.37
C THR C 376 33.68 21.00 4.01
N GLU C 377 34.60 21.12 3.06
CA GLU C 377 34.31 21.52 1.67
C GLU C 377 33.82 20.35 0.82
N LYS C 378 34.61 19.27 0.81
CA LYS C 378 34.23 18.06 0.07
C LYS C 378 32.79 17.65 0.34
N LYS C 379 32.33 17.91 1.56
CA LYS C 379 30.95 17.59 1.95
C LYS C 379 29.93 18.37 1.12
N VAL C 380 30.19 19.67 0.93
CA VAL C 380 29.28 20.51 0.16
C VAL C 380 29.32 20.08 -1.30
N LEU C 381 30.54 19.89 -1.80
CA LEU C 381 30.75 19.48 -3.19
C LEU C 381 30.02 18.17 -3.53
N TYR C 382 30.16 17.15 -2.68
CA TYR C 382 29.44 15.90 -2.90
C TYR C 382 27.93 16.15 -2.87
N ALA C 383 27.48 16.94 -1.89
CA ALA C 383 26.05 17.21 -1.75
C ALA C 383 25.51 17.87 -3.02
N ALA C 384 26.31 18.80 -3.55
CA ALA C 384 25.99 19.52 -4.79
C ALA C 384 26.03 18.63 -6.04
N LEU C 385 27.15 17.92 -6.23
CA LEU C 385 27.34 17.02 -7.38
C LEU C 385 26.35 15.86 -7.45
N GLY C 386 25.68 15.59 -6.34
CA GLY C 386 24.73 14.48 -6.25
C GLY C 386 23.29 14.97 -6.25
N ALA C 387 23.10 16.26 -6.52
CA ALA C 387 21.79 16.89 -6.46
C ALA C 387 20.89 16.47 -7.62
N SER C 388 19.58 16.55 -7.41
CA SER C 388 18.58 16.10 -8.40
C SER C 388 18.47 17.04 -9.60
N THR C 389 18.58 18.34 -9.37
CA THR C 389 18.58 19.32 -10.45
C THR C 389 19.80 20.17 -10.25
N ALA C 390 20.22 20.87 -11.30
CA ALA C 390 21.33 21.79 -11.19
C ALA C 390 20.97 23.03 -10.37
N ASP C 391 19.68 23.30 -10.22
CA ASP C 391 19.22 24.41 -9.39
C ASP C 391 19.55 24.16 -7.91
N ASP C 392 19.31 22.94 -7.46
CA ASP C 392 19.65 22.52 -6.10
C ASP C 392 21.15 22.59 -5.86
N ALA C 393 21.93 22.19 -6.87
CA ALA C 393 23.39 22.29 -6.80
C ALA C 393 23.83 23.74 -6.62
N LYS C 394 23.24 24.65 -7.39
CA LYS C 394 23.43 26.07 -7.21
C LYS C 394 23.05 26.51 -5.79
N SER C 395 21.80 26.21 -5.41
CA SER C 395 21.29 26.41 -4.06
C SER C 395 22.28 25.99 -2.97
N ILE C 396 22.86 24.79 -3.14
CA ILE C 396 23.83 24.24 -2.17
C ILE C 396 25.16 24.97 -2.18
N LEU C 397 25.75 25.14 -3.38
CA LEU C 397 27.06 25.75 -3.52
C LEU C 397 27.08 27.21 -3.04
N ASN C 398 26.10 27.99 -3.48
CA ASN C 398 25.97 29.38 -3.04
C ASN C 398 25.67 29.49 -1.55
N SER C 399 24.78 28.62 -1.09
CA SER C 399 24.35 28.56 0.30
C SER C 399 25.54 28.35 1.23
N SER C 400 26.55 27.66 0.70
CA SER C 400 27.82 27.52 1.37
C SER C 400 28.64 28.79 1.20
N GLY C 401 29.51 29.06 2.16
CA GLY C 401 30.37 30.23 2.07
C GLY C 401 31.51 30.06 1.08
N PHE C 402 31.83 28.81 0.76
CA PHE C 402 33.06 28.48 0.07
C PHE C 402 33.10 28.97 -1.38
N THR C 403 34.32 29.27 -1.85
CA THR C 403 34.55 29.53 -3.27
C THR C 403 35.55 28.49 -3.76
N PHE C 404 35.08 27.66 -4.68
CA PHE C 404 35.87 26.53 -5.19
C PHE C 404 36.67 26.89 -6.42
N ALA C 405 37.55 25.99 -6.85
CA ALA C 405 38.39 26.21 -8.03
C ALA C 405 37.58 26.46 -9.31
N GLN C 406 36.35 25.95 -9.32
CA GLN C 406 35.48 26.10 -10.48
C GLN C 406 34.25 26.93 -10.13
N THR C 407 33.63 27.53 -11.15
CA THR C 407 32.48 28.44 -10.95
C THR C 407 31.29 27.64 -10.42
N THR C 408 30.40 28.30 -9.69
CA THR C 408 29.16 27.64 -9.23
C THR C 408 28.42 27.10 -10.45
N GLU C 409 28.29 27.95 -11.48
CA GLU C 409 27.60 27.64 -12.73
C GLU C 409 28.15 26.36 -13.32
N ASP C 410 29.46 26.21 -13.25
CA ASP C 410 30.17 25.09 -13.83
C ASP C 410 29.89 23.77 -13.12
N LEU C 411 30.05 23.77 -11.79
CA LEU C 411 29.87 22.57 -11.00
C LEU C 411 28.42 22.10 -11.01
N ALA C 412 27.48 23.04 -10.92
CA ALA C 412 26.07 22.71 -11.04
C ALA C 412 25.78 21.91 -12.30
N ALA C 413 26.51 22.21 -13.37
CA ALA C 413 26.33 21.54 -14.65
C ALA C 413 26.65 20.05 -14.59
N MET C 414 27.61 19.69 -13.75
CA MET C 414 28.06 18.31 -13.63
C MET C 414 27.18 17.52 -12.68
N SER C 415 26.15 18.18 -12.14
CA SER C 415 25.18 17.57 -11.23
C SER C 415 24.51 16.35 -11.81
N ARG C 416 24.37 15.31 -11.00
CA ARG C 416 23.55 14.16 -11.37
C ARG C 416 23.01 13.49 -10.10
N TYR C 417 21.83 12.90 -10.18
CA TYR C 417 21.29 12.12 -9.07
C TYR C 417 22.21 10.92 -8.69
N LEU C 418 22.92 11.04 -7.57
CA LEU C 418 23.81 9.98 -7.08
C LEU C 418 23.77 9.83 -5.56
N PRO C 419 22.87 8.95 -5.06
CA PRO C 419 22.61 8.77 -3.63
C PRO C 419 23.85 8.67 -2.76
N HIS C 420 24.83 7.87 -3.17
CA HIS C 420 26.02 7.73 -2.35
C HIS C 420 26.73 9.03 -2.10
N LEU C 421 26.57 9.96 -3.05
CA LEU C 421 27.11 11.32 -2.90
C LEU C 421 26.19 12.18 -2.03
N ARG C 422 24.88 12.07 -2.27
CA ARG C 422 23.88 12.75 -1.45
C ARG C 422 24.05 12.37 0.01
N ALA C 423 24.10 11.05 0.25
CA ALA C 423 24.34 10.47 1.56
C ALA C 423 25.54 11.08 2.30
N LEU C 424 26.70 11.09 1.66
CA LEU C 424 27.92 11.67 2.28
C LEU C 424 27.77 13.16 2.60
N GLY C 425 26.96 13.84 1.80
CA GLY C 425 26.69 15.27 2.00
C GLY C 425 25.88 15.55 3.24
N GLN C 426 25.14 14.54 3.69
CA GLN C 426 24.28 14.66 4.87
C GLN C 426 25.01 14.35 6.17
N ARG C 427 26.20 13.76 6.05
CA ARG C 427 26.93 13.31 7.23
C ARG C 427 27.45 14.46 8.09
N GLU C 428 26.89 14.58 9.28
CA GLU C 428 27.28 15.65 10.16
C GLU C 428 28.55 15.32 10.97
N ASP C 429 28.67 14.07 11.40
CA ASP C 429 29.85 13.62 12.17
C ASP C 429 31.12 13.59 11.33
N GLU C 430 32.26 13.92 11.96
CA GLU C 430 33.56 13.90 11.28
C GLU C 430 33.90 12.50 10.76
N LEU C 431 34.75 12.48 9.73
CA LEU C 431 35.17 11.25 9.10
C LEU C 431 36.45 10.71 9.68
N ASP C 432 36.42 9.42 10.04
CA ASP C 432 37.57 8.64 10.50
C ASP C 432 37.62 7.26 9.81
N PRO C 433 38.80 6.58 9.86
CA PRO C 433 38.97 5.22 9.33
C PRO C 433 37.92 4.21 9.78
N ALA C 434 37.40 4.38 11.00
CA ALA C 434 36.31 3.55 11.46
C ALA C 434 35.10 3.69 10.54
N PHE C 435 34.77 4.93 10.16
CA PHE C 435 33.61 5.17 9.29
C PHE C 435 33.79 4.55 7.91
N MET C 436 34.98 4.68 7.32
CA MET C 436 35.25 4.09 6.01
C MET C 436 35.15 2.56 6.05
N ASP C 437 35.59 1.96 7.16
CA ASP C 437 35.40 0.53 7.37
C ASP C 437 33.94 0.11 7.38
N GLN C 438 33.07 0.92 8.00
CA GLN C 438 31.63 0.66 7.99
C GLN C 438 31.15 0.80 6.57
N ARG C 439 31.67 1.82 5.89
CA ARG C 439 31.29 2.09 4.53
C ARG C 439 31.65 0.90 3.63
N ALA C 440 32.91 0.47 3.70
CA ALA C 440 33.37 -0.71 2.97
C ALA C 440 32.49 -1.93 3.21
N ASP C 441 32.09 -2.14 4.46
CA ASP C 441 31.23 -3.26 4.78
C ASP C 441 29.92 -3.17 4.00
N VAL C 442 29.29 -2.00 4.06
CA VAL C 442 28.01 -1.77 3.37
C VAL C 442 28.16 -2.03 1.89
N LEU C 443 29.21 -1.45 1.31
CA LEU C 443 29.48 -1.55 -0.12
C LEU C 443 29.73 -3.00 -0.56
N LEU C 444 30.63 -3.69 0.14
CA LEU C 444 30.97 -5.07 -0.19
C LEU C 444 29.78 -6.01 -0.10
N ARG C 445 28.87 -5.73 0.83
CA ARG C 445 27.63 -6.49 0.96
C ARG C 445 26.74 -6.33 -0.27
N LEU C 446 26.53 -5.07 -0.66
CA LEU C 446 25.68 -4.77 -1.82
C LEU C 446 26.27 -5.36 -3.10
N ALA C 447 27.57 -5.24 -3.27
CA ALA C 447 28.26 -5.85 -4.39
C ALA C 447 28.05 -7.36 -4.38
N TYR C 448 28.31 -8.00 -3.24
CA TYR C 448 28.07 -9.44 -3.10
C TYR C 448 26.64 -9.79 -3.48
N THR C 449 25.68 -9.03 -2.98
CA THR C 449 24.28 -9.32 -3.27
C THR C 449 23.99 -9.27 -4.77
N ARG C 450 24.76 -8.46 -5.50
CA ARG C 450 24.50 -8.24 -6.92
C ARG C 450 25.17 -9.30 -7.80
N LEU C 451 26.41 -9.67 -7.45
CA LEU C 451 27.20 -10.66 -8.20
C LEU C 451 26.89 -12.10 -7.82
N LYS C 452 26.33 -12.27 -6.64
CA LYS C 452 26.06 -13.58 -6.03
C LYS C 452 25.34 -14.53 -7.02
N GLY C 453 24.26 -14.05 -7.62
CA GLY C 453 23.48 -14.85 -8.56
C GLY C 453 24.27 -15.33 -9.77
N TRP C 454 25.25 -14.56 -10.19
CA TRP C 454 26.07 -14.90 -11.34
C TRP C 454 26.82 -16.19 -11.17
N LEU C 455 27.10 -16.56 -9.92
CA LEU C 455 27.97 -17.70 -9.61
C LEU C 455 27.22 -18.84 -8.91
N GLY C 456 25.97 -18.56 -8.50
CA GLY C 456 25.17 -19.52 -7.74
C GLY C 456 25.58 -19.56 -6.28
N LEU C 457 26.35 -18.55 -5.87
CA LEU C 457 26.82 -18.43 -4.49
C LEU C 457 25.70 -18.19 -3.48
N GLU C 458 25.96 -18.61 -2.26
CA GLU C 458 25.06 -18.42 -1.12
C GLU C 458 25.88 -18.71 0.12
N LEU C 459 26.78 -17.78 0.42
CA LEU C 459 27.66 -17.90 1.58
C LEU C 459 26.89 -17.67 2.86
N SER C 460 27.25 -18.37 3.94
CA SER C 460 26.58 -18.17 5.24
C SER C 460 26.77 -16.74 5.72
N ASP C 461 25.67 -16.07 6.03
CA ASP C 461 25.70 -14.78 6.69
C ASP C 461 25.44 -15.16 8.12
N SER C 462 25.80 -16.40 8.40
CA SER C 462 25.50 -17.03 9.65
C SER C 462 26.35 -16.41 10.79
N SER C 463 27.37 -15.65 10.41
CA SER C 463 28.59 -15.56 11.24
C SER C 463 28.23 -15.24 12.64
N SER C 464 27.30 -14.35 12.91
CA SER C 464 27.13 -14.02 14.36
C SER C 464 26.77 -15.37 15.00
N ASP C 465 25.92 -16.10 14.26
CA ASP C 465 25.61 -17.48 14.63
C ASP C 465 26.82 -18.41 14.39
N PRO C 466 27.54 -18.25 13.29
CA PRO C 466 28.80 -18.97 13.09
C PRO C 466 29.85 -18.23 12.27
N VAL C 467 30.49 -17.27 12.93
CA VAL C 467 31.42 -16.32 12.32
C VAL C 467 32.66 -16.92 11.75
N VAL C 468 33.25 -17.92 12.38
CA VAL C 468 34.66 -18.31 12.04
C VAL C 468 35.68 -17.20 12.29
N LYS C 469 36.47 -16.72 11.35
CA LYS C 469 36.38 -17.05 9.95
C LYS C 469 37.77 -17.11 9.35
N VAL C 470 37.87 -17.88 8.27
CA VAL C 470 39.18 -18.23 7.69
C VAL C 470 39.92 -17.23 6.77
N ASP C 471 41.23 -17.44 6.66
CA ASP C 471 42.14 -16.69 5.82
C ASP C 471 42.50 -17.58 4.65
N ASP C 472 43.25 -17.06 3.71
CA ASP C 472 43.54 -17.85 2.53
C ASP C 472 44.94 -18.38 2.62
N VAL C 473 45.08 -19.67 2.43
CA VAL C 473 46.39 -20.32 2.51
C VAL C 473 46.46 -21.00 3.87
N GLY D 6 -61.76 -16.56 39.02
CA GLY D 6 -63.12 -16.87 38.46
C GLY D 6 -63.20 -16.98 36.91
N GLU D 7 -62.60 -15.99 36.23
CA GLU D 7 -62.54 -15.87 34.76
C GLU D 7 -61.87 -17.07 34.13
N PRO D 8 -62.30 -17.38 32.91
CA PRO D 8 -61.75 -18.43 32.03
C PRO D 8 -60.23 -18.59 31.97
N LEU D 9 -59.82 -19.84 32.12
CA LEU D 9 -58.44 -20.24 32.19
C LEU D 9 -57.70 -20.10 30.86
N THR D 10 -56.46 -19.64 30.94
CA THR D 10 -55.55 -19.57 29.79
C THR D 10 -55.11 -20.95 29.29
N ALA D 11 -54.72 -21.01 28.02
CA ALA D 11 -54.18 -22.24 27.45
C ALA D 11 -52.86 -22.61 28.12
N PHE D 12 -52.35 -21.70 28.93
CA PHE D 12 -51.13 -22.01 29.64
C PHE D 12 -51.39 -22.85 30.89
N GLU D 13 -52.30 -22.39 31.75
CA GLU D 13 -52.64 -23.17 32.94
C GLU D 13 -53.21 -24.54 32.61
N THR D 14 -53.92 -24.65 31.47
CA THR D 14 -54.42 -25.93 30.97
C THR D 14 -53.27 -26.89 30.59
N PHE D 15 -52.12 -26.31 30.29
CA PHE D 15 -50.94 -27.10 29.91
C PHE D 15 -50.11 -27.65 31.09
N LEU D 16 -50.28 -27.05 32.27
CA LEU D 16 -49.48 -27.46 33.43
C LEU D 16 -49.86 -28.82 34.02
N PRO D 17 -51.18 -29.05 34.24
CA PRO D 17 -51.64 -30.40 34.55
C PRO D 17 -50.99 -31.44 33.63
N ARG D 18 -50.99 -31.11 32.34
CA ARG D 18 -50.49 -31.96 31.28
C ARG D 18 -48.97 -32.15 31.40
N VAL D 19 -48.31 -31.14 31.95
CA VAL D 19 -46.86 -31.19 32.14
C VAL D 19 -46.50 -31.91 33.44
N VAL D 20 -47.51 -32.33 34.19
CA VAL D 20 -47.33 -32.98 35.48
C VAL D 20 -47.68 -34.48 35.42
N MET D 21 -48.78 -34.78 34.72
CA MET D 21 -49.14 -36.17 34.39
C MET D 21 -48.02 -36.89 33.61
N ALA D 22 -47.07 -36.09 33.13
CA ALA D 22 -45.85 -36.58 32.56
C ALA D 22 -44.62 -36.26 33.40
N GLU D 23 -44.79 -35.38 34.39
CA GLU D 23 -43.62 -34.88 35.18
C GLU D 23 -42.66 -36.04 35.46
N LYS D 24 -43.12 -37.07 36.16
CA LYS D 24 -44.43 -37.13 36.72
C LYS D 24 -44.30 -37.70 38.16
N ILE D 25 -43.62 -36.94 38.99
CA ILE D 25 -43.47 -37.25 40.39
C ILE D 25 -42.90 -38.66 40.60
N GLN D 26 -41.70 -38.95 40.09
CA GLN D 26 -40.83 -37.95 39.53
C GLN D 26 -40.58 -36.78 40.51
N GLN D 29 -43.70 -30.01 43.09
CA GLN D 29 -42.42 -29.35 43.29
C GLN D 29 -41.28 -30.32 43.00
N ASP D 30 -41.60 -31.59 42.84
CA ASP D 30 -40.54 -32.59 42.83
C ASP D 30 -39.68 -32.50 41.60
N SER D 31 -40.25 -32.11 40.49
CA SER D 31 -39.51 -32.07 39.21
C SER D 31 -38.89 -30.72 38.83
N ASP D 32 -37.63 -30.75 38.42
CA ASP D 32 -36.83 -29.56 37.94
C ASP D 32 -37.46 -28.98 36.67
N ALA D 33 -38.16 -29.82 35.95
CA ALA D 33 -38.90 -29.39 34.79
C ALA D 33 -39.79 -28.31 35.32
N HIS D 34 -40.18 -28.45 36.58
CA HIS D 34 -40.90 -27.41 37.27
C HIS D 34 -40.03 -26.18 37.25
N GLU D 35 -38.73 -26.36 37.39
CA GLU D 35 -37.79 -25.24 37.37
C GLU D 35 -37.84 -24.44 36.06
N TYR D 36 -37.85 -25.14 34.93
CA TYR D 36 -38.08 -24.42 33.66
C TYR D 36 -39.47 -23.86 33.69
N MET D 37 -40.38 -24.62 34.25
CA MET D 37 -41.77 -24.26 34.18
C MET D 37 -42.07 -23.17 35.19
N LYS D 38 -41.21 -23.10 36.21
CA LYS D 38 -41.36 -22.12 37.26
C LYS D 38 -40.93 -20.80 36.68
N ALA D 39 -39.87 -20.85 35.86
CA ALA D 39 -39.37 -19.64 35.23
C ALA D 39 -40.41 -18.96 34.33
N VAL D 40 -41.11 -19.76 33.52
CA VAL D 40 -42.12 -19.24 32.59
C VAL D 40 -43.26 -18.59 33.36
N GLN D 41 -43.68 -19.28 34.43
CA GLN D 41 -44.64 -18.74 35.38
C GLN D 41 -44.18 -17.37 35.86
N GLY D 42 -42.87 -17.27 36.14
CA GLY D 42 -42.26 -16.02 36.60
C GLY D 42 -42.63 -14.88 35.68
N TYR D 43 -42.40 -15.08 34.38
CA TYR D 43 -42.73 -14.10 33.36
C TYR D 43 -44.22 -13.75 33.28
N LEU D 44 -45.08 -14.75 33.38
CA LEU D 44 -46.51 -14.47 33.21
C LEU D 44 -47.12 -13.74 34.41
N ASP D 45 -46.59 -14.02 35.61
CA ASP D 45 -47.05 -13.40 36.85
C ASP D 45 -46.97 -11.88 36.79
N ARG D 46 -46.21 -11.41 35.81
CA ARG D 46 -45.99 -10.00 35.55
C ARG D 46 -47.22 -9.28 35.03
N PHE D 47 -48.22 -10.04 34.61
CA PHE D 47 -49.40 -9.48 33.95
C PHE D 47 -50.68 -9.64 34.77
N ALA D 48 -51.47 -8.56 34.81
CA ALA D 48 -52.69 -8.51 35.60
C ALA D 48 -53.79 -9.41 35.04
N VAL D 49 -54.48 -10.12 35.95
CA VAL D 49 -55.57 -11.02 35.59
C VAL D 49 -56.62 -10.26 34.78
N GLY D 50 -57.16 -10.93 33.75
CA GLY D 50 -58.02 -10.28 32.78
C GLY D 50 -57.40 -10.32 31.39
N ASP D 51 -57.53 -9.22 30.66
CA ASP D 51 -57.08 -9.13 29.26
C ASP D 51 -55.56 -9.25 29.15
N ARG D 52 -54.85 -8.54 30.03
CA ARG D 52 -53.40 -8.46 29.95
C ARG D 52 -52.76 -9.82 30.12
N LEU D 53 -53.29 -10.61 31.05
CA LEU D 53 -52.80 -11.97 31.26
C LEU D 53 -53.15 -12.87 30.08
N GLN D 54 -54.39 -12.74 29.60
CA GLN D 54 -54.86 -13.49 28.43
C GLN D 54 -53.99 -13.17 27.18
N ASN D 55 -53.88 -11.89 26.83
CA ASN D 55 -53.09 -11.42 25.68
C ASN D 55 -51.64 -11.87 25.71
N ALA D 56 -51.01 -11.66 26.86
CA ALA D 56 -49.61 -12.01 27.05
C ALA D 56 -49.36 -13.50 26.86
N THR D 57 -50.27 -14.32 27.40
CA THR D 57 -50.13 -15.76 27.31
C THR D 57 -50.34 -16.25 25.86
N ARG D 58 -51.43 -15.82 25.22
CA ARG D 58 -51.65 -16.22 23.83
C ARG D 58 -50.54 -15.77 22.86
N ASP D 59 -49.93 -14.61 23.12
CA ASP D 59 -48.80 -14.11 22.31
C ASP D 59 -47.51 -14.90 22.55
N LEU D 60 -47.33 -15.34 23.79
CA LEU D 60 -46.20 -16.19 24.15
C LEU D 60 -46.31 -17.53 23.43
N LEU D 61 -47.52 -18.08 23.40
CA LEU D 61 -47.79 -19.34 22.75
C LEU D 61 -47.64 -19.26 21.22
N VAL D 62 -48.13 -18.17 20.63
CA VAL D 62 -48.03 -17.95 19.18
C VAL D 62 -46.58 -18.05 18.70
N THR D 63 -45.69 -17.28 19.34
CA THR D 63 -44.28 -17.23 18.94
C THR D 63 -43.62 -18.57 19.24
N PHE D 64 -44.06 -19.20 20.32
CA PHE D 64 -43.64 -20.54 20.68
C PHE D 64 -43.87 -21.53 19.54
N ALA D 65 -45.05 -21.48 18.95
CA ALA D 65 -45.40 -22.37 17.84
C ALA D 65 -44.46 -22.19 16.65
N LEU D 66 -44.29 -20.93 16.24
CA LEU D 66 -43.34 -20.58 15.18
C LEU D 66 -41.96 -21.08 15.51
N ALA D 67 -41.57 -21.00 16.78
CA ALA D 67 -40.21 -21.39 17.16
C ALA D 67 -39.98 -22.89 17.28
N GLU D 68 -40.95 -23.60 17.85
CA GLU D 68 -40.96 -25.06 17.86
C GLU D 68 -41.32 -25.62 16.48
N THR D 69 -42.28 -24.99 15.84
CA THR D 69 -42.77 -25.41 14.55
C THR D 69 -43.17 -24.15 13.83
N GLY D 70 -43.51 -24.27 12.55
CA GLY D 70 -43.85 -23.11 11.75
C GLY D 70 -45.33 -22.90 11.81
N GLU D 71 -45.93 -23.35 12.90
CA GLU D 71 -47.36 -23.55 12.97
C GLU D 71 -48.20 -22.31 12.70
N LYS D 72 -47.75 -21.12 13.12
CA LYS D 72 -48.63 -19.97 12.90
C LYS D 72 -49.95 -20.15 13.64
N LEU D 73 -49.83 -20.46 14.92
CA LEU D 73 -50.95 -20.79 15.78
C LEU D 73 -51.87 -19.59 15.95
N SER D 74 -53.17 -19.81 15.81
CA SER D 74 -54.15 -18.72 15.88
C SER D 74 -54.29 -18.13 17.27
N LYS D 75 -55.07 -17.05 17.37
CA LYS D 75 -55.29 -16.32 18.62
C LYS D 75 -56.31 -17.00 19.52
N ARG D 76 -57.25 -17.72 18.90
CA ARG D 76 -58.33 -18.40 19.61
C ARG D 76 -57.83 -19.45 20.62
N LEU D 77 -58.48 -19.49 21.78
CA LEU D 77 -58.04 -20.27 22.95
C LEU D 77 -58.10 -21.81 22.76
N PRO D 78 -59.25 -22.36 22.30
CA PRO D 78 -59.36 -23.82 22.12
C PRO D 78 -58.29 -24.38 21.18
N ASP D 79 -57.91 -23.58 20.20
CA ASP D 79 -56.88 -23.93 19.23
C ASP D 79 -55.50 -23.98 19.89
N GLN D 80 -55.30 -23.16 20.92
CA GLN D 80 -54.04 -23.15 21.69
C GLN D 80 -53.98 -24.29 22.69
N ARG D 81 -55.11 -24.69 23.23
CA ARG D 81 -55.06 -25.79 24.18
C ARG D 81 -54.48 -26.98 23.41
N VAL D 82 -54.89 -27.07 22.16
CA VAL D 82 -54.57 -28.21 21.30
C VAL D 82 -53.09 -28.45 20.98
N TYR D 83 -52.36 -27.39 20.71
CA TYR D 83 -50.99 -27.48 20.21
C TYR D 83 -50.07 -28.15 21.24
N MET D 84 -50.36 -27.81 22.48
CA MET D 84 -49.51 -28.02 23.62
C MET D 84 -49.57 -29.50 23.86
N ARG D 85 -50.79 -30.02 23.82
CA ARG D 85 -51.00 -31.44 23.90
C ARG D 85 -50.50 -32.11 22.63
N ASP D 86 -50.78 -31.52 21.48
CA ASP D 86 -50.28 -32.15 20.26
C ASP D 86 -48.81 -32.49 20.27
N THR D 87 -48.03 -31.55 20.76
CA THR D 87 -46.61 -31.56 20.54
C THR D 87 -45.86 -31.89 21.83
N PHE D 88 -46.59 -31.94 22.93
CA PHE D 88 -46.13 -32.59 24.14
C PHE D 88 -46.11 -34.13 24.06
N GLU D 89 -47.20 -34.72 23.56
CA GLU D 89 -47.29 -36.14 23.43
C GLU D 89 -46.11 -36.56 22.56
N ARG D 90 -45.84 -35.79 21.51
CA ARG D 90 -44.69 -36.13 20.66
C ARG D 90 -43.46 -36.53 21.47
N HIS D 91 -43.42 -36.07 22.72
CA HIS D 91 -42.28 -36.29 23.60
C HIS D 91 -42.71 -37.00 24.87
N LYS D 92 -43.71 -37.87 24.74
CA LYS D 92 -44.19 -38.73 25.82
C LYS D 92 -43.11 -39.73 26.23
N ASP D 93 -42.46 -40.33 25.24
CA ASP D 93 -41.50 -41.42 25.43
C ASP D 93 -40.22 -40.96 26.13
N SER D 94 -39.45 -40.11 25.45
CA SER D 94 -38.12 -39.72 25.90
C SER D 94 -38.14 -38.72 27.06
N ALA D 95 -37.24 -38.94 28.02
CA ALA D 95 -37.11 -38.06 29.18
C ALA D 95 -36.48 -36.73 28.78
N ASP D 96 -35.32 -36.82 28.11
CA ASP D 96 -34.53 -35.64 27.74
C ASP D 96 -35.19 -34.78 26.68
N ASP D 97 -36.11 -35.37 25.93
CA ASP D 97 -36.74 -34.68 24.81
C ASP D 97 -38.01 -33.91 25.19
N ARG D 98 -38.70 -34.35 26.25
CA ARG D 98 -39.73 -33.52 26.85
C ARG D 98 -39.05 -32.53 27.79
N SER D 99 -37.73 -32.64 27.91
CA SER D 99 -36.96 -31.71 28.73
C SER D 99 -36.48 -30.51 27.92
N ALA D 100 -35.82 -30.79 26.78
CA ALA D 100 -35.35 -29.75 25.88
C ALA D 100 -36.50 -28.95 25.30
N TYR D 101 -37.64 -29.60 25.08
CA TYR D 101 -38.85 -28.92 24.64
C TYR D 101 -39.28 -27.86 25.65
N LEU D 102 -39.34 -28.24 26.92
CA LEU D 102 -39.77 -27.31 27.96
C LEU D 102 -38.73 -26.20 28.16
N ARG D 103 -37.45 -26.58 28.02
CA ARG D 103 -36.33 -25.64 28.02
C ARG D 103 -36.57 -24.55 26.96
N HIS D 104 -37.16 -24.96 25.84
CA HIS D 104 -37.40 -24.07 24.72
C HIS D 104 -38.46 -23.08 25.04
N LEU D 105 -39.49 -23.53 25.76
CA LEU D 105 -40.56 -22.66 26.21
C LEU D 105 -40.06 -21.66 27.25
N ARG D 106 -39.16 -22.11 28.10
CA ARG D 106 -38.49 -21.24 29.08
C ARG D 106 -37.74 -20.16 28.32
N ASP D 107 -37.03 -20.59 27.28
CA ASP D 107 -36.20 -19.68 26.52
C ASP D 107 -36.98 -18.60 25.78
N THR D 108 -38.17 -18.92 25.29
CA THR D 108 -38.99 -17.93 24.58
C THR D 108 -39.60 -16.92 25.55
N ALA D 109 -40.03 -17.40 26.72
CA ALA D 109 -40.50 -16.48 27.74
C ALA D 109 -39.36 -15.62 28.26
N ALA D 110 -38.22 -16.25 28.56
CA ALA D 110 -37.00 -15.52 28.95
C ALA D 110 -36.73 -14.38 27.98
N PHE D 111 -36.77 -14.69 26.70
CA PHE D 111 -36.43 -13.75 25.66
C PHE D 111 -37.43 -12.60 25.54
N ILE D 112 -38.71 -12.94 25.46
CA ILE D 112 -39.75 -11.91 25.32
C ILE D 112 -39.72 -10.96 26.51
N GLY D 113 -39.49 -11.52 27.69
CA GLY D 113 -39.59 -10.79 28.94
C GLY D 113 -38.39 -9.93 29.24
N ASN D 114 -37.20 -10.39 28.85
CA ASN D 114 -36.01 -9.63 29.20
C ASN D 114 -35.34 -8.94 28.03
N ALA D 115 -35.29 -9.62 26.89
CA ALA D 115 -34.65 -9.08 25.70
C ALA D 115 -35.58 -8.19 24.88
N TRP D 116 -36.84 -8.61 24.72
CA TRP D 116 -37.77 -7.88 23.85
C TRP D 116 -38.48 -6.77 24.58
N GLU D 117 -39.21 -7.11 25.63
CA GLU D 117 -39.96 -6.13 26.40
C GLU D 117 -39.56 -6.21 27.87
N PRO D 118 -38.41 -5.60 28.22
CA PRO D 118 -37.95 -5.74 29.61
C PRO D 118 -38.92 -5.12 30.59
N ALA D 119 -38.78 -5.50 31.86
CA ALA D 119 -39.65 -5.03 32.95
C ALA D 119 -39.43 -3.56 33.19
N ASN D 120 -40.36 -2.96 33.93
CA ASN D 120 -40.58 -1.53 33.93
C ASN D 120 -39.36 -0.62 34.00
N ASN D 121 -38.40 -0.93 34.87
CA ASN D 121 -37.21 -0.09 34.91
C ASN D 121 -35.90 -0.77 34.57
N SER D 122 -35.96 -2.05 34.20
CA SER D 122 -34.73 -2.82 33.96
C SER D 122 -34.17 -2.59 32.56
N PRO D 123 -32.88 -2.90 32.35
CA PRO D 123 -32.36 -2.84 30.99
C PRO D 123 -32.83 -4.04 30.16
N ARG D 124 -32.29 -4.19 28.95
CA ARG D 124 -32.55 -5.40 28.16
C ARG D 124 -31.46 -6.42 28.46
N ALA D 125 -31.83 -7.69 28.48
CA ALA D 125 -30.87 -8.75 28.82
C ALA D 125 -31.14 -10.07 28.12
N LEU D 126 -30.10 -10.89 28.02
CA LEU D 126 -30.22 -12.25 27.53
C LEU D 126 -29.91 -13.21 28.68
N PRO D 127 -30.93 -13.56 29.48
CA PRO D 127 -30.77 -14.44 30.63
C PRO D 127 -29.84 -15.62 30.35
N GLY D 128 -28.83 -15.82 31.18
CA GLY D 128 -27.91 -16.94 31.01
C GLY D 128 -26.70 -16.57 30.16
N LEU D 129 -26.83 -15.50 29.39
CA LEU D 129 -25.71 -14.96 28.63
C LEU D 129 -25.19 -13.73 29.35
N GLU D 130 -23.86 -13.54 29.33
CA GLU D 130 -23.19 -12.42 29.99
C GLU D 130 -23.66 -11.08 29.42
N ALA D 131 -23.26 -10.00 30.07
CA ALA D 131 -23.58 -8.65 29.60
C ALA D 131 -22.79 -8.28 28.35
N SER D 132 -21.65 -8.93 28.11
CA SER D 132 -20.87 -8.71 26.89
C SER D 132 -21.72 -9.02 25.65
N ALA D 133 -22.49 -10.10 25.71
CA ALA D 133 -23.40 -10.51 24.64
C ALA D 133 -24.36 -9.40 24.25
N MET D 134 -24.56 -8.46 25.16
CA MET D 134 -25.56 -7.41 25.02
C MET D 134 -24.96 -6.21 24.31
N THR D 135 -24.26 -6.53 23.23
CA THR D 135 -23.49 -5.60 22.45
C THR D 135 -24.32 -4.42 21.92
N ASP D 136 -23.63 -3.36 21.47
CA ASP D 136 -24.27 -2.14 20.99
C ASP D 136 -25.23 -2.40 19.84
N THR D 137 -24.80 -3.19 18.86
CA THR D 137 -25.63 -3.49 17.71
C THR D 137 -26.86 -4.31 18.11
N VAL D 138 -26.65 -5.27 19.00
CA VAL D 138 -27.75 -6.10 19.49
C VAL D 138 -28.81 -5.23 20.17
N LYS D 139 -28.33 -4.24 20.91
CA LYS D 139 -29.17 -3.33 21.68
C LYS D 139 -29.96 -2.39 20.75
N LEU D 140 -29.31 -1.94 19.69
CA LEU D 140 -29.91 -1.07 18.67
C LEU D 140 -30.99 -1.76 17.82
N CYS D 141 -30.72 -3.02 17.45
CA CYS D 141 -31.67 -3.80 16.68
C CYS D 141 -32.88 -4.20 17.49
N LEU D 142 -32.64 -4.70 18.70
CA LEU D 142 -33.74 -5.04 19.60
C LEU D 142 -34.64 -3.82 19.78
N ALA D 143 -34.03 -2.68 20.10
CA ALA D 143 -34.74 -1.41 20.29
C ALA D 143 -35.56 -1.05 19.07
N PHE D 144 -34.94 -1.11 17.89
CA PHE D 144 -35.65 -0.80 16.65
C PHE D 144 -36.79 -1.76 16.33
N LEU D 145 -36.50 -3.05 16.33
CA LEU D 145 -37.50 -4.06 15.99
C LEU D 145 -38.70 -3.94 16.90
N ASN D 146 -38.45 -3.66 18.17
CA ASN D 146 -39.50 -3.47 19.15
C ASN D 146 -40.33 -2.26 18.82
N SER D 147 -39.67 -1.18 18.40
CA SER D 147 -40.33 0.06 18.11
C SER D 147 -41.26 -0.12 16.91
N LEU D 148 -40.79 -0.91 15.96
CA LEU D 148 -41.53 -1.26 14.77
C LEU D 148 -42.66 -2.23 15.06
N LYS D 149 -42.62 -2.86 16.25
CA LYS D 149 -43.62 -3.85 16.67
C LYS D 149 -43.54 -5.12 15.83
N HIS D 150 -42.31 -5.45 15.42
CA HIS D 150 -42.03 -6.58 14.56
C HIS D 150 -41.95 -7.90 15.31
N THR D 151 -43.05 -8.24 15.98
CA THR D 151 -43.10 -9.42 16.87
C THR D 151 -42.70 -10.72 16.17
N ILE D 152 -42.95 -10.81 14.87
CA ILE D 152 -42.63 -11.98 14.06
C ILE D 152 -41.13 -12.33 14.11
N ALA D 153 -40.29 -11.32 14.40
CA ALA D 153 -38.86 -11.55 14.48
C ALA D 153 -38.46 -12.29 15.75
N ILE D 154 -39.37 -12.39 16.71
CA ILE D 154 -39.07 -13.04 18.00
C ILE D 154 -38.73 -14.51 17.80
N ALA D 155 -39.59 -15.23 17.08
CA ALA D 155 -39.40 -16.66 16.79
C ALA D 155 -37.98 -17.02 16.27
N PRO D 156 -37.52 -16.39 15.17
CA PRO D 156 -36.16 -16.73 14.75
C PRO D 156 -35.10 -16.36 15.78
N LEU D 157 -35.35 -15.29 16.53
CA LEU D 157 -34.35 -14.78 17.48
C LEU D 157 -34.18 -15.68 18.69
N VAL D 158 -35.30 -16.15 19.24
CA VAL D 158 -35.32 -17.11 20.35
C VAL D 158 -34.45 -18.31 20.02
N ARG D 159 -34.52 -18.74 18.76
CA ARG D 159 -33.84 -19.92 18.30
C ARG D 159 -32.33 -19.81 18.49
N PHE D 160 -31.78 -18.63 18.19
CA PHE D 160 -30.33 -18.40 18.28
C PHE D 160 -29.93 -18.12 19.71
N TYR D 161 -30.86 -17.56 20.47
CA TYR D 161 -30.67 -17.30 21.87
C TYR D 161 -30.60 -18.65 22.57
N SER D 162 -31.62 -19.46 22.33
CA SER D 162 -31.77 -20.76 22.98
C SER D 162 -30.50 -21.58 22.83
N GLU D 163 -29.94 -21.57 21.62
CA GLU D 163 -28.72 -22.30 21.31
C GLU D 163 -27.50 -21.69 21.98
N ALA D 164 -27.52 -20.38 22.21
CA ALA D 164 -26.37 -19.73 22.84
C ALA D 164 -26.31 -20.09 24.31
N VAL D 165 -27.47 -20.15 24.94
CA VAL D 165 -27.62 -20.57 26.32
C VAL D 165 -27.16 -22.02 26.48
N HIS D 166 -27.83 -22.93 25.77
CA HIS D 166 -27.60 -24.37 25.90
C HIS D 166 -26.17 -24.80 25.64
N ALA D 167 -25.40 -23.97 24.92
CA ALA D 167 -24.01 -24.28 24.55
C ALA D 167 -23.02 -24.26 25.70
N ASP D 168 -22.03 -25.16 25.65
CA ASP D 168 -20.99 -25.24 26.65
C ASP D 168 -20.25 -23.92 26.81
N GLU D 169 -19.83 -23.63 28.03
CA GLU D 169 -19.07 -22.41 28.35
C GLU D 169 -17.79 -22.28 27.55
N GLY D 170 -17.31 -21.05 27.44
CA GLY D 170 -16.07 -20.76 26.75
C GLY D 170 -16.26 -20.63 25.25
N GLU D 171 -15.55 -21.47 24.49
CA GLU D 171 -15.55 -21.37 23.03
C GLU D 171 -16.92 -21.55 22.42
N ALA D 172 -17.63 -22.61 22.83
CA ALA D 172 -18.95 -22.93 22.29
C ALA D 172 -19.96 -21.79 22.45
N ARG D 173 -20.08 -21.27 23.67
CA ARG D 173 -20.99 -20.17 23.98
C ARG D 173 -20.72 -18.93 23.13
N GLU D 174 -19.44 -18.53 23.06
CA GLU D 174 -19.01 -17.33 22.33
C GLU D 174 -19.33 -17.41 20.84
N LYS D 175 -19.09 -18.59 20.28
CA LYS D 175 -19.35 -18.83 18.87
C LYS D 175 -20.82 -18.62 18.60
N ARG D 176 -21.68 -19.16 19.47
CA ARG D 176 -23.13 -19.06 19.32
C ARG D 176 -23.65 -17.67 19.63
N VAL D 177 -22.91 -16.95 20.47
CA VAL D 177 -23.27 -15.57 20.82
C VAL D 177 -22.99 -14.67 19.63
N ALA D 178 -21.79 -14.79 19.06
CA ALA D 178 -21.42 -14.06 17.84
C ALA D 178 -22.42 -14.35 16.72
N GLU D 179 -22.82 -15.61 16.60
CA GLU D 179 -23.84 -15.99 15.64
C GLU D 179 -25.16 -15.27 15.94
N PHE D 180 -25.50 -15.12 17.21
CA PHE D 180 -26.74 -14.39 17.54
C PHE D 180 -26.72 -12.96 17.01
N GLU D 181 -25.56 -12.29 17.07
CA GLU D 181 -25.44 -10.93 16.55
C GLU D 181 -25.59 -10.93 15.03
N LYS D 182 -24.85 -11.82 14.37
CA LYS D 182 -24.94 -12.00 12.92
C LYS D 182 -26.41 -12.16 12.52
N ALA D 183 -27.10 -13.03 13.24
CA ALA D 183 -28.52 -13.29 13.04
C ALA D 183 -29.38 -12.03 13.17
N ILE D 184 -29.15 -11.24 14.22
CA ILE D 184 -29.97 -10.07 14.55
C ILE D 184 -29.82 -8.97 13.49
N LYS D 185 -28.58 -8.75 13.08
CA LYS D 185 -28.25 -7.86 11.96
C LYS D 185 -28.98 -8.29 10.69
N ALA D 186 -28.80 -9.54 10.29
CA ALA D 186 -29.45 -10.06 9.09
C ALA D 186 -30.97 -9.88 9.13
N ILE D 187 -31.62 -10.26 10.23
CA ILE D 187 -33.06 -10.10 10.38
C ILE D 187 -33.45 -8.64 10.21
N THR D 188 -32.68 -7.76 10.83
CA THR D 188 -33.00 -6.33 10.88
C THR D 188 -32.83 -5.67 9.52
N ALA D 189 -31.66 -5.88 8.92
CA ALA D 189 -31.37 -5.37 7.59
C ALA D 189 -32.41 -5.86 6.58
N PHE D 190 -32.68 -7.16 6.57
CA PHE D 190 -33.73 -7.72 5.74
C PHE D 190 -35.05 -7.00 5.95
N THR D 191 -35.45 -6.82 7.21
CA THR D 191 -36.74 -6.17 7.49
C THR D 191 -36.74 -4.71 7.03
N VAL D 192 -35.64 -4.01 7.29
CA VAL D 192 -35.52 -2.61 6.88
C VAL D 192 -35.62 -2.48 5.37
N PHE D 193 -34.82 -3.26 4.64
CA PHE D 193 -34.81 -3.20 3.19
C PHE D 193 -36.19 -3.51 2.60
N TRP D 194 -36.85 -4.54 3.14
CA TRP D 194 -38.15 -5.01 2.65
C TRP D 194 -39.20 -3.97 2.84
N ARG D 195 -39.08 -3.27 3.96
CA ARG D 195 -40.14 -2.43 4.45
C ARG D 195 -39.98 -1.03 3.89
N ALA D 196 -38.73 -0.64 3.62
CA ALA D 196 -38.40 0.66 3.04
C ALA D 196 -38.82 0.74 1.57
N THR D 197 -39.05 -0.42 0.99
CA THR D 197 -39.05 -0.54 -0.45
C THR D 197 -40.45 -0.88 -0.94
N ARG D 198 -41.34 -1.06 0.03
CA ARG D 198 -42.73 -1.46 -0.18
C ARG D 198 -43.67 -0.50 0.46
N ARG D 199 -44.89 -0.41 -0.08
CA ARG D 199 -45.89 0.52 0.42
C ARG D 199 -46.48 0.14 1.80
N GLY D 200 -47.08 -1.05 1.88
CA GLY D 200 -47.60 -1.54 3.15
C GLY D 200 -46.57 -2.43 3.84
N THR D 201 -47.05 -3.33 4.69
CA THR D 201 -46.17 -4.31 5.33
C THR D 201 -45.78 -5.35 4.30
N GLY D 202 -46.50 -5.38 3.19
CA GLY D 202 -46.28 -6.32 2.09
C GLY D 202 -46.17 -7.78 2.51
N ASN D 203 -46.84 -8.12 3.61
CA ASN D 203 -46.68 -9.42 4.33
C ASN D 203 -45.25 -9.97 4.50
N ILE D 204 -44.40 -9.21 5.21
CA ILE D 204 -43.09 -9.71 5.61
C ILE D 204 -43.24 -10.99 6.44
N ASP D 205 -44.26 -11.00 7.29
CA ASP D 205 -44.47 -12.06 8.28
C ASP D 205 -44.41 -13.41 7.59
N SER D 206 -45.16 -13.48 6.49
CA SER D 206 -45.28 -14.66 5.67
C SER D 206 -43.91 -15.17 5.24
N GLN D 207 -42.99 -14.24 4.99
CA GLN D 207 -41.62 -14.62 4.65
C GLN D 207 -40.94 -15.33 5.82
N TYR D 208 -41.05 -14.73 7.01
CA TYR D 208 -40.37 -15.27 8.20
C TYR D 208 -40.87 -16.65 8.58
N ARG D 209 -42.20 -16.81 8.57
CA ARG D 209 -42.80 -18.10 8.86
C ARG D 209 -42.30 -19.17 7.90
N ALA D 210 -42.17 -18.80 6.63
CA ALA D 210 -41.67 -19.70 5.59
C ALA D 210 -40.24 -20.13 5.90
N VAL D 211 -39.42 -19.18 6.37
CA VAL D 211 -38.06 -19.46 6.81
C VAL D 211 -38.06 -20.44 7.99
N MET D 212 -38.90 -20.17 8.98
CA MET D 212 -39.00 -21.03 10.17
C MET D 212 -39.36 -22.46 9.80
N ALA D 213 -40.34 -22.60 8.91
CA ALA D 213 -40.81 -23.92 8.48
C ALA D 213 -39.74 -24.80 7.81
N GLY D 214 -39.01 -24.27 6.83
CA GLY D 214 -39.36 -23.11 6.06
C GLY D 214 -39.59 -23.59 4.66
N ALA D 215 -40.73 -23.20 4.09
CA ALA D 215 -41.08 -23.56 2.73
C ALA D 215 -40.30 -22.73 1.71
N ASP D 216 -40.23 -23.22 0.48
CA ASP D 216 -39.77 -22.40 -0.63
C ASP D 216 -38.42 -21.80 -0.35
N SER D 217 -37.52 -22.57 0.24
CA SER D 217 -36.23 -22.03 0.58
C SER D 217 -35.46 -21.80 -0.69
N LEU D 218 -35.14 -20.53 -0.97
CA LEU D 218 -34.39 -20.20 -2.16
C LEU D 218 -33.02 -20.84 -2.11
N THR D 219 -32.43 -20.89 -0.93
CA THR D 219 -31.16 -21.59 -0.77
C THR D 219 -31.44 -23.03 -0.37
N GLY D 220 -30.40 -23.85 -0.35
CA GLY D 220 -30.55 -25.25 0.03
C GLY D 220 -31.06 -25.45 1.44
N ILE D 221 -31.17 -24.35 2.19
CA ILE D 221 -31.44 -24.38 3.64
C ILE D 221 -32.82 -24.88 4.08
N GLY D 222 -32.83 -25.65 5.18
CA GLY D 222 -34.04 -26.23 5.74
C GLY D 222 -34.65 -25.45 6.91
N PRO D 223 -35.50 -26.11 7.73
CA PRO D 223 -36.34 -25.36 8.66
C PRO D 223 -35.49 -24.65 9.71
N LEU D 224 -36.03 -23.63 10.35
CA LEU D 224 -35.31 -22.91 11.40
C LEU D 224 -35.87 -23.19 12.79
N ALA D 225 -37.10 -23.69 12.84
CA ALA D 225 -37.72 -24.15 14.08
C ALA D 225 -36.95 -25.31 14.75
N ARG D 226 -37.31 -25.63 15.99
CA ARG D 226 -36.61 -26.66 16.76
C ARG D 226 -36.89 -28.04 16.17
N GLN D 227 -38.14 -28.28 15.78
CA GLN D 227 -38.61 -29.59 15.35
C GLN D 227 -39.42 -29.50 14.06
N TRP D 228 -39.73 -30.65 13.47
CA TRP D 228 -40.48 -30.74 12.23
C TRP D 228 -41.96 -30.74 12.44
N ALA D 229 -42.66 -29.95 11.63
CA ALA D 229 -44.12 -29.80 11.69
C ALA D 229 -44.81 -31.13 11.39
N GLU D 230 -44.20 -31.90 10.49
CA GLU D 230 -44.56 -33.28 10.25
C GLU D 230 -43.85 -34.15 11.29
N PRO D 231 -44.58 -34.62 12.32
CA PRO D 231 -44.00 -35.31 13.48
C PRO D 231 -43.37 -36.68 13.17
N ASP D 232 -42.04 -36.70 13.27
CA ASP D 232 -41.18 -37.88 13.05
C ASP D 232 -39.81 -37.42 12.53
N ALA D 233 -38.79 -38.24 12.75
CA ALA D 233 -37.42 -37.80 12.49
C ALA D 233 -36.56 -38.78 11.71
N THR D 234 -35.92 -38.27 10.68
CA THR D 234 -34.89 -39.00 9.93
C THR D 234 -33.59 -38.22 9.87
N LYS D 235 -33.67 -36.89 9.98
CA LYS D 235 -32.48 -36.02 9.96
C LYS D 235 -32.59 -34.84 10.93
N PRO D 236 -31.44 -34.31 11.39
CA PRO D 236 -31.37 -33.15 12.30
C PRO D 236 -31.85 -31.83 11.65
N ASP D 237 -32.25 -30.85 12.47
CA ASP D 237 -32.81 -29.59 11.99
C ASP D 237 -31.83 -28.43 12.17
N PRO D 238 -31.63 -27.70 11.08
CA PRO D 238 -30.42 -26.91 10.82
C PRO D 238 -30.03 -25.76 11.74
N ASP D 239 -30.90 -24.81 12.04
CA ASP D 239 -30.54 -23.70 12.96
C ASP D 239 -29.20 -22.96 12.70
N VAL D 240 -28.91 -22.58 11.45
CA VAL D 240 -27.63 -21.91 11.13
C VAL D 240 -27.88 -20.53 10.55
N ASP D 241 -26.85 -19.66 10.57
CA ASP D 241 -27.02 -18.28 10.13
C ASP D 241 -25.94 -17.67 9.22
N ALA D 242 -24.70 -18.08 9.44
CA ALA D 242 -23.50 -17.36 8.95
C ALA D 242 -23.50 -17.27 7.43
N GLU D 243 -24.28 -18.16 6.86
CA GLU D 243 -24.72 -17.98 5.51
C GLU D 243 -26.17 -18.37 5.49
N ALA D 244 -26.55 -19.39 6.23
CA ALA D 244 -27.87 -19.93 5.96
C ALA D 244 -28.97 -18.89 6.10
N LEU D 245 -29.02 -18.19 7.23
CA LEU D 245 -30.05 -17.18 7.41
C LEU D 245 -29.81 -15.99 6.51
N LYS D 246 -28.55 -15.60 6.43
CA LYS D 246 -28.12 -14.44 5.69
C LYS D 246 -28.40 -14.57 4.19
N LYS D 247 -27.84 -15.61 3.58
CA LYS D 247 -28.07 -15.90 2.17
C LYS D 247 -29.55 -16.13 1.85
N GLU D 248 -30.26 -16.87 2.71
CA GLU D 248 -31.67 -17.16 2.46
C GLU D 248 -32.49 -15.88 2.42
N LEU D 249 -32.21 -15.00 3.38
CA LEU D 249 -32.93 -13.73 3.49
C LEU D 249 -32.49 -12.78 2.39
N ALA D 250 -31.18 -12.73 2.15
CA ALA D 250 -30.61 -11.97 1.04
C ALA D 250 -31.36 -12.30 -0.26
N ALA D 251 -31.52 -13.58 -0.53
CA ALA D 251 -32.20 -14.04 -1.74
C ALA D 251 -33.69 -13.70 -1.72
N ARG D 252 -34.35 -13.89 -0.59
CA ARG D 252 -35.79 -13.62 -0.51
C ARG D 252 -36.14 -12.18 -0.91
N LEU D 253 -35.19 -11.29 -0.75
CA LEU D 253 -35.38 -9.88 -1.05
C LEU D 253 -35.03 -9.58 -2.50
N SER D 254 -34.01 -10.27 -2.99
CA SER D 254 -33.19 -9.76 -4.07
C SER D 254 -33.08 -10.72 -5.26
N ASP D 255 -33.83 -11.81 -5.22
CA ASP D 255 -33.76 -12.84 -6.24
C ASP D 255 -35.04 -12.81 -7.07
N PRO D 256 -34.91 -12.89 -8.40
CA PRO D 256 -36.05 -12.86 -9.31
C PRO D 256 -37.06 -13.98 -9.01
N LYS D 257 -36.55 -15.11 -8.55
CA LYS D 257 -37.40 -16.22 -8.12
C LYS D 257 -38.12 -15.91 -6.80
N GLY D 258 -37.57 -14.97 -6.03
CA GLY D 258 -38.14 -14.59 -4.73
C GLY D 258 -39.22 -13.52 -4.79
N LYS D 259 -40.01 -13.45 -3.73
CA LYS D 259 -41.11 -12.48 -3.65
C LYS D 259 -40.65 -11.06 -3.27
N GLY D 260 -39.40 -10.93 -2.82
CA GLY D 260 -38.77 -9.63 -2.67
C GLY D 260 -38.47 -9.09 -4.06
N GLY D 261 -39.06 -7.95 -4.42
CA GLY D 261 -38.98 -7.43 -5.79
C GLY D 261 -37.91 -6.38 -6.01
N VAL D 262 -36.69 -6.71 -5.57
CA VAL D 262 -35.62 -5.72 -5.49
C VAL D 262 -34.32 -6.35 -6.00
N PRO D 263 -34.12 -6.35 -7.33
CA PRO D 263 -33.05 -7.09 -7.98
C PRO D 263 -31.72 -6.32 -8.13
N ASN D 264 -31.78 -5.00 -8.09
CA ASN D 264 -30.58 -4.17 -8.19
C ASN D 264 -30.68 -2.86 -7.40
N LEU D 265 -29.58 -2.13 -7.29
CA LEU D 265 -29.52 -0.87 -6.54
C LEU D 265 -30.46 0.19 -7.11
N ALA D 266 -30.45 0.36 -8.42
CA ALA D 266 -31.28 1.34 -9.12
C ALA D 266 -32.79 1.19 -8.77
N SER D 267 -33.23 -0.06 -8.59
CA SER D 267 -34.64 -0.34 -8.30
C SER D 267 -34.98 -0.08 -6.84
N PHE D 268 -34.01 -0.36 -5.96
CA PHE D 268 -34.14 -0.08 -4.54
C PHE D 268 -34.29 1.43 -4.32
N LEU D 269 -33.38 2.18 -4.95
CA LEU D 269 -33.40 3.62 -4.90
C LEU D 269 -34.69 4.17 -5.46
N ALA D 270 -35.15 3.60 -6.58
CA ALA D 270 -36.40 4.06 -7.18
C ALA D 270 -37.62 3.81 -6.28
N ASP D 271 -37.68 2.62 -5.66
CA ASP D 271 -38.78 2.22 -4.78
C ASP D 271 -38.86 3.05 -3.50
N ALA D 272 -37.72 3.18 -2.81
CA ALA D 272 -37.62 3.91 -1.55
C ALA D 272 -37.81 5.43 -1.71
N SER D 273 -37.19 5.98 -2.75
CA SER D 273 -37.30 7.40 -3.08
C SER D 273 -38.74 7.86 -3.16
N ALA D 274 -39.61 6.95 -3.56
CA ALA D 274 -40.95 7.30 -3.99
C ALA D 274 -41.98 7.24 -2.87
N LEU D 275 -41.66 6.52 -1.79
CA LEU D 275 -42.59 6.30 -0.70
C LEU D 275 -42.51 7.35 0.39
N PRO D 276 -43.68 7.69 1.00
CA PRO D 276 -43.72 8.60 2.14
C PRO D 276 -43.34 7.83 3.40
N LEU D 277 -42.05 7.53 3.52
CA LEU D 277 -41.54 6.66 4.57
C LEU D 277 -41.91 7.13 5.96
N TYR D 278 -41.78 8.44 6.20
CA TYR D 278 -42.17 9.00 7.49
C TYR D 278 -43.62 8.69 7.87
N LYS D 279 -44.54 8.77 6.90
CA LYS D 279 -45.93 8.42 7.20
C LYS D 279 -46.16 6.93 7.38
N ILE D 280 -45.42 6.11 6.64
CA ILE D 280 -45.57 4.67 6.71
C ILE D 280 -45.07 4.13 8.05
N SER D 281 -43.87 4.56 8.43
CA SER D 281 -43.23 4.09 9.65
C SER D 281 -42.16 5.05 10.15
N PRO D 282 -42.52 5.96 11.07
CA PRO D 282 -41.53 6.87 11.66
C PRO D 282 -40.31 6.14 12.25
N PRO D 283 -40.52 4.98 12.91
CA PRO D 283 -39.35 4.21 13.37
C PRO D 283 -38.39 3.85 12.22
N LEU D 284 -38.97 3.40 11.10
CA LEU D 284 -38.16 3.02 9.95
C LEU D 284 -37.45 4.23 9.35
N ALA D 285 -38.16 5.34 9.22
CA ALA D 285 -37.53 6.58 8.76
C ALA D 285 -36.31 6.92 9.64
N ARG D 286 -36.50 6.87 10.95
CA ARG D 286 -35.44 7.20 11.90
C ARG D 286 -34.23 6.29 11.77
N PHE D 287 -34.47 4.98 11.71
CA PHE D 287 -33.38 4.01 11.51
C PHE D 287 -32.62 4.26 10.21
N LEU D 288 -33.34 4.60 9.13
CA LEU D 288 -32.70 4.94 7.86
C LEU D 288 -31.86 6.23 7.95
N LEU D 289 -32.45 7.28 8.53
CA LEU D 289 -31.72 8.54 8.73
C LEU D 289 -30.44 8.36 9.56
N LEU D 290 -30.50 7.59 10.64
CA LEU D 290 -29.32 7.31 11.45
C LEU D 290 -28.26 6.58 10.63
N ALA D 291 -28.67 5.59 9.84
CA ALA D 291 -27.76 4.85 8.95
C ALA D 291 -27.07 5.80 7.99
N ALA D 292 -27.89 6.68 7.40
CA ALA D 292 -27.43 7.64 6.40
C ALA D 292 -26.44 8.67 6.95
N TYR D 293 -26.80 9.30 8.07
CA TYR D 293 -26.04 10.43 8.62
C TYR D 293 -24.77 10.02 9.36
N HIS D 294 -24.68 8.75 9.74
CA HIS D 294 -23.54 8.23 10.49
C HIS D 294 -22.25 8.44 9.77
N ASP D 295 -21.34 9.18 10.42
CA ASP D 295 -20.02 9.50 9.89
C ASP D 295 -20.04 10.20 8.53
N THR D 296 -20.94 11.16 8.40
CA THR D 296 -21.01 11.98 7.19
C THR D 296 -20.33 13.33 7.39
N ILE D 297 -20.09 14.03 6.28
CA ILE D 297 -19.49 15.37 6.25
C ILE D 297 -20.16 16.13 5.10
N GLU D 298 -20.36 17.44 5.26
CA GLU D 298 -21.03 18.25 4.22
C GLU D 298 -20.29 18.13 2.88
N ASP D 299 -21.05 18.02 1.80
CA ASP D 299 -20.48 17.84 0.46
C ASP D 299 -19.88 19.15 -0.07
N PRO D 300 -18.57 19.14 -0.40
CA PRO D 300 -17.92 20.37 -0.88
C PRO D 300 -18.40 20.85 -2.26
N ASP D 301 -18.95 19.94 -3.07
CA ASP D 301 -19.40 20.25 -4.43
C ASP D 301 -20.90 20.45 -4.57
N ASN D 302 -21.68 19.61 -3.91
CA ASN D 302 -23.12 19.76 -3.99
C ASN D 302 -23.64 20.37 -2.70
N PRO D 303 -23.84 21.69 -2.68
CA PRO D 303 -24.27 22.32 -1.43
C PRO D 303 -25.60 21.78 -0.92
N GLY D 304 -25.73 21.55 0.37
CA GLY D 304 -26.97 20.98 0.89
C GLY D 304 -26.96 19.47 0.91
N LEU D 305 -25.84 18.88 0.51
CA LEU D 305 -25.72 17.43 0.41
C LEU D 305 -24.54 16.95 1.24
N ILE D 306 -24.48 15.66 1.49
CA ILE D 306 -23.47 15.12 2.38
C ILE D 306 -22.72 13.97 1.74
N VAL D 307 -21.53 13.66 2.24
CA VAL D 307 -20.77 12.50 1.78
C VAL D 307 -20.12 11.81 2.97
N GLN D 308 -19.77 10.54 2.82
CA GLN D 308 -19.07 9.81 3.86
C GLN D 308 -17.81 10.57 4.26
N GLY D 309 -17.49 10.53 5.55
CA GLY D 309 -16.29 11.18 6.10
C GLY D 309 -15.45 10.29 6.99
N LYS D 310 -14.51 10.91 7.73
CA LYS D 310 -13.65 10.23 8.71
C LYS D 310 -14.48 9.34 9.61
N ALA D 311 -13.97 8.14 9.85
CA ALA D 311 -14.57 7.24 10.81
C ALA D 311 -14.60 7.90 12.19
N GLY D 312 -15.76 7.89 12.81
CA GLY D 312 -15.94 8.40 14.17
C GLY D 312 -16.07 9.91 14.34
N VAL D 313 -16.14 10.64 13.23
CA VAL D 313 -16.23 12.11 13.28
C VAL D 313 -17.63 12.59 13.67
N ALA D 314 -18.65 11.87 13.21
CA ALA D 314 -20.02 12.22 13.55
C ALA D 314 -20.88 10.97 13.59
N SER D 315 -20.60 10.09 14.54
CA SER D 315 -21.34 8.84 14.59
C SER D 315 -22.70 9.01 15.25
N CYS D 316 -23.74 8.47 14.63
CA CYS D 316 -25.04 8.40 15.26
C CYS D 316 -25.72 7.03 15.14
N PHE D 317 -25.16 6.14 14.33
CA PHE D 317 -25.84 4.88 14.07
C PHE D 317 -25.53 3.89 15.18
N THR D 318 -26.07 4.16 16.37
CA THR D 318 -25.79 3.38 17.56
C THR D 318 -27.01 3.28 18.43
N ALA D 319 -27.00 2.31 19.34
CA ALA D 319 -28.03 2.21 20.37
C ALA D 319 -28.29 3.57 21.03
N ASP D 320 -27.21 4.27 21.41
CA ASP D 320 -27.32 5.63 21.96
C ASP D 320 -28.07 6.60 21.05
N GLY D 321 -27.67 6.64 19.79
CA GLY D 321 -28.32 7.46 18.77
C GLY D 321 -29.79 7.13 18.61
N TRP D 322 -30.10 5.84 18.60
CA TRP D 322 -31.49 5.41 18.50
C TRP D 322 -32.30 5.96 19.64
N GLU D 323 -31.75 5.85 20.85
CA GLU D 323 -32.44 6.27 22.07
C GLU D 323 -32.48 7.79 22.24
N ASP D 324 -31.57 8.49 21.57
CA ASP D 324 -31.42 9.95 21.72
C ASP D 324 -32.49 10.83 21.02
N ASP D 325 -33.73 10.75 21.51
CA ASP D 325 -34.83 11.57 21.02
C ASP D 325 -34.60 13.06 21.25
N THR D 326 -33.78 13.35 22.25
CA THR D 326 -33.59 14.70 22.73
C THR D 326 -32.70 15.51 21.78
N HIS D 327 -31.62 14.88 21.33
CA HIS D 327 -30.67 15.55 20.40
C HIS D 327 -30.95 15.29 18.94
N LEU D 328 -31.58 14.15 18.65
CA LEU D 328 -31.80 13.71 17.28
C LEU D 328 -33.26 13.38 17.02
N THR D 329 -34.09 14.42 16.85
CA THR D 329 -35.50 14.21 16.55
C THR D 329 -35.70 14.38 15.05
N ILE D 330 -36.61 13.59 14.48
CA ILE D 330 -36.96 13.71 13.08
C ILE D 330 -37.70 15.03 12.85
N GLU D 331 -37.17 15.83 11.94
CA GLU D 331 -37.75 17.11 11.61
C GLU D 331 -37.89 17.24 10.08
N HIS D 332 -39.04 17.78 9.65
CA HIS D 332 -39.32 17.99 8.23
C HIS D 332 -38.70 19.28 7.77
N ILE D 333 -38.04 19.24 6.61
CA ILE D 333 -37.44 20.45 6.05
C ILE D 333 -38.52 21.34 5.45
N ALA D 334 -39.20 20.90 4.41
CA ALA D 334 -40.41 21.59 4.00
C ALA D 334 -41.48 21.21 5.02
N PRO D 335 -42.06 22.23 5.68
CA PRO D 335 -43.19 22.03 6.59
C PRO D 335 -44.24 21.02 6.08
N GLN D 336 -44.88 20.30 7.01
CA GLN D 336 -45.89 19.32 6.65
C GLN D 336 -47.10 19.91 5.93
N SER D 337 -47.34 21.20 6.10
CA SER D 337 -48.49 21.85 5.47
C SER D 337 -48.05 23.09 4.69
N ALA D 338 -48.88 23.50 3.74
CA ALA D 338 -48.61 24.71 2.96
C ALA D 338 -48.41 25.90 3.89
N THR D 339 -47.22 26.50 3.82
CA THR D 339 -46.83 27.66 4.63
C THR D 339 -46.04 28.59 3.75
N SER D 340 -46.07 29.89 4.07
CA SER D 340 -45.35 30.86 3.25
C SER D 340 -43.84 30.69 3.42
N GLY D 341 -43.08 31.29 2.50
CA GLY D 341 -41.63 31.15 2.48
C GLY D 341 -41.22 29.86 1.80
N TRP D 342 -42.22 29.17 1.23
CA TRP D 342 -41.99 27.85 0.66
C TRP D 342 -42.61 27.59 -0.69
N ASP D 343 -41.89 26.89 -1.57
CA ASP D 343 -42.41 26.61 -2.91
C ASP D 343 -43.60 25.64 -2.93
N ALA D 344 -44.65 26.02 -3.65
CA ALA D 344 -45.92 25.27 -3.64
C ALA D 344 -45.82 23.88 -4.28
N GLU D 345 -44.76 23.69 -5.07
CA GLU D 345 -44.37 22.40 -5.63
C GLU D 345 -44.48 21.26 -4.61
N PHE D 346 -44.02 21.52 -3.39
CA PHE D 346 -43.98 20.56 -2.28
C PHE D 346 -45.35 20.01 -1.85
N TYR D 347 -46.43 20.64 -2.29
CA TYR D 347 -47.76 20.27 -1.82
C TYR D 347 -48.68 19.83 -2.94
N SER D 348 -48.09 19.65 -4.13
CA SER D 348 -48.77 18.99 -5.24
C SER D 348 -49.23 17.62 -4.77
N ASP D 349 -48.28 16.83 -4.28
CA ASP D 349 -48.59 15.52 -3.74
C ASP D 349 -48.45 15.52 -2.21
N LYS D 350 -49.56 15.21 -1.54
CA LYS D 350 -49.60 15.13 -0.08
C LYS D 350 -48.52 14.23 0.53
N GLU D 351 -47.89 13.41 -0.30
CA GLU D 351 -46.88 12.46 0.17
C GLU D 351 -45.46 13.02 0.11
N THR D 352 -45.28 14.08 -0.68
CA THR D 352 -43.95 14.64 -0.96
C THR D 352 -43.15 14.96 0.30
N VAL D 353 -43.75 15.76 1.18
CA VAL D 353 -43.13 16.19 2.44
C VAL D 353 -42.63 15.06 3.34
N HIS D 354 -43.14 13.83 3.13
CA HIS D 354 -42.84 12.69 3.99
C HIS D 354 -41.84 11.69 3.48
N LYS D 355 -41.16 12.04 2.39
CA LYS D 355 -40.16 11.16 1.80
C LYS D 355 -38.82 11.46 2.43
N LEU D 356 -37.92 10.48 2.42
CA LEU D 356 -36.69 10.56 3.20
C LEU D 356 -35.92 11.86 3.01
N GLY D 357 -35.81 12.30 1.76
CA GLY D 357 -35.05 13.49 1.41
C GLY D 357 -35.44 14.77 2.12
N ASN D 358 -36.67 14.82 2.64
CA ASN D 358 -37.18 15.99 3.35
C ASN D 358 -36.96 15.93 4.86
N LEU D 359 -36.31 14.87 5.33
CA LEU D 359 -36.17 14.68 6.76
C LEU D 359 -34.75 14.94 7.24
N VAL D 360 -34.65 15.68 8.35
CA VAL D 360 -33.40 15.87 9.09
C VAL D 360 -33.55 15.40 10.53
N LEU D 361 -32.42 15.11 11.17
CA LEU D 361 -32.36 14.89 12.61
C LEU D 361 -31.88 16.17 13.27
N ALA D 362 -32.69 16.75 14.16
CA ALA D 362 -32.33 17.96 14.88
C ALA D 362 -32.79 17.88 16.35
N PRO D 363 -32.21 18.69 17.24
CA PRO D 363 -32.67 18.69 18.63
C PRO D 363 -34.16 19.02 18.76
N GLY D 364 -34.89 18.18 19.49
CA GLY D 364 -36.34 18.29 19.62
C GLY D 364 -36.86 19.58 20.22
N ALA D 365 -36.09 20.17 21.14
CA ALA D 365 -36.50 21.40 21.80
C ALA D 365 -36.64 22.58 20.83
N ALA D 366 -35.77 22.60 19.82
CA ALA D 366 -35.72 23.72 18.89
C ALA D 366 -37.02 23.81 18.11
N ASN D 367 -37.76 22.72 18.09
CA ASN D 367 -38.97 22.64 17.31
C ASN D 367 -39.84 23.89 17.38
N ALA D 368 -39.88 24.51 18.56
CA ALA D 368 -40.66 25.72 18.77
C ALA D 368 -40.20 26.87 17.87
N SER D 369 -38.95 26.80 17.42
CA SER D 369 -38.38 27.87 16.60
C SER D 369 -38.38 27.51 15.12
N LEU D 370 -38.46 26.22 14.82
CA LEU D 370 -38.39 25.72 13.45
C LEU D 370 -39.76 25.62 12.80
N SER D 371 -40.77 25.34 13.63
CA SER D 371 -42.11 25.06 13.16
C SER D 371 -42.66 26.09 12.17
N SER D 372 -43.09 25.61 10.99
CA SER D 372 -43.78 26.42 9.97
C SER D 372 -43.10 27.74 9.58
N ARG D 373 -41.78 27.78 9.66
CA ARG D 373 -41.06 29.00 9.30
C ARG D 373 -40.58 28.94 7.85
N PRO D 374 -40.54 30.08 7.16
CA PRO D 374 -39.94 30.21 5.83
C PRO D 374 -38.56 29.58 5.78
N TRP D 375 -38.16 29.08 4.61
CA TRP D 375 -36.83 28.45 4.50
C TRP D 375 -35.74 29.40 4.84
N THR D 376 -35.93 30.66 4.43
CA THR D 376 -34.95 31.70 4.66
C THR D 376 -34.45 31.70 6.11
N GLU D 377 -35.38 31.44 7.03
CA GLU D 377 -35.10 31.33 8.46
C GLU D 377 -34.57 29.95 8.85
N LYS D 378 -35.30 28.91 8.48
CA LYS D 378 -34.86 27.54 8.74
C LYS D 378 -33.40 27.32 8.34
N LYS D 379 -32.96 28.02 7.30
CA LYS D 379 -31.57 27.93 6.84
C LYS D 379 -30.58 28.40 7.91
N VAL D 380 -30.90 29.51 8.56
CA VAL D 380 -30.05 30.07 9.60
C VAL D 380 -30.05 29.13 10.81
N LEU D 381 -31.27 28.72 11.21
CA LEU D 381 -31.46 27.80 12.32
C LEU D 381 -30.64 26.53 12.17
N TYR D 382 -30.73 25.88 11.01
CA TYR D 382 -29.95 24.66 10.76
C TYR D 382 -28.45 24.96 10.81
N ALA D 383 -28.04 26.08 10.22
CA ALA D 383 -26.63 26.45 10.19
C ALA D 383 -26.10 26.60 11.62
N ALA D 384 -26.93 27.24 12.45
CA ALA D 384 -26.65 27.47 13.85
C ALA D 384 -26.67 26.18 14.70
N LEU D 385 -27.77 25.43 14.61
CA LEU D 385 -27.94 24.17 15.35
C LEU D 385 -26.92 23.09 15.01
N GLY D 386 -26.23 23.26 13.89
CA GLY D 386 -25.24 22.29 13.41
C GLY D 386 -23.82 22.76 13.60
N ALA D 387 -23.67 23.89 14.29
CA ALA D 387 -22.37 24.53 14.51
C ALA D 387 -21.48 23.73 15.46
N SER D 388 -20.17 23.95 15.34
CA SER D 388 -19.17 23.20 16.11
C SER D 388 -19.08 23.63 17.57
N THR D 389 -19.25 24.92 17.82
CA THR D 389 -19.27 25.46 19.16
C THR D 389 -20.52 26.29 19.28
N ALA D 390 -20.97 26.55 20.50
CA ALA D 390 -22.12 27.40 20.70
C ALA D 390 -21.81 28.87 20.41
N ASP D 391 -20.52 29.20 20.35
CA ASP D 391 -20.09 30.56 20.01
C ASP D 391 -20.41 30.86 18.55
N ASP D 392 -20.13 29.90 17.68
CA ASP D 392 -20.46 29.99 16.26
C ASP D 392 -21.97 30.08 16.06
N ALA D 393 -22.73 29.32 16.85
CA ALA D 393 -24.19 29.39 16.81
C ALA D 393 -24.69 30.80 17.16
N LYS D 394 -24.11 31.39 18.21
CA LYS D 394 -24.38 32.79 18.56
C LYS D 394 -24.03 33.71 17.39
N SER D 395 -22.78 33.60 16.94
CA SER D 395 -22.27 34.29 15.77
C SER D 395 -23.25 34.23 14.58
N ILE D 396 -23.78 33.04 14.30
CA ILE D 396 -24.72 32.85 13.19
C ILE D 396 -26.11 33.44 13.45
N LEU D 397 -26.68 33.15 14.62
CA LEU D 397 -28.03 33.61 14.96
C LEU D 397 -28.14 35.14 15.01
N ASN D 398 -27.21 35.76 15.72
CA ASN D 398 -27.14 37.22 15.80
C ASN D 398 -26.82 37.86 14.45
N SER D 399 -25.91 37.24 13.71
CA SER D 399 -25.47 37.78 12.44
C SER D 399 -26.69 37.95 11.58
N SER D 400 -27.59 36.99 11.66
CA SER D 400 -28.83 37.09 10.92
C SER D 400 -29.75 38.12 11.56
N GLY D 401 -30.61 38.73 10.74
CA GLY D 401 -31.56 39.71 11.24
C GLY D 401 -32.65 39.16 12.14
N PHE D 402 -33.03 37.90 11.91
CA PHE D 402 -34.24 37.33 12.51
C PHE D 402 -34.24 37.24 14.02
N THR D 403 -35.45 37.29 14.58
CA THR D 403 -35.70 36.99 15.98
C THR D 403 -36.63 35.77 16.06
N PHE D 404 -36.12 34.67 16.61
CA PHE D 404 -36.87 33.40 16.68
C PHE D 404 -37.66 33.26 17.96
N ALA D 405 -38.47 32.21 18.04
CA ALA D 405 -39.35 31.97 19.19
C ALA D 405 -38.58 31.76 20.48
N GLN D 406 -37.32 31.34 20.35
CA GLN D 406 -36.45 31.10 21.50
C GLN D 406 -35.28 32.07 21.46
N THR D 407 -34.68 32.34 22.62
CA THR D 407 -33.57 33.29 22.75
C THR D 407 -32.35 32.78 21.98
N THR D 408 -31.47 33.68 21.55
CA THR D 408 -30.21 33.28 20.93
C THR D 408 -29.45 32.36 21.88
N GLU D 409 -29.37 32.78 23.14
CA GLU D 409 -28.68 32.07 24.21
C GLU D 409 -29.17 30.62 24.29
N ASP D 410 -30.48 30.47 24.13
CA ASP D 410 -31.14 29.19 24.26
C ASP D 410 -30.80 28.23 23.13
N LEU D 411 -30.92 28.72 21.89
CA LEU D 411 -30.69 27.90 20.71
C LEU D 411 -29.22 27.51 20.57
N ALA D 412 -28.32 28.46 20.86
CA ALA D 412 -26.89 28.16 20.89
C ALA D 412 -26.58 26.95 21.78
N ALA D 413 -27.33 26.83 22.88
CA ALA D 413 -27.12 25.74 23.84
C ALA D 413 -27.39 24.38 23.18
N MET D 414 -28.23 24.40 22.15
CA MET D 414 -28.66 23.21 21.45
C MET D 414 -27.72 22.84 20.30
N SER D 415 -26.71 23.67 20.09
CA SER D 415 -25.73 23.46 19.03
C SER D 415 -25.10 22.11 19.17
N ARG D 416 -24.87 21.47 18.03
CA ARG D 416 -24.07 20.27 18.00
C ARG D 416 -23.46 20.15 16.64
N TYR D 417 -22.33 19.45 16.53
CA TYR D 417 -21.77 19.15 15.21
C TYR D 417 -22.63 18.14 14.44
N LEU D 418 -23.35 18.64 13.44
CA LEU D 418 -24.19 17.80 12.58
C LEU D 418 -24.11 18.22 11.11
N PRO D 419 -23.17 17.61 10.36
CA PRO D 419 -22.88 17.95 8.97
C PRO D 419 -24.12 18.15 8.09
N HIS D 420 -25.07 17.22 8.15
CA HIS D 420 -26.26 17.32 7.31
C HIS D 420 -27.00 18.61 7.55
N LEU D 421 -26.89 19.13 8.77
CA LEU D 421 -27.47 20.44 9.10
C LEU D 421 -26.58 21.57 8.63
N ARG D 422 -25.27 21.44 8.83
CA ARG D 422 -24.31 22.42 8.34
C ARG D 422 -24.45 22.57 6.83
N ALA D 423 -24.44 21.43 6.15
CA ALA D 423 -24.65 21.35 4.70
C ALA D 423 -25.85 22.15 4.22
N LEU D 424 -27.04 21.88 4.78
CA LEU D 424 -28.27 22.60 4.40
C LEU D 424 -28.18 24.11 4.65
N GLY D 425 -27.41 24.49 5.67
CA GLY D 425 -27.22 25.89 6.02
C GLY D 425 -26.41 26.65 4.99
N GLN D 426 -25.59 25.92 4.25
CA GLN D 426 -24.72 26.50 3.22
C GLN D 426 -25.42 26.60 1.86
N ARG D 427 -26.57 25.94 1.72
CA ARG D 427 -27.25 25.91 0.43
C ARG D 427 -27.82 27.27 0.04
N GLU D 428 -27.26 27.85 -1.01
CA GLU D 428 -27.71 29.16 -1.45
C GLU D 428 -28.93 29.08 -2.38
N ASP D 429 -28.98 28.05 -3.22
CA ASP D 429 -30.11 27.83 -4.15
C ASP D 429 -31.41 27.46 -3.42
N GLU D 430 -32.54 27.93 -3.96
CA GLU D 430 -33.85 27.65 -3.36
C GLU D 430 -34.13 26.14 -3.35
N LEU D 431 -34.98 25.73 -2.42
CA LEU D 431 -35.34 24.34 -2.26
C LEU D 431 -36.62 24.01 -3.01
N ASP D 432 -36.54 22.93 -3.79
CA ASP D 432 -37.66 22.34 -4.50
C ASP D 432 -37.68 20.80 -4.34
N PRO D 433 -38.83 20.14 -4.62
CA PRO D 433 -38.94 18.68 -4.60
C PRO D 433 -37.88 17.95 -5.41
N ALA D 434 -37.38 18.57 -6.49
CA ALA D 434 -36.26 18.00 -7.23
C ALA D 434 -35.05 17.84 -6.31
N PHE D 435 -34.74 18.87 -5.52
CA PHE D 435 -33.59 18.80 -4.61
C PHE D 435 -33.74 17.72 -3.53
N MET D 436 -34.95 17.59 -2.97
CA MET D 436 -35.20 16.58 -1.94
C MET D 436 -35.06 15.17 -2.51
N ASP D 437 -35.47 14.98 -3.77
CA ASP D 437 -35.24 13.73 -4.47
C ASP D 437 -33.76 13.39 -4.61
N GLN D 438 -32.93 14.40 -4.91
CA GLN D 438 -31.48 14.21 -4.96
C GLN D 438 -31.00 13.84 -3.56
N ARG D 439 -31.56 14.53 -2.57
CA ARG D 439 -31.20 14.30 -1.20
C ARG D 439 -31.52 12.87 -0.79
N ALA D 440 -32.75 12.43 -1.04
CA ALA D 440 -33.17 11.07 -0.80
C ALA D 440 -32.24 10.04 -1.44
N ASP D 441 -31.82 10.31 -2.67
CA ASP D 441 -30.91 9.42 -3.36
C ASP D 441 -29.62 9.26 -2.56
N VAL D 442 -29.02 10.39 -2.19
CA VAL D 442 -27.76 10.41 -1.45
C VAL D 442 -27.92 9.63 -0.14
N LEU D 443 -29.01 9.93 0.56
CA LEU D 443 -29.29 9.33 1.85
C LEU D 443 -29.50 7.82 1.75
N LEU D 444 -30.37 7.38 0.84
CA LEU D 444 -30.67 5.95 0.68
C LEU D 444 -29.46 5.13 0.27
N ARG D 445 -28.55 5.76 -0.47
CA ARG D 445 -27.29 5.13 -0.84
C ARG D 445 -26.41 4.88 0.37
N LEU D 446 -26.25 5.91 1.20
CA LEU D 446 -25.45 5.81 2.42
C LEU D 446 -26.03 4.78 3.39
N ALA D 447 -27.35 4.79 3.52
CA ALA D 447 -28.04 3.78 4.31
C ALA D 447 -27.71 2.39 3.78
N TYR D 448 -27.92 2.20 2.48
CA TYR D 448 -27.61 0.93 1.84
C TYR D 448 -26.18 0.52 2.12
N THR D 449 -25.25 1.45 1.96
CA THR D 449 -23.84 1.16 2.18
C THR D 449 -23.58 0.65 3.60
N ARG D 450 -24.42 1.08 4.53
CA ARG D 450 -24.19 0.78 5.93
C ARG D 450 -24.83 -0.53 6.37
N LEU D 451 -26.04 -0.79 5.89
CA LEU D 451 -26.78 -2.03 6.19
C LEU D 451 -26.42 -3.21 5.31
N LYS D 452 -25.82 -2.92 4.16
CA LYS D 452 -25.48 -3.90 3.14
C LYS D 452 -24.76 -5.12 3.72
N GLY D 453 -23.70 -4.87 4.50
CA GLY D 453 -22.91 -5.93 5.12
C GLY D 453 -23.71 -6.84 6.02
N TRP D 454 -24.74 -6.31 6.66
CA TRP D 454 -25.57 -7.07 7.59
C TRP D 454 -26.25 -8.24 6.95
N LEU D 455 -26.50 -8.12 5.64
CA LEU D 455 -27.33 -9.07 4.91
C LEU D 455 -26.53 -9.87 3.86
N GLY D 456 -25.30 -9.44 3.61
CA GLY D 456 -24.46 -10.04 2.57
C GLY D 456 -24.84 -9.55 1.19
N LEU D 457 -25.62 -8.47 1.16
CA LEU D 457 -26.06 -7.86 -0.09
C LEU D 457 -24.92 -7.27 -0.89
N GLU D 458 -25.14 -7.24 -2.20
CA GLU D 458 -24.26 -6.63 -3.18
C GLU D 458 -25.10 -6.50 -4.43
N LEU D 459 -26.08 -5.60 -4.37
CA LEU D 459 -26.93 -5.33 -5.50
C LEU D 459 -26.10 -4.64 -6.54
N SER D 460 -26.33 -4.95 -7.81
CA SER D 460 -25.55 -4.31 -8.83
C SER D 460 -25.91 -2.85 -8.81
N ASP D 461 -24.90 -1.99 -8.87
CA ASP D 461 -25.13 -0.64 -9.32
C ASP D 461 -24.28 -0.52 -10.54
N SER D 462 -24.94 -0.42 -11.68
CA SER D 462 -24.25 -0.32 -12.93
C SER D 462 -24.30 1.14 -13.25
N SER D 463 -24.74 1.97 -12.27
CA SER D 463 -25.22 3.29 -12.58
C SER D 463 -26.12 3.27 -13.81
N SER D 464 -27.09 2.38 -13.81
CA SER D 464 -27.93 2.18 -15.02
C SER D 464 -27.21 1.20 -15.94
N ASP D 465 -26.02 0.77 -15.56
CA ASP D 465 -25.25 0.01 -16.51
C ASP D 465 -25.92 -1.33 -16.55
N PRO D 466 -26.58 -1.66 -17.67
CA PRO D 466 -27.36 -2.90 -17.79
C PRO D 466 -28.37 -3.04 -16.64
N VAL D 467 -29.11 -1.95 -16.35
CA VAL D 467 -30.02 -1.94 -15.18
C VAL D 467 -31.53 -1.77 -15.35
N VAL D 468 -32.25 -2.85 -15.21
CA VAL D 468 -33.67 -2.78 -15.22
C VAL D 468 -34.04 -2.04 -13.94
N LYS D 469 -34.94 -1.08 -14.03
CA LYS D 469 -35.48 -0.49 -12.81
C LYS D 469 -36.80 -1.18 -12.61
N VAL D 470 -36.83 -2.11 -11.66
CA VAL D 470 -37.92 -3.05 -11.53
C VAL D 470 -38.84 -2.75 -10.37
N ASP D 471 -40.14 -2.82 -10.62
CA ASP D 471 -41.17 -2.67 -9.60
C ASP D 471 -41.48 -4.01 -8.95
N ASP D 472 -41.94 -3.99 -7.70
CA ASP D 472 -42.38 -5.23 -7.04
C ASP D 472 -43.68 -5.67 -7.70
N VAL D 473 -44.01 -6.97 -7.65
CA VAL D 473 -44.90 -7.52 -8.72
C VAL D 473 -46.24 -7.88 -8.08
N GLU D 474 -47.36 -7.37 -8.57
CA GLU D 474 -48.58 -7.26 -7.73
C GLU D 474 -48.79 -8.35 -6.69
#